data_2BCY
# 
_entry.id   2BCY 
# 
_audit_conform.dict_name       mmcif_pdbx.dic 
_audit_conform.dict_version    5.376 
_audit_conform.dict_location   http://mmcif.pdb.org/dictionaries/ascii/mmcif_pdbx.dic 
# 
loop_
_database_2.database_id 
_database_2.database_code 
_database_2.pdbx_database_accession 
_database_2.pdbx_DOI 
PDB   2BCY         pdb_00002bcy 10.2210/pdb2bcy/pdb 
NDB   UR0074       ?            ?                   
RCSB  RCSB034947   ?            ?                   
WWPDB D_1000034947 ?            ?                   
# 
loop_
_pdbx_database_related.db_name 
_pdbx_database_related.db_id 
_pdbx_database_related.details 
_pdbx_database_related.content_type 
PDB 1ZFR 'native hairpin ribozyme, 2.05 angstrom resolution' unspecified 
PDB 1ZFV 'G8A mutant hairpin ribozyme'                       unspecified 
PDB 1ZFT 
;G8I (A-1 2'Omethyl) mutant hairpin ribozyme
;
unspecified 
PDB 1ZFX 'G8U mutant hairpin ribozyme'                       unspecified 
PDB 2BB1 'G8DAP mutant hairpin ribozyme'                     unspecified 
PDB 2BCZ .                                                   unspecified 
# 
_pdbx_database_status.status_code                     REL 
_pdbx_database_status.entry_id                        2BCY 
_pdbx_database_status.recvd_initial_deposition_date   2005-10-19 
_pdbx_database_status.deposit_site                    RCSB 
_pdbx_database_status.process_site                    RCSB 
_pdbx_database_status.status_code_sf                  REL 
_pdbx_database_status.status_code_mr                  ? 
_pdbx_database_status.SG_entry                        ? 
_pdbx_database_status.pdb_format_compatible           Y 
_pdbx_database_status.status_code_cs                  ? 
_pdbx_database_status.status_code_nmr_data            ? 
_pdbx_database_status.methods_development_category    ? 
# 
loop_
_audit_author.name 
_audit_author.pdbx_ordinal 
'Salter, J.D.'   1 
'Wedekind, J.E.' 2 
# 
loop_
_citation.id 
_citation.title 
_citation.journal_abbrev 
_citation.journal_volume 
_citation.page_first 
_citation.page_last 
_citation.year 
_citation.journal_id_ASTM 
_citation.country 
_citation.journal_id_ISSN 
_citation.journal_id_CSD 
_citation.book_publisher 
_citation.pdbx_database_id_PubMed 
_citation.pdbx_database_id_DOI 
primary 
'Water in the Active Site of an All-RNA Hairpin Ribozyme and Effects of Gua8 Base Variants on the Geometry of Phosphoryl Transfer.' 
Biochemistry 45 686 700 2006 BICHAW US 0006-2960 0033 ? 16411744 10.1021/bi051887k 
1       
;Conformational Heterogeneity at Position U37 of an all-RNA Hairpin Ribozyme with Implications for Metal Binding and the Catalytic Structure of the S-Turn
;
Biochemistry ?  ?   ?   2005 BICHAW US 0006-2960 0033 ? ?        ?                 
# 
loop_
_citation_author.citation_id 
_citation_author.name 
_citation_author.ordinal 
_citation_author.identifier_ORCID 
primary 'Salter, J.D.'    1  ? 
primary 'Krucinska, J.'   2  ? 
primary 'Alam, S.'        3  ? 
primary 'Grum-Tokars, V.' 4  ? 
primary 'Wedekind, J.E.'  5  ? 
1       'Alam, S.'        6  ? 
1       'Grum-Tokars, V.' 7  ? 
1       'Krucinska, J.'   8  ? 
1       'Kundracik, M.L.' 9  ? 
1       'Wedekind, J.E.'  10 ? 
# 
_cell.entry_id           2BCY 
_cell.length_a           93.900 
_cell.length_b           93.900 
_cell.length_c           129.180 
_cell.angle_alpha        90.00 
_cell.angle_beta         90.00 
_cell.angle_gamma        120.00 
_cell.Z_PDB              12 
_cell.pdbx_unique_axis   ? 
# 
_symmetry.entry_id                         2BCY 
_symmetry.space_group_name_H-M             'P 61 2 2' 
_symmetry.pdbx_full_space_group_name_H-M   ? 
_symmetry.cell_setting                     ? 
_symmetry.Int_Tables_number                178 
_symmetry.space_group_name_Hall            ? 
# 
loop_
_entity.id 
_entity.type 
_entity.src_method 
_entity.pdbx_description 
_entity.formula_weight 
_entity.pdbx_number_of_molecules 
_entity.pdbx_ec 
_entity.pdbx_mutation 
_entity.pdbx_fragment 
_entity.details 
1 polymer     syn "5'-R(*UP*CP*CP*CP*AP*GP*UP*CP*CP*AP*CP*CP*G)-3'"                   4052.470 1  ? ?         ? ? 
2 polymer     syn "5'-R(*CP*GP*GP*UP*GP*AP*(MTU)P*AP*AP*GP*GP*G)-3'"                  3954.448 1  ? 'G8(MTU)' ? ? 
3 polymer     syn "5'-R(*GP*GP*CP*AP*GP*AP*GP*AP*AP*AP*CP*AP*CP*AP*CP*GP*A)-3'"       5535.445 1  ? ?         ? ? 
4 polymer     syn "5'-R(*UP*CP*GP*UP*GP*GP*UP*AP*CP*AP*UP*UP*AP*CP*CP*UP*GP*CP*C)-3'" 5991.568 1  ? U39C      ? ? 
5 non-polymer syn 'COBALT HEXAMMINE(III)'                                             161.116  1  ? ?         ? ? 
6 water       nat water                                                               18.015   11 ? ?         ? ? 
# 
loop_
_entity_poly.entity_id 
_entity_poly.type 
_entity_poly.nstd_linkage 
_entity_poly.nstd_monomer 
_entity_poly.pdbx_seq_one_letter_code 
_entity_poly.pdbx_seq_one_letter_code_can 
_entity_poly.pdbx_strand_id 
_entity_poly.pdbx_target_identifier 
1 polyribonucleotide no no  UCCCAGUCCACCG       UCCCAGUCCACCG       A ? 
2 polyribonucleotide no yes 'CGGUGA(MTU)AAGGG'  CGGUGAAAAGGG        B ? 
3 polyribonucleotide no no  GGCAGAGAAACACACGA   GGCAGAGAAACACACGA   C ? 
4 polyribonucleotide no no  UCGUGGUACAUUACCUGCC UCGUGGUACAUUACCUGCC D ? 
# 
loop_
_entity_poly_seq.entity_id 
_entity_poly_seq.num 
_entity_poly_seq.mon_id 
_entity_poly_seq.hetero 
1 1  U   n 
1 2  C   n 
1 3  C   n 
1 4  C   n 
1 5  A   n 
1 6  G   n 
1 7  U   n 
1 8  C   n 
1 9  C   n 
1 10 A   n 
1 11 C   n 
1 12 C   n 
1 13 G   n 
2 1  C   n 
2 2  G   n 
2 3  G   n 
2 4  U   n 
2 5  G   n 
2 6  A   n 
2 7  MTU n 
2 8  A   n 
2 9  A   n 
2 10 G   n 
2 11 G   n 
2 12 G   n 
3 1  G   n 
3 2  G   n 
3 3  C   n 
3 4  A   n 
3 5  G   n 
3 6  A   n 
3 7  G   n 
3 8  A   n 
3 9  A   n 
3 10 A   n 
3 11 C   n 
3 12 A   n 
3 13 C   n 
3 14 A   n 
3 15 C   n 
3 16 G   n 
3 17 A   n 
4 1  U   n 
4 2  C   n 
4 3  G   n 
4 4  U   n 
4 5  G   n 
4 6  G   n 
4 7  U   n 
4 8  A   n 
4 9  C   n 
4 10 A   n 
4 11 U   n 
4 12 U   n 
4 13 A   n 
4 14 C   n 
4 15 C   n 
4 16 U   n 
4 17 G   n 
4 18 C   n 
4 19 C   n 
# 
loop_
_struct_ref.id 
_struct_ref.entity_id 
_struct_ref.db_name 
_struct_ref.db_code 
_struct_ref.pdbx_db_accession 
_struct_ref.pdbx_db_isoform 
_struct_ref.pdbx_seq_one_letter_code 
_struct_ref.pdbx_align_begin 
1 1 PDB 2BCY 2BCY ? ? ? 
2 2 PDB 2BCY 2BCY ? ? ? 
3 3 PDB 2BCY 2BCY ? ? ? 
4 4 PDB 2BCY 2BCY ? ? ? 
# 
loop_
_struct_ref_seq.align_id 
_struct_ref_seq.ref_id 
_struct_ref_seq.pdbx_PDB_id_code 
_struct_ref_seq.pdbx_strand_id 
_struct_ref_seq.seq_align_beg 
_struct_ref_seq.pdbx_seq_align_beg_ins_code 
_struct_ref_seq.seq_align_end 
_struct_ref_seq.pdbx_seq_align_end_ins_code 
_struct_ref_seq.pdbx_db_accession 
_struct_ref_seq.db_align_beg 
_struct_ref_seq.pdbx_db_align_beg_ins_code 
_struct_ref_seq.db_align_end 
_struct_ref_seq.pdbx_db_align_end_ins_code 
_struct_ref_seq.pdbx_auth_seq_align_beg 
_struct_ref_seq.pdbx_auth_seq_align_end 
1 1 2BCY A 1 ? 13 ? 2BCY 1  ? 13 ? 1  13 
2 2 2BCY B 1 ? 12 ? 2BCY 2  ? 13 ? 2  13 
3 3 2BCY C 1 ? 17 ? 2BCY 15 ? 31 ? 15 31 
4 4 2BCY D 1 ? 19 ? 2BCY 31 ? 49 ? 31 49 
# 
loop_
_chem_comp.id 
_chem_comp.type 
_chem_comp.mon_nstd_flag 
_chem_comp.name 
_chem_comp.pdbx_synonyms 
_chem_comp.formula 
_chem_comp.formula_weight 
A   'RNA linking' y "ADENOSINE-5'-MONOPHOSPHATE"            ? 'C10 H14 N5 O7 P' 347.221 
C   'RNA linking' y "CYTIDINE-5'-MONOPHOSPHATE"             ? 'C9 H14 N3 O8 P'  323.197 
G   'RNA linking' y "GUANOSINE-5'-MONOPHOSPHATE"            ? 'C10 H14 N5 O8 P' 363.221 
HOH non-polymer   . WATER                                   ? 'H2 O'            18.015  
MTU 'RNA linking' n 9-BETA-D-RIBOFURANOSYL-9H-PURIN-2-AMINE ? 'C10 H14 N5 O7 P' 347.221 
NCO non-polymer   . 'COBALT HEXAMMINE(III)'                 ? 'Co H18 N6 3'     161.116 
U   'RNA linking' y "URIDINE-5'-MONOPHOSPHATE"              ? 'C9 H13 N2 O9 P'  324.181 
# 
_exptl.entry_id          2BCY 
_exptl.method            'X-RAY DIFFRACTION' 
_exptl.crystals_number   1 
# 
_exptl_crystal.id                    1 
_exptl_crystal.density_meas          ? 
_exptl_crystal.density_Matthews      4.21 
_exptl_crystal.density_percent_sol   70.77 
_exptl_crystal.description           ? 
_exptl_crystal.F_000                 ? 
_exptl_crystal.preparation           ? 
# 
_exptl_crystal_grow.crystal_id      1 
_exptl_crystal_grow.method          'VAPOR DIFFUSION, HANGING DROP' 
_exptl_crystal_grow.temp            293 
_exptl_crystal_grow.temp_details    ? 
_exptl_crystal_grow.pH              8.8 
_exptl_crystal_grow.pdbx_details    
'PEG2000 MME, lithium sulfate, spermidine, cobalt hexamine, pH 8.8, VAPOR DIFFUSION, HANGING DROP, temperature 293K' 
_exptl_crystal_grow.pdbx_pH_range   . 
# 
loop_
_exptl_crystal_grow_comp.crystal_id 
_exptl_crystal_grow_comp.id 
_exptl_crystal_grow_comp.sol_id 
_exptl_crystal_grow_comp.name 
_exptl_crystal_grow_comp.volume 
_exptl_crystal_grow_comp.conc 
_exptl_crystal_grow_comp.details 
1 1 1 'PEG2000 MME'     ? ? ? 
1 2 1 'lithium sulfate' ? ? ? 
1 3 1 spermidine        ? ? ? 
1 4 1 'cobalt hexamine' ? ? ? 
1 5 1 H2O               ? ? ? 
1 6 2 'PEG2000 MME'     ? ? ? 
1 7 2 'lithium sulfate' ? ? ? 
1 8 2 'cobalt hexamine' ? ? ? 
# 
_diffrn.id                     1 
_diffrn.ambient_temp           83 
_diffrn.ambient_temp_details   ? 
_diffrn.crystal_id             1 
# 
_diffrn_detector.diffrn_id              1 
_diffrn_detector.detector               CCD 
_diffrn_detector.type                   'ADSC QUANTUM 210' 
_diffrn_detector.pdbx_collection_date   2005-05-05 
_diffrn_detector.details                ? 
# 
_diffrn_radiation.diffrn_id                        1 
_diffrn_radiation.wavelength_id                    1 
_diffrn_radiation.pdbx_monochromatic_or_laue_m_l   M 
_diffrn_radiation.monochromator                    
'bent triangular asymmetric cut si(111) monochromator, RH-coated si for vertical focussing' 
_diffrn_radiation.pdbx_diffrn_protocol             'SINGLE WAVELENGTH' 
_diffrn_radiation.pdbx_scattering_type             x-ray 
# 
_diffrn_radiation_wavelength.id           1 
_diffrn_radiation_wavelength.wavelength   0.9764 
_diffrn_radiation_wavelength.wt           1.0 
# 
_diffrn_source.diffrn_id                   1 
_diffrn_source.source                      SYNCHROTRON 
_diffrn_source.type                        'CHESS BEAMLINE A1' 
_diffrn_source.pdbx_synchrotron_site       CHESS 
_diffrn_source.pdbx_synchrotron_beamline   A1 
_diffrn_source.pdbx_wavelength             ? 
_diffrn_source.pdbx_wavelength_list        0.9764 
# 
_reflns.entry_id                     2BCY 
_reflns.observed_criterion_sigma_I   -3 
_reflns.observed_criterion_sigma_F   0 
_reflns.d_resolution_low             38.78 
_reflns.d_resolution_high            2.70 
_reflns.number_obs                   9556 
_reflns.number_all                   9556 
_reflns.percent_possible_obs         97.9 
_reflns.pdbx_Rmerge_I_obs            0.058 
_reflns.pdbx_Rsym_value              ? 
_reflns.pdbx_netI_over_sigmaI        14.7 
_reflns.B_iso_Wilson_estimate        97.4 
_reflns.pdbx_redundancy              6.90 
_reflns.R_free_details               ? 
_reflns.pdbx_chi_squared             ? 
_reflns.pdbx_scaling_rejects         ? 
_reflns.pdbx_diffrn_id               1 
_reflns.pdbx_ordinal                 1 
# 
_reflns_shell.d_res_high             2.70 
_reflns_shell.d_res_low              2.80 
_reflns_shell.percent_possible_all   99.9 
_reflns_shell.Rmerge_I_obs           0.457 
_reflns_shell.pdbx_Rsym_value        ? 
_reflns_shell.meanI_over_sigI_obs    4.0 
_reflns_shell.pdbx_redundancy        8.42 
_reflns_shell.percent_possible_obs   ? 
_reflns_shell.number_unique_all      ? 
_reflns_shell.number_measured_all    ? 
_reflns_shell.number_measured_obs    ? 
_reflns_shell.number_unique_obs      ? 
_reflns_shell.pdbx_chi_squared       ? 
_reflns_shell.pdbx_diffrn_id         ? 
_reflns_shell.pdbx_ordinal           1 
# 
_refine.entry_id                                 2BCY 
_refine.ls_number_reflns_obs                     9550 
_refine.ls_number_reflns_all                     9550 
_refine.pdbx_ls_sigma_I                          -3 
_refine.pdbx_ls_sigma_F                          0.0 
_refine.pdbx_data_cutoff_high_absF               624132.76 
_refine.pdbx_data_cutoff_low_absF                0.000000 
_refine.pdbx_data_cutoff_high_rms_absF           ? 
_refine.ls_d_res_low                             38.06 
_refine.ls_d_res_high                            2.70 
_refine.ls_percent_reflns_obs                    97.7 
_refine.ls_R_factor_obs                          0.244 
_refine.ls_R_factor_all                          0.245 
_refine.ls_R_factor_R_work                       0.244 
_refine.ls_R_factor_R_free                       0.27 
_refine.ls_R_factor_R_free_error                 0.011 
_refine.ls_R_factor_R_free_error_details         ? 
_refine.ls_percent_reflns_R_free                 6.3 
_refine.ls_number_reflns_R_free                  604 
_refine.ls_number_parameters                     ? 
_refine.ls_number_restraints                     ? 
_refine.occupancy_min                            ? 
_refine.occupancy_max                            ? 
_refine.correlation_coeff_Fo_to_Fc               ? 
_refine.correlation_coeff_Fo_to_Fc_free          ? 
_refine.B_iso_mean                               81.1 
_refine.aniso_B[1][1]                            -14.67 
_refine.aniso_B[2][2]                            -14.67 
_refine.aniso_B[3][3]                            29.33 
_refine.aniso_B[1][2]                            -6.63 
_refine.aniso_B[1][3]                            0.00 
_refine.aniso_B[2][3]                            0.00 
_refine.solvent_model_details                    'FLAT MODEL' 
_refine.solvent_model_param_ksol                 0.419586 
_refine.solvent_model_param_bsol                 117.497 
_refine.pdbx_solvent_vdw_probe_radii             ? 
_refine.pdbx_solvent_ion_probe_radii             ? 
_refine.pdbx_solvent_shrinkage_radii             ? 
_refine.pdbx_ls_cross_valid_method               THROUGHOUT 
_refine.details                                  ? 
_refine.pdbx_starting_model                      'pdb entry 1ZFR' 
_refine.pdbx_method_to_determine_struct          'FOURIER SYNTHESIS' 
_refine.pdbx_isotropic_thermal_model             RESTRAINED 
_refine.pdbx_stereochemistry_target_values       'CNS 1.1' 
_refine.pdbx_stereochem_target_val_spec_case     ? 
_refine.pdbx_R_Free_selection_details            RANDOM 
_refine.pdbx_overall_ESU_R                       ? 
_refine.pdbx_overall_ESU_R_Free                  ? 
_refine.overall_SU_ML                            ? 
_refine.overall_SU_B                             ? 
_refine.ls_redundancy_reflns_obs                 ? 
_refine.overall_SU_R_Cruickshank_DPI             ? 
_refine.overall_SU_R_free                        ? 
_refine.ls_wR_factor_R_free                      ? 
_refine.ls_wR_factor_R_work                      ? 
_refine.overall_FOM_free_R_set                   ? 
_refine.overall_FOM_work_R_set                   ? 
_refine.pdbx_refine_id                           'X-RAY DIFFRACTION' 
_refine.pdbx_diffrn_id                           1 
_refine.pdbx_TLS_residual_ADP_flag               ? 
_refine.pdbx_overall_phase_error                 ? 
_refine.pdbx_overall_SU_R_free_Cruickshank_DPI   ? 
_refine.pdbx_overall_SU_R_Blow_DPI               ? 
_refine.pdbx_overall_SU_R_free_Blow_DPI          ? 
# 
_refine_analyze.entry_id                        2BCY 
_refine_analyze.Luzzati_coordinate_error_obs    0.52 
_refine_analyze.Luzzati_sigma_a_obs             0.83 
_refine_analyze.Luzzati_d_res_low_obs           39.00 
_refine_analyze.Luzzati_coordinate_error_free   0.55 
_refine_analyze.Luzzati_sigma_a_free            0.89 
_refine_analyze.Luzzati_d_res_low_free          ? 
_refine_analyze.number_disordered_residues      ? 
_refine_analyze.occupancy_sum_hydrogen          ? 
_refine_analyze.occupancy_sum_non_hydrogen      ? 
_refine_analyze.pdbx_refine_id                  'X-RAY DIFFRACTION' 
# 
_refine_hist.pdbx_refine_id                   'X-RAY DIFFRACTION' 
_refine_hist.cycle_id                         LAST 
_refine_hist.pdbx_number_atoms_protein        0 
_refine_hist.pdbx_number_atoms_nucleic_acid   1310 
_refine_hist.pdbx_number_atoms_ligand         7 
_refine_hist.number_atoms_solvent             11 
_refine_hist.number_atoms_total               1328 
_refine_hist.d_res_high                       2.70 
_refine_hist.d_res_low                        38.06 
# 
loop_
_refine_ls_restr.type 
_refine_ls_restr.dev_ideal 
_refine_ls_restr.dev_ideal_target 
_refine_ls_restr.weight 
_refine_ls_restr.number 
_refine_ls_restr.pdbx_refine_id 
_refine_ls_restr.pdbx_restraint_function 
c_bond_d           0.009 ? ? ? 'X-RAY DIFFRACTION' ? 
c_angle_deg        1.7   ? ? ? 'X-RAY DIFFRACTION' ? 
c_dihedral_angle_d 17.9  ? ? ? 'X-RAY DIFFRACTION' ? 
c_improper_angle_d 2.11  ? ? ? 'X-RAY DIFFRACTION' ? 
# 
_refine_ls_shell.pdbx_total_number_of_bins_used   4 
_refine_ls_shell.d_res_high                       2.70 
_refine_ls_shell.d_res_low                        2.97 
_refine_ls_shell.number_reflns_R_work             2208 
_refine_ls_shell.R_factor_R_work                  0.527 
_refine_ls_shell.percent_reflns_obs               99.9 
_refine_ls_shell.R_factor_R_free                  0.485 
_refine_ls_shell.R_factor_R_free_error            0.039 
_refine_ls_shell.percent_reflns_R_free            6.4 
_refine_ls_shell.number_reflns_R_free             152 
_refine_ls_shell.number_reflns_obs                ? 
_refine_ls_shell.redundancy_reflns_obs            ? 
_refine_ls_shell.number_reflns_all                ? 
_refine_ls_shell.R_factor_all                     ? 
_refine_ls_shell.pdbx_refine_id                   'X-RAY DIFFRACTION' 
# 
loop_
_pdbx_xplor_file.serial_no 
_pdbx_xplor_file.param_file 
_pdbx_xplor_file.topol_file 
_pdbx_xplor_file.pdbx_refine_id 
1 ion.param         dna-rna.top 'X-RAY DIFFRACTION' 
2 dna-rna_rep.param cobalt.top  'X-RAY DIFFRACTION' 
3 cobalt.par        ion.top     'X-RAY DIFFRACTION' 
4 water_rep.param   water.top   'X-RAY DIFFRACTION' 
# 
_struct.entry_id                  2BCY 
_struct.title                     'Crystal Structure of a minimal, mutant all-RNA hairpin ribozyme (U39C, G8MTU)' 
_struct.pdbx_model_details        ? 
_struct.pdbx_CASP_flag            ? 
_struct.pdbx_model_type_details   ? 
# 
_struct_keywords.entry_id        2BCY 
_struct_keywords.pdbx_keywords   RNA 
_struct_keywords.text            'ribozyme, G8, MTU, RNA' 
# 
loop_
_struct_asym.id 
_struct_asym.pdbx_blank_PDB_chainid_flag 
_struct_asym.pdbx_modified 
_struct_asym.entity_id 
_struct_asym.details 
A N N 1 ? 
B N N 2 ? 
C N N 3 ? 
D N N 4 ? 
E N N 5 ? 
F N N 6 ? 
G N N 6 ? 
H N N 6 ? 
I N N 6 ? 
# 
loop_
_struct_conn.id 
_struct_conn.conn_type_id 
_struct_conn.pdbx_leaving_atom_flag 
_struct_conn.pdbx_PDB_id 
_struct_conn.ptnr1_label_asym_id 
_struct_conn.ptnr1_label_comp_id 
_struct_conn.ptnr1_label_seq_id 
_struct_conn.ptnr1_label_atom_id 
_struct_conn.pdbx_ptnr1_label_alt_id 
_struct_conn.pdbx_ptnr1_PDB_ins_code 
_struct_conn.pdbx_ptnr1_standard_comp_id 
_struct_conn.ptnr1_symmetry 
_struct_conn.ptnr2_label_asym_id 
_struct_conn.ptnr2_label_comp_id 
_struct_conn.ptnr2_label_seq_id 
_struct_conn.ptnr2_label_atom_id 
_struct_conn.pdbx_ptnr2_label_alt_id 
_struct_conn.pdbx_ptnr2_PDB_ins_code 
_struct_conn.ptnr1_auth_asym_id 
_struct_conn.ptnr1_auth_comp_id 
_struct_conn.ptnr1_auth_seq_id 
_struct_conn.ptnr2_auth_asym_id 
_struct_conn.ptnr2_auth_comp_id 
_struct_conn.ptnr2_auth_seq_id 
_struct_conn.ptnr2_symmetry 
_struct_conn.pdbx_ptnr3_label_atom_id 
_struct_conn.pdbx_ptnr3_label_seq_id 
_struct_conn.pdbx_ptnr3_label_comp_id 
_struct_conn.pdbx_ptnr3_label_asym_id 
_struct_conn.pdbx_ptnr3_label_alt_id 
_struct_conn.pdbx_ptnr3_PDB_ins_code 
_struct_conn.details 
_struct_conn.pdbx_dist_value 
_struct_conn.pdbx_value_order 
_struct_conn.pdbx_role 
covale1  covale one  ? B A   6  "O3'" ? ? ? 1_555 B MTU 7  P  ? ? B A   7  B MTU 8  1_555 ? ? ? ? ? ? ?                    1.598 ? 
? 
covale2  covale both ? B MTU 7  "O3'" ? ? ? 1_555 B A   8  P  ? ? B MTU 8  B A   9  1_555 ? ? ? ? ? ? ?                    1.606 ? 
? 
hydrog1  hydrog ?    ? A C   2  N3    ? ? ? 1_555 B G   12 N1 ? ? A C   2  B G   13 1_555 ? ? ? ? ? ? WATSON-CRICK         ?     ? 
? 
hydrog2  hydrog ?    ? A C   2  N4    ? ? ? 1_555 B G   12 O6 ? ? A C   2  B G   13 1_555 ? ? ? ? ? ? WATSON-CRICK         ?     ? 
? 
hydrog3  hydrog ?    ? A C   2  O2    ? ? ? 1_555 B G   12 N2 ? ? A C   2  B G   13 1_555 ? ? ? ? ? ? WATSON-CRICK         ?     ? 
? 
hydrog4  hydrog ?    ? A C   3  N3    ? ? ? 1_555 B G   11 N1 ? ? A C   3  B G   12 1_555 ? ? ? ? ? ? WATSON-CRICK         ?     ? 
? 
hydrog5  hydrog ?    ? A C   3  N4    ? ? ? 1_555 B G   11 O6 ? ? A C   3  B G   12 1_555 ? ? ? ? ? ? WATSON-CRICK         ?     ? 
? 
hydrog6  hydrog ?    ? A C   3  O2    ? ? ? 1_555 B G   11 N2 ? ? A C   3  B G   12 1_555 ? ? ? ? ? ? WATSON-CRICK         ?     ? 
? 
hydrog7  hydrog ?    ? A C   4  N3    ? ? ? 1_555 B G   10 N1 ? ? A C   4  B G   11 1_555 ? ? ? ? ? ? WATSON-CRICK         ?     ? 
? 
hydrog8  hydrog ?    ? A C   4  N4    ? ? ? 1_555 B G   10 O6 ? ? A C   4  B G   11 1_555 ? ? ? ? ? ? WATSON-CRICK         ?     ? 
? 
hydrog9  hydrog ?    ? A C   4  O2    ? ? ? 1_555 B G   10 N2 ? ? A C   4  B G   11 1_555 ? ? ? ? ? ? WATSON-CRICK         ?     ? 
? 
hydrog10 hydrog ?    ? A A   5  N3    ? ? ? 1_555 B A   8  N6 ? ? A A   5  B A   9  1_555 ? ? ? ? ? ? 'A-A MISPAIR'        ?     ? 
? 
hydrog11 hydrog ?    ? A A   5  N3    ? ? ? 1_555 B A   9  N6 ? ? A A   5  B A   10 1_555 ? ? ? ? ? ? 'A-A MISPAIR'        ?     ? 
? 
hydrog12 hydrog ?    ? A G   6  N1    ? ? ? 1_555 C C   11 N3 ? ? A G   6  C C   25 1_555 ? ? ? ? ? ? WATSON-CRICK         ?     ? 
? 
hydrog13 hydrog ?    ? A G   6  N2    ? ? ? 1_555 C C   11 O2 ? ? A G   6  C C   25 1_555 ? ? ? ? ? ? WATSON-CRICK         ?     ? 
? 
hydrog14 hydrog ?    ? A G   6  O6    ? ? ? 1_555 C C   11 N4 ? ? A G   6  C C   25 1_555 ? ? ? ? ? ? WATSON-CRICK         ?     ? 
? 
hydrog15 hydrog ?    ? A C   9  O2    ? ? ? 1_555 B G   5  N2 ? ? A C   9  B G   6  1_555 ? ? ? ? ? ? 'C-G PAIR'           ?     ? 
? 
hydrog16 hydrog ?    ? A A   10 N1    ? ? ? 1_555 B U   4  N3 ? ? A A   10 B U   5  1_555 ? ? ? ? ? ? WATSON-CRICK         ?     ? 
? 
hydrog17 hydrog ?    ? A A   10 N6    ? ? ? 1_555 B U   4  O4 ? ? A A   10 B U   5  1_555 ? ? ? ? ? ? WATSON-CRICK         ?     ? 
? 
hydrog18 hydrog ?    ? A C   11 N3    ? ? ? 1_555 B G   3  N1 ? ? A C   11 B G   4  1_555 ? ? ? ? ? ? WATSON-CRICK         ?     ? 
? 
hydrog19 hydrog ?    ? A C   11 N4    ? ? ? 1_555 B G   3  O6 ? ? A C   11 B G   4  1_555 ? ? ? ? ? ? WATSON-CRICK         ?     ? 
? 
hydrog20 hydrog ?    ? A C   11 O2    ? ? ? 1_555 B G   3  N2 ? ? A C   11 B G   4  1_555 ? ? ? ? ? ? WATSON-CRICK         ?     ? 
? 
hydrog21 hydrog ?    ? A C   12 N3    ? ? ? 1_555 B G   2  N1 ? ? A C   12 B G   3  1_555 ? ? ? ? ? ? WATSON-CRICK         ?     ? 
? 
hydrog22 hydrog ?    ? A C   12 N4    ? ? ? 1_555 B G   2  O6 ? ? A C   12 B G   3  1_555 ? ? ? ? ? ? WATSON-CRICK         ?     ? 
? 
hydrog23 hydrog ?    ? A C   12 O2    ? ? ? 1_555 B G   2  N2 ? ? A C   12 B G   3  1_555 ? ? ? ? ? ? WATSON-CRICK         ?     ? 
? 
hydrog24 hydrog ?    ? A G   13 N1    ? ? ? 1_555 B C   1  N3 ? ? A G   13 B C   2  1_555 ? ? ? ? ? ? WATSON-CRICK         ?     ? 
? 
hydrog25 hydrog ?    ? A G   13 N2    ? ? ? 1_555 B C   1  O2 ? ? A G   13 B C   2  1_555 ? ? ? ? ? ? WATSON-CRICK         ?     ? 
? 
hydrog26 hydrog ?    ? A G   13 O6    ? ? ? 1_555 B C   1  N4 ? ? A G   13 B C   2  1_555 ? ? ? ? ? ? WATSON-CRICK         ?     ? 
? 
hydrog27 hydrog ?    ? C G   1  N1    ? ? ? 1_555 D C   19 N3 ? ? C G   15 D C   49 1_555 ? ? ? ? ? ? WATSON-CRICK         ?     ? 
? 
hydrog28 hydrog ?    ? C G   1  N2    ? ? ? 1_555 D C   19 O2 ? ? C G   15 D C   49 1_555 ? ? ? ? ? ? WATSON-CRICK         ?     ? 
? 
hydrog29 hydrog ?    ? C G   1  O6    ? ? ? 1_555 D C   19 N4 ? ? C G   15 D C   49 1_555 ? ? ? ? ? ? WATSON-CRICK         ?     ? 
? 
hydrog30 hydrog ?    ? C G   2  N1    ? ? ? 1_555 D C   18 N3 ? ? C G   16 D C   48 1_555 ? ? ? ? ? ? WATSON-CRICK         ?     ? 
? 
hydrog31 hydrog ?    ? C G   2  N2    ? ? ? 1_555 D C   18 O2 ? ? C G   16 D C   48 1_555 ? ? ? ? ? ? WATSON-CRICK         ?     ? 
? 
hydrog32 hydrog ?    ? C G   2  O6    ? ? ? 1_555 D C   18 N4 ? ? C G   16 D C   48 1_555 ? ? ? ? ? ? WATSON-CRICK         ?     ? 
? 
hydrog33 hydrog ?    ? C C   3  N3    ? ? ? 1_555 D G   17 N1 ? ? C C   17 D G   47 1_555 ? ? ? ? ? ? WATSON-CRICK         ?     ? 
? 
hydrog34 hydrog ?    ? C C   3  N4    ? ? ? 1_555 D G   17 O6 ? ? C C   17 D G   47 1_555 ? ? ? ? ? ? WATSON-CRICK         ?     ? 
? 
hydrog35 hydrog ?    ? C C   3  O2    ? ? ? 1_555 D G   17 N2 ? ? C C   17 D G   47 1_555 ? ? ? ? ? ? WATSON-CRICK         ?     ? 
? 
hydrog36 hydrog ?    ? C A   4  N1    ? ? ? 1_555 D U   16 N3 ? ? C A   18 D U   46 1_555 ? ? ? ? ? ? WATSON-CRICK         ?     ? 
? 
hydrog37 hydrog ?    ? C A   4  N6    ? ? ? 1_555 D U   16 O4 ? ? C A   18 D U   46 1_555 ? ? ? ? ? ? WATSON-CRICK         ?     ? 
? 
hydrog38 hydrog ?    ? C G   5  N1    ? ? ? 1_555 D C   15 N3 ? ? C G   19 D C   45 1_555 ? ? ? ? ? ? WATSON-CRICK         ?     ? 
? 
hydrog39 hydrog ?    ? C G   5  N2    ? ? ? 1_555 D C   15 O2 ? ? C G   19 D C   45 1_555 ? ? ? ? ? ? WATSON-CRICK         ?     ? 
? 
hydrog40 hydrog ?    ? C G   5  O6    ? ? ? 1_555 D C   15 N4 ? ? C G   19 D C   45 1_555 ? ? ? ? ? ? WATSON-CRICK         ?     ? 
? 
hydrog41 hydrog ?    ? C A   6  N1    ? ? ? 1_555 D C   14 N4 ? ? C A   20 D C   44 1_555 ? ? ? ? ? ? 'A-C MISPAIR'        ?     ? 
? 
hydrog42 hydrog ?    ? C G   7  N2    ? ? ? 1_555 D A   13 N7 ? ? C G   21 D A   43 1_555 ? ? ? ? ? ? TYPE_11_PAIR         ?     ? 
? 
hydrog43 hydrog ?    ? C G   7  N3    ? ? ? 1_555 D A   13 N6 ? ? C G   21 D A   43 1_555 ? ? ? ? ? ? TYPE_11_PAIR         ?     ? 
? 
hydrog44 hydrog ?    ? C A   8  N6    ? ? ? 1_555 D U   11 O2 ? ? C A   22 D U   41 1_555 ? ? ? ? ? ? 'REVERSED HOOGSTEEN' ?     ? 
? 
hydrog45 hydrog ?    ? C A   8  N7    ? ? ? 1_555 D U   11 N3 ? ? C A   22 D U   41 1_555 ? ? ? ? ? ? 'REVERSED HOOGSTEEN' ?     ? 
? 
hydrog46 hydrog ?    ? C A   9  N6    ? ? ? 1_555 D A   10 N1 ? ? C A   23 D A   40 1_555 ? ? ? ? ? ? 'A-A MISPAIR'        ?     ? 
? 
hydrog47 hydrog ?    ? C A   10 N6    ? ? ? 1_555 D A   8  N7 ? ? C A   24 D A   38 1_555 ? ? ? ? ? ? 'A-A MISPAIR'        ?     ? 
? 
hydrog48 hydrog ?    ? C A   12 N1    ? ? ? 1_555 D G   6  N1 ? ? C A   26 D G   36 1_555 ? ? ? ? ? ? TYPE_8_PAIR          ?     ? 
? 
hydrog49 hydrog ?    ? C A   12 N6    ? ? ? 1_555 D G   6  O6 ? ? C A   26 D G   36 1_555 ? ? ? ? ? ? TYPE_8_PAIR          ?     ? 
? 
hydrog50 hydrog ?    ? C C   13 N3    ? ? ? 1_555 D G   5  N1 ? ? C C   27 D G   35 1_555 ? ? ? ? ? ? WATSON-CRICK         ?     ? 
? 
hydrog51 hydrog ?    ? C C   13 N4    ? ? ? 1_555 D G   5  O6 ? ? C C   27 D G   35 1_555 ? ? ? ? ? ? WATSON-CRICK         ?     ? 
? 
hydrog52 hydrog ?    ? C C   13 O2    ? ? ? 1_555 D G   5  N2 ? ? C C   27 D G   35 1_555 ? ? ? ? ? ? WATSON-CRICK         ?     ? 
? 
hydrog53 hydrog ?    ? C A   14 N1    ? ? ? 1_555 D U   4  N3 ? ? C A   28 D U   34 1_555 ? ? ? ? ? ? WATSON-CRICK         ?     ? 
? 
hydrog54 hydrog ?    ? C A   14 N6    ? ? ? 1_555 D U   4  O4 ? ? C A   28 D U   34 1_555 ? ? ? ? ? ? WATSON-CRICK         ?     ? 
? 
hydrog55 hydrog ?    ? C C   15 N3    ? ? ? 1_555 D G   3  N1 ? ? C C   29 D G   33 1_555 ? ? ? ? ? ? WATSON-CRICK         ?     ? 
? 
hydrog56 hydrog ?    ? C C   15 N4    ? ? ? 1_555 D G   3  O6 ? ? C C   29 D G   33 1_555 ? ? ? ? ? ? WATSON-CRICK         ?     ? 
? 
hydrog57 hydrog ?    ? C C   15 O2    ? ? ? 1_555 D G   3  N2 ? ? C C   29 D G   33 1_555 ? ? ? ? ? ? WATSON-CRICK         ?     ? 
? 
hydrog58 hydrog ?    ? C G   16 N1    ? ? ? 1_555 D C   2  N3 ? ? C G   30 D C   32 1_555 ? ? ? ? ? ? WATSON-CRICK         ?     ? 
? 
hydrog59 hydrog ?    ? C G   16 N2    ? ? ? 1_555 D C   2  O2 ? ? C G   30 D C   32 1_555 ? ? ? ? ? ? WATSON-CRICK         ?     ? 
? 
hydrog60 hydrog ?    ? C G   16 O6    ? ? ? 1_555 D C   2  N4 ? ? C G   30 D C   32 1_555 ? ? ? ? ? ? WATSON-CRICK         ?     ? 
? 
hydrog61 hydrog ?    ? C A   17 N1    ? ? ? 1_555 D U   1  N3 ? ? C A   31 D U   31 1_555 ? ? ? ? ? ? WATSON-CRICK         ?     ? 
? 
hydrog62 hydrog ?    ? C A   17 N6    ? ? ? 1_555 D U   1  O4 ? ? C A   31 D U   31 1_555 ? ? ? ? ? ? WATSON-CRICK         ?     ? 
? 
# 
loop_
_struct_conn_type.id 
_struct_conn_type.criteria 
_struct_conn_type.reference 
covale ? ? 
hydrog ? ? 
# 
_struct_site.id                   AC1 
_struct_site.pdbx_evidence_code   Software 
_struct_site.pdbx_auth_asym_id    D 
_struct_site.pdbx_auth_comp_id    NCO 
_struct_site.pdbx_auth_seq_id     12 
_struct_site.pdbx_auth_ins_code   ? 
_struct_site.pdbx_num_residues    4 
_struct_site.details              'BINDING SITE FOR RESIDUE NCO D 12' 
# 
loop_
_struct_site_gen.id 
_struct_site_gen.site_id 
_struct_site_gen.pdbx_num_res 
_struct_site_gen.label_comp_id 
_struct_site_gen.label_asym_id 
_struct_site_gen.label_seq_id 
_struct_site_gen.pdbx_auth_ins_code 
_struct_site_gen.auth_comp_id 
_struct_site_gen.auth_asym_id 
_struct_site_gen.auth_seq_id 
_struct_site_gen.label_atom_id 
_struct_site_gen.label_alt_id 
_struct_site_gen.symmetry 
_struct_site_gen.details 
1 AC1 4 A C 6  ? A C 20 . ? 1_555 ? 
2 AC1 4 G C 7  ? G C 21 . ? 1_555 ? 
3 AC1 4 A D 10 ? A D 40 . ? 1_555 ? 
4 AC1 4 U D 11 ? U D 41 . ? 1_555 ? 
# 
_atom_sites.entry_id                    2BCY 
_atom_sites.fract_transf_matrix[1][1]   0.01161044 
_atom_sites.fract_transf_matrix[1][2]   0.00403685 
_atom_sites.fract_transf_matrix[1][3]   -0.00036629 
_atom_sites.fract_transf_matrix[2][1]   0.00846171 
_atom_sites.fract_transf_matrix[2][2]   -0.00618905 
_atom_sites.fract_transf_matrix[2][3]   -0.00642739 
_atom_sites.fract_transf_matrix[3][1]   -0.00166765 
_atom_sites.fract_transf_matrix[3][2]   0.00422774 
_atom_sites.fract_transf_matrix[3][3]   -0.00626644 
_atom_sites.fract_transf_vector[1]      0.432205 
_atom_sites.fract_transf_vector[2]      0.209992 
_atom_sites.fract_transf_vector[3]      0.385006 
# 
loop_
_atom_type.symbol 
C  
CO 
N  
O  
P  
# 
loop_
_atom_site.group_PDB 
_atom_site.id 
_atom_site.type_symbol 
_atom_site.label_atom_id 
_atom_site.label_alt_id 
_atom_site.label_comp_id 
_atom_site.label_asym_id 
_atom_site.label_entity_id 
_atom_site.label_seq_id 
_atom_site.pdbx_PDB_ins_code 
_atom_site.Cartn_x 
_atom_site.Cartn_y 
_atom_site.Cartn_z 
_atom_site.occupancy 
_atom_site.B_iso_or_equiv 
_atom_site.pdbx_formal_charge 
_atom_site.auth_seq_id 
_atom_site.auth_comp_id 
_atom_site.auth_asym_id 
_atom_site.auth_atom_id 
_atom_site.pdbx_PDB_model_num 
ATOM   1    O  "O5'" A U   A 1 1  ? 13.965  3.973   -13.677 0.50 84.38  ? 1  U   A "O5'" 1 
ATOM   2    O  "O5'" B U   A 1 1  ? 13.867  5.101   -14.918 0.50 80.85  ? 1  U   A "O5'" 1 
ATOM   3    C  "C5'" A U   A 1 1  ? 14.509  3.901   -15.006 0.50 85.78  ? 1  U   A "C5'" 1 
ATOM   4    C  "C5'" B U   A 1 1  ? 14.480  3.884   -14.470 0.50 81.90  ? 1  U   A "C5'" 1 
ATOM   5    C  "C4'" A U   A 1 1  ? 13.975  2.679   -15.714 0.50 83.86  ? 1  U   A "C4'" 1 
ATOM   6    C  "C4'" B U   A 1 1  ? 14.012  2.749   -15.340 0.50 79.91  ? 1  U   A "C4'" 1 
ATOM   7    O  "O4'" A U   A 1 1  ? 14.831  1.522   -15.479 0.50 84.25  ? 1  U   A "O4'" 1 
ATOM   8    O  "O4'" B U   A 1 1  ? 14.787  1.544   -15.100 0.50 78.32  ? 1  U   A "O4'" 1 
ATOM   9    C  "C3'" A U   A 1 1  ? 12.613  2.272   -15.203 0.50 83.52  ? 1  U   A "C3'" 1 
ATOM   10   C  "C3'" B U   A 1 1  ? 12.589  2.299   -15.096 0.50 79.90  ? 1  U   A "C3'" 1 
ATOM   11   O  "O3'" A U   A 1 1  ? 11.626  3.038   -15.886 0.50 82.23  ? 1  U   A "O3'" 1 
ATOM   12   O  "O3'" B U   A 1 1  ? 11.661  3.129   -15.763 0.50 80.51  ? 1  U   A "O3'" 1 
ATOM   13   C  "C2'" A U   A 1 1  ? 12.623  0.764   -15.442 0.50 82.37  ? 1  U   A "C2'" 1 
ATOM   14   C  "C2'" B U   A 1 1  ? 12.576  0.916   -15.720 0.50 77.90  ? 1  U   A "C2'" 1 
ATOM   15   O  "O2'" A U   A 1 1  ? 12.478  0.423   -16.801 0.50 83.38  ? 1  U   A "O2'" 1 
ATOM   16   O  "O2'" B U   A 1 1  ? 12.463  0.989   -17.124 0.50 78.48  ? 1  U   A "O2'" 1 
ATOM   17   C  "C1'" A U   A 1 1  ? 14.055  0.424   -15.036 0.50 80.31  ? 1  U   A "C1'" 1 
ATOM   18   C  "C1'" B U   A 1 1  ? 13.975  0.424   -15.386 0.50 74.64  ? 1  U   A "C1'" 1 
ATOM   19   N  N1    A U   A 1 1  ? 14.240  0.378   -13.584 0.50 79.81  ? 1  U   A N1    1 
ATOM   20   N  N1    B U   A 1 1  ? 14.053  -0.514  -14.268 0.50 72.11  ? 1  U   A N1    1 
ATOM   21   C  C2    A U   A 1 1  ? 14.161  -0.827  -12.906 0.50 79.73  ? 1  U   A C2    1 
ATOM   22   C  C2    B U   A 1 1  ? 14.161  -0.002  -12.984 0.50 72.68  ? 1  U   A C2    1 
ATOM   23   O  O2    A U   A 1 1  ? 13.961  -1.904  -13.457 0.50 79.95  ? 1  U   A O2    1 
ATOM   24   O  O2    B U   A 1 1  ? 14.193  1.201   -12.736 0.50 72.21  ? 1  U   A O2    1 
ATOM   25   N  N3    A U   A 1 1  ? 14.340  -0.711  -11.545 0.50 78.58  ? 1  U   A N3    1 
ATOM   26   N  N3    B U   A 1 1  ? 14.245  -0.955  -12.005 0.50 70.93  ? 1  U   A N3    1 
ATOM   27   C  C4    A U   A 1 1  ? 14.588  0.460   -10.842 0.50 77.61  ? 1  U   A C4    1 
ATOM   28   C  C4    B U   A 1 1  ? 14.234  -2.319  -12.191 0.50 69.93  ? 1  U   A C4    1 
ATOM   29   O  O4    A U   A 1 1  ? 14.701  0.429   -9.626  0.50 79.04  ? 1  U   A O4    1 
ATOM   30   O  O4    B U   A 1 1  ? 14.369  -3.044  -11.228 0.50 67.03  ? 1  U   A O4    1 
ATOM   31   C  C5    A U   A 1 1  ? 14.662  1.628   -11.628 0.50 77.83  ? 1  U   A C5    1 
ATOM   32   C  C5    B U   A 1 1  ? 14.096  -2.757  -13.532 0.50 70.30  ? 1  U   A C5    1 
ATOM   33   C  C6    A U   A 1 1  ? 14.490  1.551   -12.927 0.50 78.23  ? 1  U   A C6    1 
ATOM   34   C  C6    B U   A 1 1  ? 14.011  -1.862  -14.502 0.50 71.29  ? 1  U   A C6    1 
ATOM   35   P  P     . C   A 1 2  ? 10.125  3.071   -15.323 1.00 83.32  ? 2  C   A P     1 
ATOM   36   O  OP1   . C   A 1 2  ? 9.236   3.642   -16.386 1.00 76.78  ? 2  C   A OP1   1 
ATOM   37   O  OP2   . C   A 1 2  ? 10.121  3.676   -13.961 1.00 77.20  ? 2  C   A OP2   1 
ATOM   38   O  "O5'" . C   A 1 2  ? 9.859   1.518   -15.189 1.00 69.99  ? 2  C   A "O5'" 1 
ATOM   39   C  "C5'" . C   A 1 2  ? 9.049   1.049   -14.189 1.00 70.30  ? 2  C   A "C5'" 1 
ATOM   40   C  "C4'" . C   A 1 2  ? 8.983   -0.418  -14.252 1.00 67.02  ? 2  C   A "C4'" 1 
ATOM   41   O  "O4'" . C   A 1 2  ? 10.245  -0.895  -13.777 1.00 69.04  ? 2  C   A "O4'" 1 
ATOM   42   C  "C3'" . C   A 1 2  ? 7.926   -0.979  -13.359 1.00 68.88  ? 2  C   A "C3'" 1 
ATOM   43   O  "O3'" . C   A 1 2  ? 6.601   -1.013  -13.848 1.00 69.32  ? 2  C   A "O3'" 1 
ATOM   44   C  "C2'" . C   A 1 2  ? 8.588   -1.985  -12.431 1.00 66.62  ? 2  C   A "C2'" 1 
ATOM   45   O  "O2'" . C   A 1 2  ? 8.338   -3.314  -12.803 1.00 73.06  ? 2  C   A "O2'" 1 
ATOM   46   C  "C1'" . C   A 1 2  ? 10.070  -1.753  -12.673 1.00 64.72  ? 2  C   A "C1'" 1 
ATOM   47   N  N1    . C   A 1 2  ? 10.550  -0.998  -11.513 1.00 63.21  ? 2  C   A N1    1 
ATOM   48   C  C2    . C   A 1 2  ? 10.769  -1.653  -10.262 1.00 61.63  ? 2  C   A C2    1 
ATOM   49   O  O2    . C   A 1 2  ? 10.592  -2.881  -10.174 1.00 66.15  ? 2  C   A O2    1 
ATOM   50   N  N3    . C   A 1 2  ? 11.170  -0.929  -9.198  1.00 56.45  ? 2  C   A N3    1 
ATOM   51   C  C4    . C   A 1 2  ? 11.372  0.378   -9.333  1.00 58.80  ? 2  C   A C4    1 
ATOM   52   N  N4    . C   A 1 2  ? 11.760  1.061   -8.271  1.00 57.53  ? 2  C   A N4    1 
ATOM   53   C  C5    . C   A 1 2  ? 11.177  1.060   -10.588 1.00 63.40  ? 2  C   A C5    1 
ATOM   54   C  C6    . C   A 1 2  ? 10.768  0.341   -11.636 1.00 59.48  ? 2  C   A C6    1 
ATOM   55   P  P     . C   A 1 3  ? 5.464   -0.144  -13.093 1.00 67.18  ? 3  C   A P     1 
ATOM   56   O  OP1   . C   A 1 3  ? 4.337   0.077   -14.017 1.00 72.21  ? 3  C   A OP1   1 
ATOM   57   O  OP2   . C   A 1 3  ? 6.095   1.019   -12.450 1.00 58.70  ? 3  C   A OP2   1 
ATOM   58   O  "O5'" . C   A 1 3  ? 4.973   -1.167  -11.979 1.00 64.40  ? 3  C   A "O5'" 1 
ATOM   59   C  "C5'" . C   A 1 3  ? 5.792   -2.253  -11.648 1.00 55.75  ? 3  C   A "C5'" 1 
ATOM   60   C  "C4'" . C   A 1 3  ? 5.067   -3.203  -10.779 1.00 61.39  ? 3  C   A "C4'" 1 
ATOM   61   O  "O4'" . C   A 1 3  ? 6.063   -3.771  -9.915  1.00 66.07  ? 3  C   A "O4'" 1 
ATOM   62   C  "C3'" . C   A 1 3  ? 3.956   -2.692  -9.911  1.00 64.78  ? 3  C   A "C3'" 1 
ATOM   63   O  "O3'" . C   A 1 3  ? 2.636   -2.751  -10.408 1.00 67.60  ? 3  C   A "O3'" 1 
ATOM   64   C  "C2'" . C   A 1 3  ? 4.294   -3.094  -8.480  1.00 67.71  ? 3  C   A "C2'" 1 
ATOM   65   O  "O2'" . C   A 1 3  ? 3.558   -4.245  -8.143  1.00 68.72  ? 3  C   A "O2'" 1 
ATOM   66   C  "C1'" . C   A 1 3  ? 5.753   -3.537  -8.571  1.00 63.41  ? 3  C   A "C1'" 1 
ATOM   67   N  N1    . C   A 1 3  ? 6.575   -2.365  -8.157  1.00 62.66  ? 3  C   A N1    1 
ATOM   68   C  C2    . C   A 1 3  ? 7.041   -2.267  -6.857  1.00 62.69  ? 3  C   A C2    1 
ATOM   69   O  O2    . C   A 1 3  ? 6.827   -3.184  -6.088  1.00 68.80  ? 3  C   A O2    1 
ATOM   70   N  N3    . C   A 1 3  ? 7.715   -1.169  -6.469  1.00 62.84  ? 3  C   A N3    1 
ATOM   71   C  C4    . C   A 1 3  ? 7.940   -0.189  -7.342  1.00 63.75  ? 3  C   A C4    1 
ATOM   72   N  N4    . C   A 1 3  ? 8.585   0.906   -6.918  1.00 61.82  ? 3  C   A N4    1 
ATOM   73   C  C5    . C   A 1 3  ? 7.507   -0.275  -8.692  1.00 63.07  ? 3  C   A C5    1 
ATOM   74   C  C6    . C   A 1 3  ? 6.836   -1.368  -9.052  1.00 62.67  ? 3  C   A C6    1 
ATOM   75   P  P     . C   A 1 4  ? 1.512   -1.832  -9.731  1.00 66.97  ? 4  C   A P     1 
ATOM   76   O  OP1   . C   A 1 4  ? 0.150   -2.229  -10.186 1.00 73.62  ? 4  C   A OP1   1 
ATOM   77   O  OP2   . C   A 1 4  ? 1.896   -0.389  -9.728  1.00 65.42  ? 4  C   A OP2   1 
ATOM   78   O  "O5'" . C   A 1 4  ? 1.625   -2.341  -8.251  1.00 69.81  ? 4  C   A "O5'" 1 
ATOM   79   C  "C5'" . C   A 1 4  ? 1.009   -1.633  -7.263  1.00 71.91  ? 4  C   A "C5'" 1 
ATOM   80   C  "C4'" . C   A 1 4  ? 1.203   -2.327  -5.995  1.00 72.39  ? 4  C   A "C4'" 1 
ATOM   81   O  "O4'" . C   A 1 4  ? 2.621   -2.382  -5.760  1.00 71.89  ? 4  C   A "O4'" 1 
ATOM   82   C  "C3'" . C   A 1 4  ? 0.587   -1.514  -4.907  1.00 75.11  ? 4  C   A "C3'" 1 
ATOM   83   O  "O3'" . C   A 1 4  ? -0.783  -1.751  -4.694  1.00 79.45  ? 4  C   A "O3'" 1 
ATOM   84   C  "C2'" . C   A 1 4  ? 1.652   -1.280  -3.848  1.00 74.61  ? 4  C   A "C2'" 1 
ATOM   85   O  "O2'" . C   A 1 4  ? 1.402   -2.094  -2.720  1.00 76.91  ? 4  C   A "O2'" 1 
ATOM   86   C  "C1'" . C   A 1 4  ? 2.930   -1.797  -4.514  1.00 70.84  ? 4  C   A "C1'" 1 
ATOM   87   N  N1    . C   A 1 4  ? 3.842   -0.670  -4.768  1.00 67.46  ? 4  C   A N1    1 
ATOM   88   C  C2    . C   A 1 4  ? 4.552   -0.116  -3.703  1.00 68.69  ? 4  C   A C2    1 
ATOM   89   O  O2    . C   A 1 4  ? 4.414   -0.596  -2.577  1.00 72.15  ? 4  C   A O2    1 
ATOM   90   N  N3    . C   A 1 4  ? 5.369   0.928   -3.919  1.00 67.24  ? 4  C   A N3    1 
ATOM   91   C  C4    . C   A 1 4  ? 5.493   1.424   -5.137  1.00 65.49  ? 4  C   A C4    1 
ATOM   92   N  N4    . C   A 1 4  ? 6.318   2.454   -5.299  1.00 65.06  ? 4  C   A N4    1 
ATOM   93   C  C5    . C   A 1 4  ? 4.784   0.884   -6.243  1.00 65.52  ? 4  C   A C5    1 
ATOM   94   C  C6    . C   A 1 4  ? 3.984   -0.158  -6.017  1.00 65.84  ? 4  C   A C6    1 
ATOM   95   P  P     . A   A 1 5  ? -1.837  -0.640  -5.173  1.00 81.60  ? 5  A   A P     1 
ATOM   96   O  OP1   . A   A 1 5  ? -3.183  -1.194  -4.892  1.00 83.59  ? 5  A   A OP1   1 
ATOM   97   O  OP2   . A   A 1 5  ? -1.517  -0.161  -6.538  1.00 80.88  ? 5  A   A OP2   1 
ATOM   98   O  "O5'" . A   A 1 5  ? -1.503  0.520   -4.144  1.00 83.95  ? 5  A   A "O5'" 1 
ATOM   99   C  "C5'" . A   A 1 5  ? -1.155  0.145   -2.835  1.00 83.80  ? 5  A   A "C5'" 1 
ATOM   100  C  "C4'" . A   A 1 5  ? -0.761  1.317   -1.985  1.00 87.43  ? 5  A   A "C4'" 1 
ATOM   101  O  "O4'" . A   A 1 5  ? 0.565   1.777   -2.378  1.00 86.92  ? 5  A   A "O4'" 1 
ATOM   102  C  "C3'" . A   A 1 5  ? -1.644  2.544   -2.139  1.00 89.52  ? 5  A   A "C3'" 1 
ATOM   103  O  "O3'" . A   A 1 5  ? -2.647  2.914   -1.238  1.00 98.17  ? 5  A   A "O3'" 1 
ATOM   104  C  "C2'" . A   A 1 5  ? -0.925  3.586   -2.960  1.00 88.13  ? 5  A   A "C2'" 1 
ATOM   105  O  "O2'" . A   A 1 5  ? -0.919  4.794   -2.203  1.00 92.84  ? 5  A   A "O2'" 1 
ATOM   106  C  "C1'" . A   A 1 5  ? 0.506   3.095   -2.903  1.00 84.29  ? 5  A   A "C1'" 1 
ATOM   107  N  N9    . A   A 1 5  ? 1.096   3.156   -4.225  1.00 78.81  ? 5  A   A N9    1 
ATOM   108  C  C8    . A   A 1 5  ? 0.740   2.485   -5.356  1.00 78.82  ? 5  A   A C8    1 
ATOM   109  N  N7    . A   A 1 5  ? 1.400   2.869   -6.420  1.00 78.18  ? 5  A   A N7    1 
ATOM   110  C  C5    . A   A 1 5  ? 2.268   3.837   -5.939  1.00 76.47  ? 5  A   A C5    1 
ATOM   111  C  C6    . A   A 1 5  ? 3.209   4.638   -6.561  1.00 75.13  ? 5  A   A C6    1 
ATOM   112  N  N6    . A   A 1 5  ? 3.467   4.581   -7.849  1.00 79.09  ? 5  A   A N6    1 
ATOM   113  N  N1    . A   A 1 5  ? 3.892   5.516   -5.809  1.00 74.46  ? 5  A   A N1    1 
ATOM   114  C  C2    . A   A 1 5  ? 3.649   5.560   -4.507  1.00 74.77  ? 5  A   A C2    1 
ATOM   115  N  N3    . A   A 1 5  ? 2.789   4.848   -3.796  1.00 76.81  ? 5  A   A N3    1 
ATOM   116  C  C4    . A   A 1 5  ? 2.111   4.000   -4.588  1.00 77.41  ? 5  A   A C4    1 
ATOM   117  P  P     . G   A 1 6  ? -3.878  3.789   -1.774  1.00 101.63 ? 6  G   A P     1 
ATOM   118  O  OP1   . G   A 1 6  ? -4.824  2.861   -2.460  1.00 95.92  ? 6  G   A OP1   1 
ATOM   119  O  OP2   . G   A 1 6  ? -3.323  4.964   -2.509  1.00 102.64 ? 6  G   A OP2   1 
ATOM   120  O  "O5'" . G   A 1 6  ? -4.520  4.345   -0.427  1.00 99.52  ? 6  G   A "O5'" 1 
ATOM   121  C  "C5'" . G   A 1 6  ? -3.763  5.152   0.487   1.00 86.55  ? 6  G   A "C5'" 1 
ATOM   122  C  "C4'" . G   A 1 6  ? -4.640  5.533   1.650   1.00 79.71  ? 6  G   A "C4'" 1 
ATOM   123  O  "O4'" . G   A 1 6  ? -4.638  4.456   2.637   1.00 73.13  ? 6  G   A "O4'" 1 
ATOM   124  C  "C3'" . G   A 1 6  ? -4.071  6.761   2.353   1.00 75.80  ? 6  G   A "C3'" 1 
ATOM   125  O  "O3'" . G   A 1 6  ? -5.079  7.719   2.652   1.00 77.75  ? 6  G   A "O3'" 1 
ATOM   126  C  "C2'" . G   A 1 6  ? -3.318  6.234   3.565   1.00 75.30  ? 6  G   A "C2'" 1 
ATOM   127  O  "O2'" . G   A 1 6  ? -3.558  7.040   4.697   1.00 81.88  ? 6  G   A "O2'" 1 
ATOM   128  C  "C1'" . G   A 1 6  ? -4.048  4.922   3.815   1.00 70.61  ? 6  G   A "C1'" 1 
ATOM   129  N  N9    . G   A 1 6  ? -3.426  3.861   4.591   1.00 65.63  ? 6  G   A N9    1 
ATOM   130  C  C8    . G   A 1 6  ? -4.068  2.936   5.383   1.00 63.86  ? 6  G   A C8    1 
ATOM   131  N  N7    . G   A 1 6  ? -3.243  2.226   6.103   1.00 61.99  ? 6  G   A N7    1 
ATOM   132  C  C5    . G   A 1 6  ? -1.982  2.690   5.737   1.00 61.39  ? 6  G   A C5    1 
ATOM   133  C  C6    . G   A 1 6  ? -0.692  2.343   6.221   1.00 60.10  ? 6  G   A C6    1 
ATOM   134  O  O6    . G   A 1 6  ? -0.393  1.553   7.125   1.00 61.84  ? 6  G   A O6    1 
ATOM   135  N  N1    . G   A 1 6  ? 0.309   3.046   5.565   1.00 57.93  ? 6  G   A N1    1 
ATOM   136  C  C2    . G   A 1 6  ? 0.098   3.977   4.583   1.00 60.58  ? 6  G   A C2    1 
ATOM   137  N  N2    . G   A 1 6  ? 1.192   4.556   4.052   1.00 58.22  ? 6  G   A N2    1 
ATOM   138  N  N3    . G   A 1 6  ? -1.099  4.329   4.143   1.00 60.96  ? 6  G   A N3    1 
ATOM   139  C  C4    . G   A 1 6  ? -2.083  3.657   4.766   1.00 62.66  ? 6  G   A C4    1 
ATOM   140  P  P     . U   A 1 7  ? -5.181  9.088   1.825   1.00 82.46  ? 7  U   A P     1 
ATOM   141  O  OP1   . U   A 1 7  ? -6.386  9.768   2.362   1.00 81.72  ? 7  U   A OP1   1 
ATOM   142  O  OP2   . U   A 1 7  ? -5.075  8.853   0.371   1.00 78.18  ? 7  U   A OP2   1 
ATOM   143  O  "O5'" . U   A 1 7  ? -3.932  9.905   2.340   1.00 76.91  ? 7  U   A "O5'" 1 
ATOM   144  C  "C5'" . U   A 1 7  ? -3.962  10.387  3.648   1.00 78.16  ? 7  U   A "C5'" 1 
ATOM   145  C  "C4'" . U   A 1 7  ? -3.002  11.502  3.799   1.00 79.08  ? 7  U   A "C4'" 1 
ATOM   146  O  "O4'" . U   A 1 7  ? -1.678  10.964  3.625   1.00 79.93  ? 7  U   A "O4'" 1 
ATOM   147  C  "C3'" . U   A 1 7  ? -3.118  12.569  2.732   1.00 80.69  ? 7  U   A "C3'" 1 
ATOM   148  O  "O3'" . U   A 1 7  ? -4.116  13.515  3.095   1.00 83.08  ? 7  U   A "O3'" 1 
ATOM   149  C  "C2'" . U   A 1 7  ? -1.722  13.175  2.760   1.00 82.45  ? 7  U   A "C2'" 1 
ATOM   150  O  "O2'" . U   A 1 7  ? -1.517  14.112  3.793   1.00 83.33  ? 7  U   A "O2'" 1 
ATOM   151  C  "C1'" . U   A 1 7  ? -0.867  11.936  3.016   1.00 81.54  ? 7  U   A "C1'" 1 
ATOM   152  N  N1    . U   A 1 7  ? -0.331  11.385  1.774   1.00 82.49  ? 7  U   A N1    1 
ATOM   153  C  C2    . U   A 1 7  ? 0.840   11.932  1.350   1.00 83.77  ? 7  U   A C2    1 
ATOM   154  O  O2    . U   A 1 7  ? 1.418   12.786  1.994   1.00 85.06  ? 7  U   A O2    1 
ATOM   155  N  N3    . U   A 1 7  ? 1.318   11.445  0.160   1.00 84.77  ? 7  U   A N3    1 
ATOM   156  C  C4    . U   A 1 7  ? 0.744   10.463  -0.615  1.00 85.33  ? 7  U   A C4    1 
ATOM   157  O  O4    . U   A 1 7  ? 1.332   10.079  -1.632  1.00 87.96  ? 7  U   A O4    1 
ATOM   158  C  C5    . U   A 1 7  ? -0.485  9.928   -0.092  1.00 82.96  ? 7  U   A C5    1 
ATOM   159  C  C6    . U   A 1 7  ? -0.966  10.397  1.064   1.00 82.37  ? 7  U   A C6    1 
ATOM   160  P  P     . C   A 1 8  ? -4.650  14.580  2.018   1.00 85.37  ? 8  C   A P     1 
ATOM   161  O  OP1   . C   A 1 8  ? -5.363  15.601  2.813   1.00 89.27  ? 8  C   A OP1   1 
ATOM   162  O  OP2   . C   A 1 8  ? -5.351  13.881  0.915   1.00 85.65  ? 8  C   A OP2   1 
ATOM   163  O  "O5'" . C   A 1 8  ? -3.345  15.233  1.395   1.00 83.52  ? 8  C   A "O5'" 1 
ATOM   164  C  "C5'" . C   A 1 8  ? -2.659  16.278  2.056   1.00 84.90  ? 8  C   A "C5'" 1 
ATOM   165  C  "C4'" . C   A 1 8  ? -1.595  16.833  1.146   1.00 88.53  ? 8  C   A "C4'" 1 
ATOM   166  O  "O4'" . C   A 1 8  ? -0.603  15.807  0.909   1.00 88.42  ? 8  C   A "O4'" 1 
ATOM   167  C  "C3'" . C   A 1 8  ? -2.070  17.218  -0.242  1.00 88.84  ? 8  C   A "C3'" 1 
ATOM   168  O  "O3'" . C   A 1 8  ? -2.574  18.528  -0.272  1.00 94.03  ? 8  C   A "O3'" 1 
ATOM   169  C  "C2'" . C   A 1 8  ? -0.802  17.117  -1.062  1.00 85.89  ? 8  C   A "C2'" 1 
ATOM   170  O  "O2'" . C   A 1 8  ? -0.003  18.262  -0.910  1.00 82.44  ? 8  C   A "O2'" 1 
ATOM   171  C  "C1'" . C   A 1 8  ? -0.152  15.887  -0.430  1.00 88.16  ? 8  C   A "C1'" 1 
ATOM   172  N  N1    . C   A 1 8  ? -0.599  14.668  -1.113  1.00 89.70  ? 8  C   A N1    1 
ATOM   173  C  C2    . C   A 1 8  ? 0.172   14.180  -2.164  1.00 92.13  ? 8  C   A C2    1 
ATOM   174  O  O2    . C   A 1 8  ? 1.238   14.760  -2.437  1.00 94.23  ? 8  C   A O2    1 
ATOM   175  N  N3    . C   A 1 8  ? -0.254  13.091  -2.850  1.00 92.51  ? 8  C   A N3    1 
ATOM   176  C  C4    . C   A 1 8  ? -1.395  12.491  -2.501  1.00 90.75  ? 8  C   A C4    1 
ATOM   177  N  N4    . C   A 1 8  ? -1.776  11.428  -3.211  1.00 90.43  ? 8  C   A N4    1 
ATOM   178  C  C5    . C   A 1 8  ? -2.192  12.958  -1.409  1.00 88.05  ? 8  C   A C5    1 
ATOM   179  C  C6    . C   A 1 8  ? -1.758  14.034  -0.748  1.00 87.41  ? 8  C   A C6    1 
ATOM   180  P  P     . C   A 1 9  ? -3.691  18.900  -1.340  1.00 98.94  ? 9  C   A P     1 
ATOM   181  O  OP1   . C   A 1 9  ? -4.053  20.320  -1.110  1.00 100.14 ? 9  C   A OP1   1 
ATOM   182  O  OP2   . C   A 1 9  ? -4.738  17.850  -1.273  1.00 95.26  ? 9  C   A OP2   1 
ATOM   183  O  "O5'" . C   A 1 9  ? -2.918  18.758  -2.726  1.00 100.96 ? 9  C   A "O5'" 1 
ATOM   184  C  "C5'" . C   A 1 9  ? -1.798  19.589  -3.032  1.00 102.49 ? 9  C   A "C5'" 1 
ATOM   185  C  "C4'" . C   A 1 9  ? -1.364  19.383  -4.470  1.00 104.01 ? 9  C   A "C4'" 1 
ATOM   186  O  "O4'" . C   A 1 9  ? -0.801  18.053  -4.612  1.00 103.80 ? 9  C   A "O4'" 1 
ATOM   187  C  "C3'" . C   A 1 9  ? -2.476  19.421  -5.510  1.00 106.35 ? 9  C   A "C3'" 1 
ATOM   188  O  "O3'" . C   A 1 9  ? -2.807  20.736  -5.939  1.00 106.82 ? 9  C   A "O3'" 1 
ATOM   189  C  "C2'" . C   A 1 9  ? -1.892  18.601  -6.650  1.00 105.39 ? 9  C   A "C2'" 1 
ATOM   190  O  "O2'" . C   A 1 9  ? -1.014  19.316  -7.492  1.00 108.15 ? 9  C   A "O2'" 1 
ATOM   191  C  "C1'" . C   A 1 9  ? -1.136  17.523  -5.883  1.00 103.61 ? 9  C   A "C1'" 1 
ATOM   192  N  N1    . C   A 1 9  ? -1.982  16.354  -5.669  1.00 102.88 ? 9  C   A N1    1 
ATOM   193  C  C2    . C   A 1 9  ? -2.188  15.481  -6.723  1.00 102.93 ? 9  C   A C2    1 
ATOM   194  O  O2    . C   A 1 9  ? -1.671  15.739  -7.812  1.00 104.12 ? 9  C   A O2    1 
ATOM   195  N  N3    . C   A 1 9  ? -2.950  14.386  -6.535  1.00 102.30 ? 9  C   A N3    1 
ATOM   196  C  C4    . C   A 1 9  ? -3.510  14.166  -5.349  1.00 101.89 ? 9  C   A C4    1 
ATOM   197  N  N4    . C   A 1 9  ? -4.260  13.077  -5.199  1.00 101.70 ? 9  C   A N4    1 
ATOM   198  C  C5    . C   A 1 9  ? -3.327  15.056  -4.258  1.00 102.76 ? 9  C   A C5    1 
ATOM   199  C  C6    . C   A 1 9  ? -2.560  16.126  -4.458  1.00 102.44 ? 9  C   A C6    1 
ATOM   200  P  P     . A   A 1 10 ? -4.238  21.004  -6.612  1.00 106.96 ? 10 A   A P     1 
ATOM   201  O  OP1   . A   A 1 10 ? -4.331  22.461  -6.846  1.00 108.89 ? 10 A   A OP1   1 
ATOM   202  O  OP2   . A   A 1 10 ? -5.290  20.317  -5.826  1.00 106.60 ? 10 A   A OP2   1 
ATOM   203  O  "O5'" . A   A 1 10 ? -4.155  20.236  -8.003  1.00 109.95 ? 10 A   A "O5'" 1 
ATOM   204  C  "C5'" . A   A 1 10 ? -3.234  20.644  -9.010  1.00 113.05 ? 10 A   A "C5'" 1 
ATOM   205  C  "C4'" . A   A 1 10 ? -3.488  19.885  -10.289 1.00 114.27 ? 10 A   A "C4'" 1 
ATOM   206  O  "O4'" . A   A 1 10 ? -3.104  18.495  -10.112 1.00 113.37 ? 10 A   A "O4'" 1 
ATOM   207  C  "C3'" . A   A 1 10 ? -4.948  19.799  -10.690 1.00 116.73 ? 10 A   A "C3'" 1 
ATOM   208  O  "O3'" . A   A 1 10 ? -5.390  20.933  -11.407 1.00 120.63 ? 10 A   A "O3'" 1 
ATOM   209  C  "C2'" . A   A 1 10 ? -4.970  18.565  -11.577 1.00 115.55 ? 10 A   A "C2'" 1 
ATOM   210  O  "O2'" . A   A 1 10 ? -4.495  18.867  -12.876 1.00 116.37 ? 10 A   A "O2'" 1 
ATOM   211  C  "C1'" . A   A 1 10 ? -3.984  17.657  -10.845 1.00 112.44 ? 10 A   A "C1'" 1 
ATOM   212  N  N9    . A   A 1 10 ? -4.621  16.731  -9.911  1.00 110.92 ? 10 A   A N9    1 
ATOM   213  C  C8    . A   A 1 10 ? -4.758  16.871  -8.555  1.00 110.36 ? 10 A   A C8    1 
ATOM   214  N  N7    . A   A 1 10 ? -5.341  15.851  -7.975  1.00 110.40 ? 10 A   A N7    1 
ATOM   215  C  C5    . A   A 1 10 ? -5.618  14.982  -9.022  1.00 110.23 ? 10 A   A C5    1 
ATOM   216  C  C6    . A   A 1 10 ? -6.223  13.704  -9.069  1.00 109.87 ? 10 A   A C6    1 
ATOM   217  N  N6    . A   A 1 10 ? -6.688  13.063  -8.002  1.00 109.19 ? 10 A   A N6    1 
ATOM   218  N  N1    . A   A 1 10 ? -6.332  13.103  -10.270 1.00 110.49 ? 10 A   A N1    1 
ATOM   219  C  C2    . A   A 1 10 ? -5.871  13.748  -11.351 1.00 111.22 ? 10 A   A C2    1 
ATOM   220  N  N3    . A   A 1 10 ? -5.293  14.949  -11.437 1.00 111.04 ? 10 A   A N3    1 
ATOM   221  C  C4    . A   A 1 10 ? -5.191  15.518  -10.223 1.00 110.68 ? 10 A   A C4    1 
ATOM   222  P  P     . C   A 1 11 ? -6.962  21.220  -11.507 1.00 125.19 ? 11 C   A P     1 
ATOM   223  O  OP1   . C   A 1 11 ? -7.131  22.464  -12.291 1.00 127.58 ? 11 C   A OP1   1 
ATOM   224  O  OP2   . C   A 1 11 ? -7.495  21.144  -10.125 1.00 125.98 ? 11 C   A OP2   1 
ATOM   225  O  "O5'" . C   A 1 11 ? -7.551  19.996  -12.350 1.00 124.52 ? 11 C   A "O5'" 1 
ATOM   226  C  "C5'" . C   A 1 11 ? -7.390  19.947  -13.765 1.00 123.53 ? 11 C   A "C5'" 1 
ATOM   227  C  "C4'" . C   A 1 11 ? -8.058  18.719  -14.334 1.00 124.48 ? 11 C   A "C4'" 1 
ATOM   228  O  "O4'" . C   A 1 11 ? -7.451  17.534  -13.749 1.00 124.49 ? 11 C   A "O4'" 1 
ATOM   229  C  "C3'" . C   A 1 11 ? -9.533  18.560  -14.001 1.00 126.04 ? 11 C   A "C3'" 1 
ATOM   230  O  "O3'" . C   A 1 11 ? -10.382 19.280  -14.884 1.00 129.07 ? 11 C   A "O3'" 1 
ATOM   231  C  "C2'" . C   A 1 11 ? -9.745  17.060  -14.151 1.00 125.38 ? 11 C   A "C2'" 1 
ATOM   232  O  "O2'" . C   A 1 11 ? -9.951  16.637  -15.486 1.00 126.82 ? 11 C   A "O2'" 1 
ATOM   233  C  "C1'" . C   A 1 11 ? -8.427  16.513  -13.605 1.00 122.98 ? 11 C   A "C1'" 1 
ATOM   234  N  N1    . C   A 1 11 ? -8.566  16.173  -12.188 1.00 120.88 ? 11 C   A N1    1 
ATOM   235  C  C2    . C   A 1 11 ? -9.099  14.923  -11.865 1.00 120.30 ? 11 C   A C2    1 
ATOM   236  O  O2    . C   A 1 11 ? -9.364  14.133  -12.783 1.00 119.24 ? 11 C   A O2    1 
ATOM   237  N  N3    . C   A 1 11 ? -9.307  14.608  -10.569 1.00 119.86 ? 11 C   A N3    1 
ATOM   238  C  C4    . C   A 1 11 ? -8.991  15.483  -9.616  1.00 119.78 ? 11 C   A C4    1 
ATOM   239  N  N4    . C   A 1 11 ? -9.238  15.137  -8.356  1.00 120.08 ? 11 C   A N4    1 
ATOM   240  C  C5    . C   A 1 11 ? -8.413  16.755  -9.916  1.00 119.60 ? 11 C   A C5    1 
ATOM   241  C  C6    . C   A 1 11 ? -8.216  17.054  -11.204 1.00 119.60 ? 11 C   A C6    1 
ATOM   242  P  P     . C   A 1 12 ? -11.934 19.475  -14.501 1.00 132.41 ? 12 C   A P     1 
ATOM   243  O  OP1   . C   A 1 12 ? -12.577 20.265  -15.587 1.00 132.29 ? 12 C   A OP1   1 
ATOM   244  O  OP2   . C   A 1 12 ? -11.969 19.982  -13.102 1.00 131.75 ? 12 C   A OP2   1 
ATOM   245  O  "O5'" . C   A 1 12 ? -12.542 17.998  -14.510 1.00 126.06 ? 12 C   A "O5'" 1 
ATOM   246  C  "C5'" . C   A 1 12 ? -12.739 17.310  -15.735 1.00 120.77 ? 12 C   A "C5'" 1 
ATOM   247  C  "C4'" . C   A 1 12 ? -13.429 15.997  -15.495 1.00 119.30 ? 12 C   A "C4'" 1 
ATOM   248  O  "O4'" . C   A 1 12 ? -12.596 15.183  -14.628 1.00 117.26 ? 12 C   A "O4'" 1 
ATOM   249  C  "C3'" . C   A 1 12 ? -14.740 16.071  -14.733 1.00 121.07 ? 12 C   A "C3'" 1 
ATOM   250  O  "O3'" . C   A 1 12 ? -15.860 16.448  -15.522 1.00 123.05 ? 12 C   A "O3'" 1 
ATOM   251  C  "C2'" . C   A 1 12 ? -14.861 14.665  -14.158 1.00 119.04 ? 12 C   A "C2'" 1 
ATOM   252  O  "O2'" . C   A 1 12 ? -15.266 13.690  -15.104 1.00 120.27 ? 12 C   A "O2'" 1 
ATOM   253  C  "C1'" . C   A 1 12 ? -13.415 14.394  -13.770 1.00 116.05 ? 12 C   A "C1'" 1 
ATOM   254  N  N1    . C   A 1 12 ? -13.154 14.772  -12.371 1.00 112.75 ? 12 C   A N1    1 
ATOM   255  C  C2    . C   A 1 12 ? -13.502 13.872  -11.342 1.00 111.81 ? 12 C   A C2    1 
ATOM   256  O  O2    . C   A 1 12 ? -14.045 12.798  -11.640 1.00 111.27 ? 12 C   A O2    1 
ATOM   257  N  N3    . C   A 1 12 ? -13.236 14.200  -10.057 1.00 110.58 ? 12 C   A N3    1 
ATOM   258  C  C4    . C   A 1 12 ? -12.651 15.369  -9.778  1.00 110.75 ? 12 C   A C4    1 
ATOM   259  N  N4    . C   A 1 12 ? -12.379 15.649  -8.508  1.00 110.30 ? 12 C   A N4    1 
ATOM   260  C  C5    . C   A 1 12 ? -12.311 16.307  -10.798 1.00 111.29 ? 12 C   A C5    1 
ATOM   261  C  C6    . C   A 1 12 ? -12.580 15.972  -12.067 1.00 111.46 ? 12 C   A C6    1 
ATOM   262  P  P     . G   A 1 13 ? -17.181 17.014  -14.790 1.00 124.16 ? 13 G   A P     1 
ATOM   263  O  OP1   . G   A 1 13 ? -18.156 17.387  -15.849 1.00 125.83 ? 13 G   A OP1   1 
ATOM   264  O  OP2   . G   A 1 13 ? -16.764 18.022  -13.768 1.00 120.66 ? 13 G   A OP2   1 
ATOM   265  O  "O5'" . G   A 1 13 ? -17.777 15.750  -14.030 1.00 119.61 ? 13 G   A "O5'" 1 
ATOM   266  C  "C5'" . G   A 1 13 ? -18.304 14.652  -14.760 1.00 114.65 ? 13 G   A "C5'" 1 
ATOM   267  C  "C4'" . G   A 1 13 ? -18.895 13.662  -13.806 1.00 112.85 ? 13 G   A "C4'" 1 
ATOM   268  O  "O4'" . G   A 1 13 ? -17.858 13.256  -12.876 1.00 111.00 ? 13 G   A "O4'" 1 
ATOM   269  C  "C3'" . G   A 1 13 ? -19.955 14.262  -12.900 1.00 112.87 ? 13 G   A "C3'" 1 
ATOM   270  O  "O3'" . G   A 1 13 ? -21.185 14.466  -13.596 1.00 114.96 ? 13 G   A "O3'" 1 
ATOM   271  C  "C2'" . G   A 1 13 ? -19.927 13.331  -11.690 1.00 110.98 ? 13 G   A "C2'" 1 
ATOM   272  O  "O2'" . G   A 1 13 ? -20.652 12.122  -11.847 1.00 107.78 ? 13 G   A "O2'" 1 
ATOM   273  C  "C1'" . G   A 1 13 ? -18.431 13.025  -11.596 1.00 108.16 ? 13 G   A "C1'" 1 
ATOM   274  N  N9    . G   A 1 13 ? -17.696 13.798  -10.595 1.00 104.19 ? 13 G   A N9    1 
ATOM   275  C  C8    . G   A 1 13 ? -17.016 14.988  -10.757 1.00 102.53 ? 13 G   A C8    1 
ATOM   276  N  N7    . G   A 1 13 ? -16.432 15.395  -9.658  1.00 100.17 ? 13 G   A N7    1 
ATOM   277  C  C5    . G   A 1 13 ? -16.756 14.423  -8.718  1.00 100.60 ? 13 G   A C5    1 
ATOM   278  C  C6    . G   A 1 13 ? -16.418 14.314  -7.336  1.00 100.20 ? 13 G   A C6    1 
ATOM   279  O  O6    . G   A 1 13 ? -15.744 15.080  -6.643  1.00 99.74  ? 13 G   A O6    1 
ATOM   280  N  N1    . G   A 1 13 ? -16.970 13.173  -6.761  1.00 100.04 ? 13 G   A N1    1 
ATOM   281  C  C2    . G   A 1 13 ? -17.757 12.258  -7.420  1.00 101.34 ? 13 G   A C2    1 
ATOM   282  N  N2    . G   A 1 13 ? -18.218 11.236  -6.689  1.00 101.63 ? 13 G   A N2    1 
ATOM   283  N  N3    . G   A 1 13 ? -18.075 12.340  -8.700  1.00 101.66 ? 13 G   A N3    1 
ATOM   284  C  C4    . G   A 1 13 ? -17.544 13.439  -9.282  1.00 101.96 ? 13 G   A C4    1 
ATOM   285  O  "O5'" . C   B 2 1  ? -15.661 10.472  1.001   1.00 118.75 ? 2  C   B "O5'" 1 
ATOM   286  C  "C5'" . C   B 2 1  ? -16.560 9.461   1.449   1.00 118.90 ? 2  C   B "C5'" 1 
ATOM   287  C  "C4'" . C   B 2 1  ? -17.338 9.004   0.248   1.00 119.44 ? 2  C   B "C4'" 1 
ATOM   288  O  "O4'" . C   B 2 1  ? -18.039 10.147  -0.298  1.00 118.81 ? 2  C   B "O4'" 1 
ATOM   289  C  "C3'" . C   B 2 1  ? -16.488 8.530   -0.919  1.00 120.92 ? 2  C   B "C3'" 1 
ATOM   290  O  "O3'" . C   B 2 1  ? -16.103 7.180   -0.814  1.00 122.42 ? 2  C   B "O3'" 1 
ATOM   291  C  "C2'" . C   B 2 1  ? -17.411 8.739   -2.106  1.00 119.52 ? 2  C   B "C2'" 1 
ATOM   292  O  "O2'" . C   B 2 1  ? -18.369 7.708   -2.261  1.00 121.78 ? 2  C   B "O2'" 1 
ATOM   293  C  "C1'" . C   B 2 1  ? -18.072 10.055  -1.715  1.00 116.24 ? 2  C   B "C1'" 1 
ATOM   294  N  N1    . C   B 2 1  ? -17.293 11.166  -2.257  1.00 112.40 ? 2  C   B N1    1 
ATOM   295  C  C2    . C   B 2 1  ? -17.499 11.518  -3.582  1.00 111.08 ? 2  C   B C2    1 
ATOM   296  O  O2    . C   B 2 1  ? -18.334 10.881  -4.238  1.00 109.06 ? 2  C   B O2    1 
ATOM   297  N  N3    . C   B 2 1  ? -16.787 12.534  -4.117  1.00 110.73 ? 2  C   B N3    1 
ATOM   298  C  C4    . C   B 2 1  ? -15.893 13.186  -3.369  1.00 112.14 ? 2  C   B C4    1 
ATOM   299  N  N4    . C   B 2 1  ? -15.202 14.177  -3.946  1.00 112.96 ? 2  C   B N4    1 
ATOM   300  C  C5    . C   B 2 1  ? -15.665 12.848  -1.999  1.00 111.41 ? 2  C   B C5    1 
ATOM   301  C  C6    . C   B 2 1  ? -16.381 11.838  -1.491  1.00 111.18 ? 2  C   B C6    1 
ATOM   302  P  P     . G   B 2 2  ? -14.844 6.670   -1.651  1.00 122.55 ? 3  G   B P     1 
ATOM   303  O  OP1   . G   B 2 2  ? -14.639 5.258   -1.253  1.00 124.70 ? 3  G   B OP1   1 
ATOM   304  O  OP2   . G   B 2 2  ? -13.755 7.659   -1.442  1.00 122.51 ? 3  G   B OP2   1 
ATOM   305  O  "O5'" . G   B 2 2  ? -15.339 6.740   -3.168  1.00 118.88 ? 3  G   B "O5'" 1 
ATOM   306  C  "C5'" . G   B 2 2  ? -16.280 5.793   -3.657  1.00 114.98 ? 3  G   B "C5'" 1 
ATOM   307  C  "C4'" . G   B 2 2  ? -16.494 5.957   -5.147  1.00 113.95 ? 3  G   B "C4'" 1 
ATOM   308  O  "O4'" . G   B 2 2  ? -17.062 7.268   -5.395  1.00 110.05 ? 3  G   B "O4'" 1 
ATOM   309  C  "C3'" . G   B 2 2  ? -15.256 5.931   -6.036  1.00 114.23 ? 3  G   B "C3'" 1 
ATOM   310  O  "O3'" . G   B 2 2  ? -14.776 4.634   -6.366  1.00 118.07 ? 3  G   B "O3'" 1 
ATOM   311  C  "C2'" . G   B 2 2  ? -15.727 6.690   -7.270  1.00 111.18 ? 3  G   B "C2'" 1 
ATOM   312  O  "O2'" . G   B 2 2  ? -16.511 5.940   -8.177  1.00 111.78 ? 3  G   B "O2'" 1 
ATOM   313  C  "C1'" . G   B 2 2  ? -16.574 7.778   -6.627  1.00 106.57 ? 3  G   B "C1'" 1 
ATOM   314  N  N9    . G   B 2 2  ? -15.720 8.918   -6.348  1.00 100.71 ? 3  G   B N9    1 
ATOM   315  C  C8    . G   B 2 2  ? -15.158 9.270   -5.146  1.00 99.79  ? 3  G   B C8    1 
ATOM   316  N  N7    . G   B 2 2  ? -14.424 10.348  -5.224  1.00 99.01  ? 3  G   B N7    1 
ATOM   317  C  C5    . G   B 2 2  ? -14.518 10.728  -6.559  1.00 97.19  ? 3  G   B C5    1 
ATOM   318  C  C6    . G   B 2 2  ? -13.941 11.828  -7.244  1.00 96.43  ? 3  G   B C6    1 
ATOM   319  O  O6    . G   B 2 2  ? -13.226 12.725  -6.791  1.00 97.53  ? 3  G   B O6    1 
ATOM   320  N  N1    . G   B 2 2  ? -14.273 11.821  -8.593  1.00 94.76  ? 3  G   B N1    1 
ATOM   321  C  C2    . G   B 2 2  ? -15.059 10.876  -9.202  1.00 96.71  ? 3  G   B C2    1 
ATOM   322  N  N2    . G   B 2 2  ? -15.242 11.016  -10.520 1.00 97.01  ? 3  G   B N2    1 
ATOM   323  N  N3    . G   B 2 2  ? -15.621 9.860   -8.568  1.00 96.26  ? 3  G   B N3    1 
ATOM   324  C  C4    . G   B 2 2  ? -15.308 9.849   -7.262  1.00 97.32  ? 3  G   B C4    1 
ATOM   325  P  P     . G   B 2 3  ? -13.249 4.464   -6.841  1.00 120.25 ? 4  G   B P     1 
ATOM   326  O  OP1   . G   B 2 3  ? -13.021 3.022   -7.095  1.00 120.97 ? 4  G   B OP1   1 
ATOM   327  O  OP2   . G   B 2 3  ? -12.382 5.196   -5.879  1.00 119.45 ? 4  G   B OP2   1 
ATOM   328  O  "O5'" . G   B 2 3  ? -13.181 5.217   -8.238  1.00 115.70 ? 4  G   B "O5'" 1 
ATOM   329  C  "C5'" . G   B 2 3  ? -13.904 4.708   -9.338  1.00 115.17 ? 4  G   B "C5'" 1 
ATOM   330  C  "C4'" . G   B 2 3  ? -13.569 5.476   -10.581 1.00 115.74 ? 4  G   B "C4'" 1 
ATOM   331  O  "O4'" . G   B 2 3  ? -14.050 6.838   -10.444 1.00 114.13 ? 4  G   B "O4'" 1 
ATOM   332  C  "C3'" . G   B 2 3  ? -12.083 5.652   -10.833 1.00 116.19 ? 4  G   B "C3'" 1 
ATOM   333  O  "O3'" . G   B 2 3  ? -11.518 4.521   -11.466 1.00 121.14 ? 4  G   B "O3'" 1 
ATOM   334  C  "C2'" . G   B 2 3  ? -12.056 6.879   -11.729 1.00 112.98 ? 4  G   B "C2'" 1 
ATOM   335  O  "O2'" . G   B 2 3  ? -12.411 6.583   -13.056 1.00 112.09 ? 4  G   B "O2'" 1 
ATOM   336  C  "C1'" . G   B 2 3  ? -13.158 7.721   -11.101 1.00 110.14 ? 4  G   B "C1'" 1 
ATOM   337  N  N9    . G   B 2 3  ? -12.562 8.600   -10.113 1.00 106.68 ? 4  G   B N9    1 
ATOM   338  C  C8    . G   B 2 3  ? -12.529 8.434   -8.750  1.00 106.09 ? 4  G   B C8    1 
ATOM   339  N  N7    . G   B 2 3  ? -11.887 9.393   -8.140  1.00 105.58 ? 4  G   B N7    1 
ATOM   340  C  C5    . G   B 2 3  ? -11.483 10.241  -9.165  1.00 103.52 ? 4  G   B C5    1 
ATOM   341  C  C6    . G   B 2 3  ? -10.744 11.461  -9.124  1.00 102.83 ? 4  G   B C6    1 
ATOM   342  O  O6    . G   B 2 3  ? -10.303 12.073  -8.136  1.00 101.76 ? 4  G   B O6    1 
ATOM   343  N  N1    . G   B 2 3  ? -10.538 11.968  -10.399 1.00 101.24 ? 4  G   B N1    1 
ATOM   344  C  C2    . G   B 2 3  ? -10.993 11.390  -11.558 1.00 101.89 ? 4  G   B C2    1 
ATOM   345  N  N2    . G   B 2 3  ? -10.683 12.024  -12.688 1.00 102.22 ? 4  G   B N2    1 
ATOM   346  N  N3    . G   B 2 3  ? -11.694 10.274  -11.607 1.00 101.48 ? 4  G   B N3    1 
ATOM   347  C  C4    . G   B 2 3  ? -11.895 9.759   -10.385 1.00 103.79 ? 4  G   B C4    1 
ATOM   348  P  P     . U   B 2 4  ? -9.963  4.188   -11.242 1.00 123.56 ? 5  U   B P     1 
ATOM   349  O  OP1   . U   B 2 4  ? -9.759  2.826   -11.804 1.00 123.64 ? 5  U   B OP1   1 
ATOM   350  O  OP2   . U   B 2 4  ? -9.626  4.465   -9.818  1.00 122.23 ? 5  U   B OP2   1 
ATOM   351  O  "O5'" . U   B 2 4  ? -9.201  5.252   -12.146 1.00 115.78 ? 5  U   B "O5'" 1 
ATOM   352  C  "C5'" . U   B 2 4  ? -9.361  5.222   -13.547 1.00 109.66 ? 5  U   B "C5'" 1 
ATOM   353  C  "C4'" . U   B 2 4  ? -8.730  6.432   -14.165 1.00 107.83 ? 5  U   B "C4'" 1 
ATOM   354  O  "O4'" . U   B 2 4  ? -9.356  7.619   -13.616 1.00 105.70 ? 5  U   B "O4'" 1 
ATOM   355  C  "C3'" . U   B 2 4  ? -7.272  6.622   -13.803 1.00 108.49 ? 5  U   B "C3'" 1 
ATOM   356  O  "O3'" . U   B 2 4  ? -6.403  5.878   -14.630 1.00 111.29 ? 5  U   B "O3'" 1 
ATOM   357  C  "C2'" . U   B 2 4  ? -7.071  8.108   -14.028 1.00 105.81 ? 5  U   B "C2'" 1 
ATOM   358  O  "O2'" . U   B 2 4  ? -6.881  8.416   -15.388 1.00 106.27 ? 5  U   B "O2'" 1 
ATOM   359  C  "C1'" . U   B 2 4  ? -8.400  8.665   -13.531 1.00 103.91 ? 5  U   B "C1'" 1 
ATOM   360  N  N1    . U   B 2 4  ? -8.270  9.085   -12.133 1.00 102.72 ? 5  U   B N1    1 
ATOM   361  C  C2    . U   B 2 4  ? -7.672  10.317  -11.904 1.00 101.50 ? 5  U   B C2    1 
ATOM   362  O  O2    . U   B 2 4  ? -7.332  11.064  -12.807 1.00 99.91  ? 5  U   B O2    1 
ATOM   363  N  N3    . U   B 2 4  ? -7.490  10.638  -10.585 1.00 100.90 ? 5  U   B N3    1 
ATOM   364  C  C4    . U   B 2 4  ? -7.839  9.874   -9.492  1.00 102.05 ? 5  U   B C4    1 
ATOM   365  O  O4    . U   B 2 4  ? -7.446  10.218  -8.374  1.00 102.09 ? 5  U   B O4    1 
ATOM   366  C  C5    . U   B 2 4  ? -8.501  8.631   -9.811  1.00 101.95 ? 5  U   B C5    1 
ATOM   367  C  C6    . U   B 2 4  ? -8.688  8.290   -11.091 1.00 101.70 ? 5  U   B C6    1 
ATOM   368  P  P     . G   B 2 5  ? -4.888  5.664   -14.165 1.00 113.48 ? 6  G   B P     1 
ATOM   369  O  OP1   . G   B 2 5  ? -4.211  4.817   -15.177 1.00 114.17 ? 6  G   B OP1   1 
ATOM   370  O  OP2   . G   B 2 5  ? -4.947  5.222   -12.741 1.00 113.46 ? 6  G   B OP2   1 
ATOM   371  O  "O5'" . G   B 2 5  ? -4.253  7.119   -14.233 1.00 107.07 ? 6  G   B "O5'" 1 
ATOM   372  C  "C5'" . G   B 2 5  ? -4.026  7.731   -15.483 1.00 104.32 ? 6  G   B "C5'" 1 
ATOM   373  C  "C4'" . G   B 2 5  ? -3.281  9.015   -15.289 1.00 104.33 ? 6  G   B "C4'" 1 
ATOM   374  O  "O4'" . G   B 2 5  ? -4.113  9.930   -14.544 1.00 104.46 ? 6  G   B "O4'" 1 
ATOM   375  C  "C3'" . G   B 2 5  ? -2.047  8.891   -14.426 1.00 105.08 ? 6  G   B "C3'" 1 
ATOM   376  O  "O3'" . G   B 2 5  ? -0.931  8.465   -15.161 1.00 107.02 ? 6  G   B "O3'" 1 
ATOM   377  C  "C2'" . G   B 2 5  ? -1.860  10.304  -13.914 1.00 103.85 ? 6  G   B "C2'" 1 
ATOM   378  O  "O2'" . G   B 2 5  ? -1.244  11.150  -14.861 1.00 101.81 ? 6  G   B "O2'" 1 
ATOM   379  C  "C1'" . G   B 2 5  ? -3.309  10.715  -13.679 1.00 103.62 ? 6  G   B "C1'" 1 
ATOM   380  N  N9    . G   B 2 5  ? -3.696  10.422  -12.304 1.00 103.80 ? 6  G   B N9    1 
ATOM   381  C  C8    . G   B 2 5  ? -4.326  9.295   -11.832 1.00 102.95 ? 6  G   B C8    1 
ATOM   382  N  N7    . G   B 2 5  ? -4.499  9.315   -10.537 1.00 102.80 ? 6  G   B N7    1 
ATOM   383  C  C5    . G   B 2 5  ? -3.960  10.532  -10.136 1.00 102.41 ? 6  G   B C5    1 
ATOM   384  C  C6    . G   B 2 5  ? -3.852  11.109  -8.850  1.00 101.93 ? 6  G   B C6    1 
ATOM   385  O  O6    . G   B 2 5  ? -4.229  10.655  -7.777  1.00 103.78 ? 6  G   B O6    1 
ATOM   386  N  N1    . G   B 2 5  ? -3.227  12.346  -8.890  1.00 100.91 ? 6  G   B N1    1 
ATOM   387  C  C2    . G   B 2 5  ? -2.774  12.960  -10.023 1.00 101.05 ? 6  G   B C2    1 
ATOM   388  N  N2    . G   B 2 5  ? -2.199  14.153  -9.852  1.00 99.41  ? 6  G   B N2    1 
ATOM   389  N  N3    . G   B 2 5  ? -2.874  12.441  -11.234 1.00 102.36 ? 6  G   B N3    1 
ATOM   390  C  C4    . G   B 2 5  ? -3.471  11.229  -11.214 1.00 103.02 ? 6  G   B C4    1 
ATOM   391  P  P     . A   B 2 6  ? 0.249   7.708   -14.396 1.00 109.22 ? 7  A   B P     1 
ATOM   392  O  OP1   . A   B 2 6  ? 1.217   7.212   -15.411 1.00 110.24 ? 7  A   B OP1   1 
ATOM   393  O  OP2   . A   B 2 6  ? -0.424  6.747   -13.471 1.00 103.46 ? 7  A   B OP2   1 
ATOM   394  O  "O5'" . A   B 2 6  ? 0.971   8.865   -13.574 1.00 103.10 ? 7  A   B "O5'" 1 
ATOM   395  C  "C5'" . A   B 2 6  ? 1.563   9.964   -14.247 1.00 98.14  ? 7  A   B "C5'" 1 
ATOM   396  C  "C4'" . A   B 2 6  ? 1.853   11.073  -13.267 1.00 98.39  ? 7  A   B "C4'" 1 
ATOM   397  O  "O4'" . A   B 2 6  ? 0.609   11.481  -12.644 1.00 98.77  ? 7  A   B "O4'" 1 
ATOM   398  C  "C3'" . A   B 2 6  ? 2.740   10.699  -12.090 1.00 96.07  ? 7  A   B "C3'" 1 
ATOM   399  O  "O3'" . A   B 2 6  ? 4.113   10.822  -12.384 1.00 93.63  ? 7  A   B "O3'" 1 
ATOM   400  C  "C2'" . A   B 2 6  ? 2.350   11.722  -11.040 1.00 95.74  ? 7  A   B "C2'" 1 
ATOM   401  O  "O2'" . A   B 2 6  ? 3.033   12.953  -11.205 1.00 90.89  ? 7  A   B "O2'" 1 
ATOM   402  C  "C1'" . A   B 2 6  ? 0.845   11.828  -11.286 1.00 96.92  ? 7  A   B "C1'" 1 
ATOM   403  N  N9    . A   B 2 6  ? 0.114   10.879  -10.447 1.00 97.49  ? 7  A   B N9    1 
ATOM   404  C  C8    . A   B 2 6  ? -0.409  9.658   -10.801 1.00 98.08  ? 7  A   B C8    1 
ATOM   405  N  N7    . A   B 2 6  ? -0.972  9.016   -9.806  1.00 97.92  ? 7  A   B N7    1 
ATOM   406  C  C5    . A   B 2 6  ? -0.814  9.876   -8.730  1.00 98.10  ? 7  A   B C5    1 
ATOM   407  C  C6    . A   B 2 6  ? -1.177  9.770   -7.390  1.00 98.31  ? 7  A   B C6    1 
ATOM   408  N  N6    . A   B 2 6  ? -1.782  8.699   -6.882  1.00 99.65  ? 7  A   B N6    1 
ATOM   409  N  N1    . A   B 2 6  ? -0.890  10.808  -6.573  1.00 97.89  ? 7  A   B N1    1 
ATOM   410  C  C2    . A   B 2 6  ? -0.268  11.871  -7.087  1.00 97.37  ? 7  A   B C2    1 
ATOM   411  N  N3    . A   B 2 6  ? 0.141   12.083  -8.332  1.00 96.43  ? 7  A   B N3    1 
ATOM   412  C  C4    . A   B 2 6  ? -0.166  11.035  -9.113  1.00 97.35  ? 7  A   B C4    1 
HETATM 413  P  P     . MTU B 2 7  ? 5.137   9.769   -11.753 1.00 94.09  ? 8  MTU B P     1 
HETATM 414  O  OP1   . MTU B 2 7  ? 6.515   10.133  -12.166 1.00 93.65  ? 8  MTU B OP1   1 
HETATM 415  O  OP2   . MTU B 2 7  ? 4.594   8.402   -12.027 1.00 90.64  ? 8  MTU B OP2   1 
HETATM 416  O  "O5'" . MTU B 2 7  ? 5.044   10.013  -10.189 1.00 94.65  ? 8  MTU B "O5'" 1 
HETATM 417  C  "C5'" . MTU B 2 7  ? 5.396   11.270  -9.625  1.00 93.62  ? 8  MTU B "C5'" 1 
HETATM 418  C  "C4'" . MTU B 2 7  ? 4.987   11.302  -8.177  1.00 92.31  ? 8  MTU B "C4'" 1 
HETATM 419  O  "O4'" . MTU B 2 7  ? 3.578   10.949  -8.104  1.00 93.84  ? 8  MTU B "O4'" 1 
HETATM 420  C  "C1'" . MTU B 2 7  ? 3.330   10.218  -6.918  1.00 92.20  ? 8  MTU B "C1'" 1 
HETATM 421  N  N9    . MTU B 2 7  ? 2.597   9.009   -7.265  1.00 91.31  ? 8  MTU B N9    1 
HETATM 422  C  C4    . MTU B 2 7  ? 1.778   8.285   -6.437  1.00 92.73  ? 8  MTU B C4    1 
HETATM 423  N  N3    . MTU B 2 7  ? 1.525   8.551   -5.137  1.00 94.63  ? 8  MTU B N3    1 
HETATM 424  C  C2    . MTU B 2 7  ? 0.683   7.669   -4.602  1.00 94.83  ? 8  MTU B C2    1 
HETATM 425  N  N2    . MTU B 2 7  ? 0.313   7.774   -3.313  1.00 95.52  ? 8  MTU B N2    1 
HETATM 426  N  N1    . MTU B 2 7  ? 0.136   6.621   -5.288  1.00 93.69  ? 8  MTU B N1    1 
HETATM 427  C  C6    . MTU B 2 7  ? 0.379   6.333   -6.626  1.00 94.93  ? 8  MTU B C6    1 
HETATM 428  C  C5    . MTU B 2 7  ? 1.280   7.267   -7.213  1.00 93.44  ? 8  MTU B C5    1 
HETATM 429  N  N7    . MTU B 2 7  ? 1.777   7.346   -8.506  1.00 92.63  ? 8  MTU B N7    1 
HETATM 430  C  C8    . MTU B 2 7  ? 2.558   8.388   -8.487  1.00 91.23  ? 8  MTU B C8    1 
HETATM 431  C  "C2'" . MTU B 2 7  ? 4.664   10.070  -6.177  1.00 93.00  ? 8  MTU B "C2'" 1 
HETATM 432  O  "O2'" . MTU B 2 7  ? 4.784   11.102  -5.213  1.00 94.82  ? 8  MTU B "O2'" 1 
HETATM 433  C  "C3'" . MTU B 2 7  ? 5.669   10.257  -7.309  1.00 91.91  ? 8  MTU B "C3'" 1 
HETATM 434  O  "O3'" . MTU B 2 7  ? 6.905   10.772  -6.805  1.00 86.12  ? 8  MTU B "O3'" 1 
ATOM   435  P  P     . A   B 2 8  ? 7.857   9.821   -5.928  1.00 85.02  ? 9  A   B P     1 
ATOM   436  O  OP1   . A   B 2 8  ? 9.272   9.992   -6.333  1.00 81.44  ? 9  A   B OP1   1 
ATOM   437  O  OP2   . A   B 2 8  ? 7.227   8.463   -5.960  1.00 79.79  ? 9  A   B OP2   1 
ATOM   438  O  "O5'" . A   B 2 8  ? 7.735   10.401  -4.455  1.00 81.97  ? 9  A   B "O5'" 1 
ATOM   439  C  "C5'" . A   B 2 8  ? 8.137   11.727  -4.155  1.00 79.90  ? 9  A   B "C5'" 1 
ATOM   440  C  "C4'" . A   B 2 8  ? 7.935   11.991  -2.683  1.00 79.19  ? 9  A   B "C4'" 1 
ATOM   441  O  "O4'" . A   B 2 8  ? 6.522   12.037  -2.378  1.00 79.89  ? 9  A   B "O4'" 1 
ATOM   442  C  "C3'" . A   B 2 8  ? 8.494   10.928  -1.766  1.00 78.85  ? 9  A   B "C3'" 1 
ATOM   443  O  "O3'" . A   B 2 8  ? 9.807   11.292  -1.465  1.00 78.43  ? 9  A   B "O3'" 1 
ATOM   444  C  "C2'" . A   B 2 8  ? 7.651   11.092  -0.519  1.00 78.59  ? 9  A   B "C2'" 1 
ATOM   445  O  "O2'" . A   B 2 8  ? 8.137   12.170  0.246   1.00 79.78  ? 9  A   B "O2'" 1 
ATOM   446  C  "C1'" . A   B 2 8  ? 6.285   11.430  -1.124  1.00 80.82  ? 9  A   B "C1'" 1 
ATOM   447  N  N9    . A   B 2 8  ? 5.445   10.264  -1.384  1.00 81.28  ? 9  A   B N9    1 
ATOM   448  C  C8    . A   B 2 8  ? 5.293   9.644   -2.592  1.00 82.01  ? 9  A   B C8    1 
ATOM   449  N  N7    . A   B 2 8  ? 4.454   8.644   -2.569  1.00 82.97  ? 9  A   B N7    1 
ATOM   450  C  C5    . A   B 2 8  ? 4.026   8.604   -1.257  1.00 82.03  ? 9  A   B C5    1 
ATOM   451  C  C6    . A   B 2 8  ? 3.117   7.783   -0.605  1.00 82.62  ? 9  A   B C6    1 
ATOM   452  N  N6    . A   B 2 8  ? 2.421   6.827   -1.219  1.00 82.57  ? 9  A   B N6    1 
ATOM   453  N  N1    . A   B 2 8  ? 2.927   7.982   0.713   1.00 81.54  ? 9  A   B N1    1 
ATOM   454  C  C2    . A   B 2 8  ? 3.602   8.959   1.309   1.00 81.77  ? 9  A   B C2    1 
ATOM   455  N  N3    . A   B 2 8  ? 4.471   9.816   0.794   1.00 81.97  ? 9  A   B N3    1 
ATOM   456  C  C4    . A   B 2 8  ? 4.641   9.581   -0.511  1.00 81.47  ? 9  A   B C4    1 
ATOM   457  P  P     . A   B 2 9  ? 10.865  10.166  -1.101  1.00 83.31  ? 10 A   B P     1 
ATOM   458  O  OP1   . A   B 2 9  ? 12.068  10.969  -0.799  1.00 85.08  ? 10 A   B OP1   1 
ATOM   459  O  OP2   . A   B 2 9  ? 10.914  9.099   -2.136  1.00 79.37  ? 10 A   B OP2   1 
ATOM   460  O  "O5'" . A   B 2 9  ? 10.301  9.518   0.232   1.00 80.51  ? 10 A   B "O5'" 1 
ATOM   461  C  "C5'" . A   B 2 9  ? 10.437  10.174  1.475   1.00 72.56  ? 10 A   B "C5'" 1 
ATOM   462  C  "C4'" . A   B 2 9  ? 9.846   9.322   2.558   1.00 68.10  ? 10 A   B "C4'" 1 
ATOM   463  O  "O4'" . A   B 2 9  ? 8.422   9.261   2.371   1.00 68.12  ? 10 A   B "O4'" 1 
ATOM   464  C  "C3'" . A   B 2 9  ? 10.288  7.882   2.537   1.00 65.38  ? 10 A   B "C3'" 1 
ATOM   465  O  "O3'" . A   B 2 9  ? 11.442  7.765   3.303   1.00 67.45  ? 10 A   B "O3'" 1 
ATOM   466  C  "C2'" . A   B 2 9  ? 9.146   7.186   3.238   1.00 67.36  ? 10 A   B "C2'" 1 
ATOM   467  O  "O2'" . A   B 2 9  ? 9.227   7.366   4.630   1.00 67.19  ? 10 A   B "O2'" 1 
ATOM   468  C  "C1'" . A   B 2 9  ? 7.956   7.976   2.705   1.00 69.17  ? 10 A   B "C1'" 1 
ATOM   469  N  N9    . A   B 2 9  ? 7.374   7.410   1.498   1.00 70.99  ? 10 A   B N9    1 
ATOM   470  C  C8    . A   B 2 9  ? 7.601   7.763   0.189   1.00 72.42  ? 10 A   B C8    1 
ATOM   471  N  N7    . A   B 2 9  ? 6.886   7.081   -0.670  1.00 72.74  ? 10 A   B N7    1 
ATOM   472  C  C5    . A   B 2 9  ? 6.146   6.224   0.130   1.00 72.76  ? 10 A   B C5    1 
ATOM   473  C  C6    . A   B 2 9  ? 5.198   5.251   -0.165  1.00 72.94  ? 10 A   B C6    1 
ATOM   474  N  N6    . A   B 2 9  ? 4.790   4.974   -1.400  1.00 75.85  ? 10 A   B N6    1 
ATOM   475  N  N1    . A   B 2 9  ? 4.663   4.566   0.863   1.00 72.98  ? 10 A   B N1    1 
ATOM   476  C  C2    . A   B 2 9  ? 5.049   4.864   2.105   1.00 72.24  ? 10 A   B C2    1 
ATOM   477  N  N3    . A   B 2 9  ? 5.925   5.761   2.511   1.00 72.35  ? 10 A   B N3    1 
ATOM   478  C  C4    . A   B 2 9  ? 6.445   6.413   1.462   1.00 72.12  ? 10 A   B C4    1 
ATOM   479  P  P     . G   B 2 10 ? 12.494  6.628   2.949   1.00 72.83  ? 11 G   B P     1 
ATOM   480  O  OP1   . G   B 2 10 ? 13.590  6.709   3.939   1.00 70.17  ? 11 G   B OP1   1 
ATOM   481  O  OP2   . G   B 2 10 ? 12.798  6.778   1.503   1.00 74.31  ? 11 G   B OP2   1 
ATOM   482  O  "O5'" . G   B 2 10 ? 11.673  5.295   3.216   1.00 68.91  ? 11 G   B "O5'" 1 
ATOM   483  C  "C5'" . G   B 2 10 ? 11.264  4.963   4.526   1.00 69.31  ? 11 G   B "C5'" 1 
ATOM   484  C  "C4'" . G   B 2 10 ? 10.399  3.732   4.505   1.00 67.48  ? 11 G   B "C4'" 1 
ATOM   485  O  "O4'" . G   B 2 10 ? 9.141   4.055   3.880   1.00 70.08  ? 11 G   B "O4'" 1 
ATOM   486  C  "C3'" . G   B 2 10 ? 10.922  2.564   3.703   1.00 65.47  ? 11 G   B "C3'" 1 
ATOM   487  O  "O3'" . G   B 2 10 ? 11.852  1.788   4.419   1.00 63.75  ? 11 G   B "O3'" 1 
ATOM   488  C  "C2'" . G   B 2 10 ? 9.645   1.810   3.401   1.00 65.38  ? 11 G   B "C2'" 1 
ATOM   489  O  "O2'" . G   B 2 10 ? 9.146   1.202   4.569   1.00 61.88  ? 11 G   B "O2'" 1 
ATOM   490  C  "C1'" . G   B 2 10 ? 8.709   2.966   3.090   1.00 67.72  ? 11 G   B "C1'" 1 
ATOM   491  N  N9    . G   B 2 10 ? 8.724   3.408   1.695   1.00 67.82  ? 11 G   B N9    1 
ATOM   492  C  C8    . G   B 2 10 ? 9.316   4.545   1.212   1.00 67.27  ? 11 G   B C8    1 
ATOM   493  N  N7    . G   B 2 10 ? 9.072   4.752   -0.057  1.00 69.94  ? 11 G   B N7    1 
ATOM   494  C  C5    . G   B 2 10 ? 8.294   3.671   -0.446  1.00 67.94  ? 11 G   B C5    1 
ATOM   495  C  C6    . G   B 2 10 ? 7.715   3.364   -1.703  1.00 67.79  ? 11 G   B C6    1 
ATOM   496  O  O6    . G   B 2 10 ? 7.790   3.997   -2.768  1.00 68.93  ? 11 G   B O6    1 
ATOM   497  N  N1    . G   B 2 10 ? 6.989   2.188   -1.654  1.00 66.77  ? 11 G   B N1    1 
ATOM   498  C  C2    . G   B 2 10 ? 6.847   1.397   -0.541  1.00 68.32  ? 11 G   B C2    1 
ATOM   499  N  N2    . G   B 2 10 ? 6.086   0.298   -0.691  1.00 67.49  ? 11 G   B N2    1 
ATOM   500  N  N3    . G   B 2 10 ? 7.398   1.661   0.632   1.00 66.35  ? 11 G   B N3    1 
ATOM   501  C  C4    . G   B 2 10 ? 8.092   2.811   0.612   1.00 67.22  ? 11 G   B C4    1 
ATOM   502  P  P     . G   B 2 11 ? 12.877  0.860   3.609   1.00 66.26  ? 12 G   B P     1 
ATOM   503  O  OP1   . G   B 2 11 ? 13.764  0.251   4.609   1.00 67.05  ? 12 G   B OP1   1 
ATOM   504  O  OP2   . G   B 2 11 ? 13.459  1.631   2.486   1.00 64.49  ? 12 G   B OP2   1 
ATOM   505  O  "O5'" . G   B 2 11 ? 11.964  -0.308  3.024   1.00 66.23  ? 12 G   B "O5'" 1 
ATOM   506  C  "C5'" . G   B 2 11 ? 11.307  -1.191  3.914   1.00 65.21  ? 12 G   B "C5'" 1 
ATOM   507  C  "C4'" . G   B 2 11 ? 10.457  -2.179  3.166   1.00 64.36  ? 12 G   B "C4'" 1 
ATOM   508  O  "O4'" . G   B 2 11 ? 9.446   -1.457  2.437   1.00 63.90  ? 12 G   B "O4'" 1 
ATOM   509  C  "C3'" . G   B 2 11 ? 11.157  -2.968  2.081   1.00 65.93  ? 12 G   B "C3'" 1 
ATOM   510  O  "O3'" . G   B 2 11 ? 11.860  -4.092  2.563   1.00 66.95  ? 12 G   B "O3'" 1 
ATOM   511  C  "C2'" . G   B 2 11 ? 9.996   -3.384  1.201   1.00 65.78  ? 12 G   B "C2'" 1 
ATOM   512  O  "O2'" . G   B 2 11 ? 9.215   -4.394  1.795   1.00 66.32  ? 12 G   B "O2'" 1 
ATOM   513  C  "C1'" . G   B 2 11 ? 9.164   -2.121  1.221   1.00 63.35  ? 12 G   B "C1'" 1 
ATOM   514  N  N9    . G   B 2 11 ? 9.490   -1.229  0.121   1.00 60.78  ? 12 G   B N9    1 
ATOM   515  C  C8    . G   B 2 11 ? 10.228  -0.094  0.194   1.00 61.55  ? 12 G   B C8    1 
ATOM   516  N  N7    . G   B 2 11 ? 10.263  0.562   -0.933  1.00 64.73  ? 12 G   B N7    1 
ATOM   517  C  C5    . G   B 2 11 ? 9.524   -0.212  -1.806  1.00 61.75  ? 12 G   B C5    1 
ATOM   518  C  C6    . G   B 2 11 ? 9.197   0.005   -3.163  1.00 63.36  ? 12 G   B C6    1 
ATOM   519  O  O6    . G   B 2 11 ? 9.532   0.948   -3.892  1.00 64.61  ? 12 G   B O6    1 
ATOM   520  N  N1    . G   B 2 11 ? 8.402   -1.013  -3.666  1.00 61.04  ? 12 G   B N1    1 
ATOM   521  C  C2    . G   B 2 11 ? 7.998   -2.105  -2.955  1.00 62.98  ? 12 G   B C2    1 
ATOM   522  N  N2    . G   B 2 11 ? 7.217   -2.976  -3.600  1.00 63.32  ? 12 G   B N2    1 
ATOM   523  N  N3    . G   B 2 11 ? 8.323   -2.329  -1.695  1.00 63.07  ? 12 G   B N3    1 
ATOM   524  C  C4    . G   B 2 11 ? 9.069   -1.337  -1.184  1.00 61.01  ? 12 G   B C4    1 
ATOM   525  P  P     . G   B 2 12 ? 13.103  -4.651  1.720   1.00 67.61  ? 13 G   B P     1 
ATOM   526  O  OP1   . G   B 2 12 ? 13.674  -5.779  2.481   1.00 63.48  ? 13 G   B OP1   1 
ATOM   527  O  OP2   . G   B 2 12 ? 13.958  -3.470  1.393   1.00 67.39  ? 13 G   B OP2   1 
ATOM   528  O  "O5'" . G   B 2 12 ? 12.428  -5.206  0.381   1.00 67.02  ? 13 G   B "O5'" 1 
ATOM   529  C  "C5'" . G   B 2 12 ? 11.519  -6.305  0.425   1.00 64.40  ? 13 G   B "C5'" 1 
ATOM   530  C  "C4'" . G   B 2 12 ? 10.930  -6.590  -0.944  1.00 63.40  ? 13 G   B "C4'" 1 
ATOM   531  O  "O4'" . G   B 2 12 ? 10.318  -5.384  -1.468  1.00 63.69  ? 13 G   B "O4'" 1 
ATOM   532  C  "C3'" . G   B 2 12 ? 11.952  -6.923  -2.012  1.00 63.46  ? 13 G   B "C3'" 1 
ATOM   533  O  "O3'" . G   B 2 12 ? 12.288  -8.289  -1.966  1.00 68.08  ? 13 G   B "O3'" 1 
ATOM   534  C  "C2'" . G   B 2 12 ? 11.217  -6.590  -3.299  1.00 63.12  ? 13 G   B "C2'" 1 
ATOM   535  O  "O2'" . G   B 2 12 ? 10.326  -7.606  -3.723  1.00 69.45  ? 13 G   B "O2'" 1 
ATOM   536  C  "C1'" . G   B 2 12 ? 10.412  -5.374  -2.877  1.00 59.97  ? 13 G   B "C1'" 1 
ATOM   537  N  N9    . G   B 2 12 ? 10.959  -4.108  -3.327  1.00 55.11  ? 13 G   B N9    1 
ATOM   538  C  C8    . G   B 2 12 ? 11.712  -3.227  -2.609  1.00 56.68  ? 13 G   B C8    1 
ATOM   539  N  N7    . G   B 2 12 ? 12.062  -2.174  -3.295  1.00 54.31  ? 13 G   B N7    1 
ATOM   540  C  C5    . G   B 2 12 ? 11.496  -2.376  -4.540  1.00 55.07  ? 13 G   B C5    1 
ATOM   541  C  C6    . G   B 2 12 ? 11.527  -1.566  -5.693  1.00 55.41  ? 13 G   B C6    1 
ATOM   542  O  O6    . G   B 2 12 ? 12.085  -0.483  -5.843  1.00 56.41  ? 13 G   B O6    1 
ATOM   543  N  N1    . G   B 2 12 ? 10.816  -2.130  -6.747  1.00 55.33  ? 13 G   B N1    1 
ATOM   544  C  C2    . G   B 2 12 ? 10.158  -3.331  -6.694  1.00 57.11  ? 13 G   B C2    1 
ATOM   545  N  N2    . G   B 2 12 ? 9.517   -3.691  -7.817  1.00 55.60  ? 13 G   B N2    1 
ATOM   546  N  N3    . G   B 2 12 ? 10.129  -4.114  -5.612  1.00 56.75  ? 13 G   B N3    1 
ATOM   547  C  C4    . G   B 2 12 ? 10.814  -3.567  -4.578  1.00 55.01  ? 13 G   B C4    1 
ATOM   548  O  "O5'" . G   C 3 1  ? 10.392  -14.183 -11.166 1.00 73.24  ? 15 G   C "O5'" 1 
ATOM   549  C  "C5'" . G   C 3 1  ? 10.569  -13.211 -12.171 1.00 72.65  ? 15 G   C "C5'" 1 
ATOM   550  C  "C4'" . G   C 3 1  ? 9.626   -13.500 -13.299 1.00 73.55  ? 15 G   C "C4'" 1 
ATOM   551  O  "O4'" . G   C 3 1  ? 9.812   -14.880 -13.695 1.00 78.66  ? 15 G   C "O4'" 1 
ATOM   552  C  "C3'" . G   C 3 1  ? 8.154   -13.438 -12.938 1.00 74.44  ? 15 G   C "C3'" 1 
ATOM   553  O  "O3'" . G   C 3 1  ? 7.666   -12.123 -13.092 1.00 72.86  ? 15 G   C "O3'" 1 
ATOM   554  C  "C2'" . G   C 3 1  ? 7.536   -14.318 -14.007 1.00 78.19  ? 15 G   C "C2'" 1 
ATOM   555  O  "O2'" . G   C 3 1  ? 7.476   -13.609 -15.234 1.00 82.51  ? 15 G   C "O2'" 1 
ATOM   556  C  "C1'" . G   C 3 1  ? 8.583   -15.420 -14.126 1.00 76.93  ? 15 G   C "C1'" 1 
ATOM   557  N  N9    . G   C 3 1  ? 8.303   -16.618 -13.352 1.00 78.10  ? 15 G   C N9    1 
ATOM   558  C  C8    . G   C 3 1  ? 8.898   -17.012 -12.184 1.00 79.21  ? 15 G   C C8    1 
ATOM   559  N  N7    . G   C 3 1  ? 8.442   -18.150 -11.735 1.00 80.59  ? 15 G   C N7    1 
ATOM   560  C  C5    . G   C 3 1  ? 7.488   -18.528 -12.671 1.00 81.39  ? 15 G   C C5    1 
ATOM   561  C  C6    . G   C 3 1  ? 6.656   -19.683 -12.732 1.00 81.70  ? 15 G   C C6    1 
ATOM   562  O  O6    . G   C 3 1  ? 6.621   -20.647 -11.959 1.00 82.96  ? 15 G   C O6    1 
ATOM   563  N  N1    . G   C 3 1  ? 5.811   -19.652 -13.838 1.00 80.87  ? 15 G   C N1    1 
ATOM   564  C  C2    . G   C 3 1  ? 5.782   -18.649 -14.775 1.00 81.98  ? 15 G   C C2    1 
ATOM   565  N  N2    . G   C 3 1  ? 4.885   -18.773 -15.760 1.00 82.18  ? 15 G   C N2    1 
ATOM   566  N  N3    . G   C 3 1  ? 6.571   -17.585 -14.745 1.00 82.39  ? 15 G   C N3    1 
ATOM   567  C  C4    . G   C 3 1  ? 7.387   -17.588 -13.669 1.00 80.71  ? 15 G   C C4    1 
ATOM   568  P  P     . G   C 3 2  ? 6.335   -11.670 -12.324 1.00 70.45  ? 16 G   C P     1 
ATOM   569  O  OP1   . G   C 3 2  ? 6.305   -10.206 -12.474 1.00 78.03  ? 16 G   C OP1   1 
ATOM   570  O  OP2   . G   C 3 2  ? 6.266   -12.275 -10.985 1.00 71.36  ? 16 G   C OP2   1 
ATOM   571  O  "O5'" . G   C 3 2  ? 5.148   -12.260 -13.187 1.00 72.96  ? 16 G   C "O5'" 1 
ATOM   572  C  "C5'" . G   C 3 2  ? 4.928   -11.790 -14.499 1.00 72.99  ? 16 G   C "C5'" 1 
ATOM   573  C  "C4'" . G   C 3 2  ? 3.792   -12.544 -15.114 1.00 73.99  ? 16 G   C "C4'" 1 
ATOM   574  O  "O4'" . G   C 3 2  ? 4.202   -13.913 -15.358 1.00 72.56  ? 16 G   C "O4'" 1 
ATOM   575  C  "C3'" . G   C 3 2  ? 2.576   -12.682 -14.222 1.00 72.78  ? 16 G   C "C3'" 1 
ATOM   576  O  "O3'" . G   C 3 2  ? 1.744   -11.552 -14.280 1.00 73.00  ? 16 G   C "O3'" 1 
ATOM   577  C  "C2'" . G   C 3 2  ? 1.902   -13.902 -14.815 1.00 74.07  ? 16 G   C "C2'" 1 
ATOM   578  O  "O2'" . G   C 3 2  ? 1.279   -13.565 -16.046 1.00 76.77  ? 16 G   C "O2'" 1 
ATOM   579  C  "C1'" . G   C 3 2  ? 3.115   -14.784 -15.101 1.00 74.66  ? 16 G   C "C1'" 1 
ATOM   580  N  N9    . G   C 3 2  ? 3.482   -15.613 -13.956 1.00 75.47  ? 16 G   C N9    1 
ATOM   581  C  C8    . G   C 3 2  ? 4.425   -15.311 -13.005 1.00 74.99  ? 16 G   C C8    1 
ATOM   582  N  N7    . G   C 3 2  ? 4.610   -16.273 -12.143 1.00 76.26  ? 16 G   C N7    1 
ATOM   583  C  C5    . G   C 3 2  ? 3.725   -17.269 -12.535 1.00 76.63  ? 16 G   C C5    1 
ATOM   584  C  C6    . G   C 3 2  ? 3.490   -18.560 -11.985 1.00 76.26  ? 16 G   C C6    1 
ATOM   585  O  O6    . G   C 3 2  ? 4.044   -19.094 -11.044 1.00 78.43  ? 16 G   C O6    1 
ATOM   586  N  N1    . G   C 3 2  ? 2.491   -19.238 -12.665 1.00 76.78  ? 16 G   C N1    1 
ATOM   587  C  C2    . G   C 3 2  ? 1.794   -18.743 -13.744 1.00 78.61  ? 16 G   C C2    1 
ATOM   588  N  N2    . G   C 3 2  ? 0.829   -19.544 -14.237 1.00 76.57  ? 16 G   C N2    1 
ATOM   589  N  N3    . G   C 3 2  ? 2.019   -17.546 -14.290 1.00 77.09  ? 16 G   C N3    1 
ATOM   590  C  C4    . G   C 3 2  ? 2.994   -16.868 -13.635 1.00 76.28  ? 16 G   C C4    1 
ATOM   591  P  P     . C   C 3 3  ? 0.733   -11.261 -13.077 1.00 72.57  ? 17 C   C P     1 
ATOM   592  O  OP1   . C   C 3 3  ? 0.014   -10.022 -13.453 1.00 73.03  ? 17 C   C OP1   1 
ATOM   593  O  OP2   . C   C 3 3  ? 1.448   -11.358 -11.783 1.00 72.24  ? 17 C   C OP2   1 
ATOM   594  O  "O5'" . C   C 3 3  ? -0.286  -12.476 -13.091 1.00 72.96  ? 17 C   C "O5'" 1 
ATOM   595  C  "C5'" . C   C 3 3  ? -1.395  -12.482 -13.961 1.00 75.74  ? 17 C   C "C5'" 1 
ATOM   596  C  "C4'" . C   C 3 3  ? -2.169  -13.751 -13.782 1.00 77.01  ? 17 C   C "C4'" 1 
ATOM   597  O  "O4'" . C   C 3 3  ? -1.237  -14.855 -13.913 1.00 80.23  ? 17 C   C "O4'" 1 
ATOM   598  C  "C3'" . C   C 3 3  ? -2.725  -13.955 -12.387 1.00 78.66  ? 17 C   C "C3'" 1 
ATOM   599  O  "O3'" . C   C 3 3  ? -3.942  -13.289 -12.157 1.00 81.51  ? 17 C   C "O3'" 1 
ATOM   600  C  "C2'" . C   C 3 3  ? -2.889  -15.459 -12.328 1.00 78.63  ? 17 C   C "C2'" 1 
ATOM   601  O  "O2'" . C   C 3 3  ? -4.016  -15.880 -13.075 1.00 79.98  ? 17 C   C "O2'" 1 
ATOM   602  C  "C1'" . C   C 3 3  ? -1.618  -15.907 -13.041 1.00 78.36  ? 17 C   C "C1'" 1 
ATOM   603  N  N1    . C   C 3 3  ? -0.532  -16.162 -12.086 1.00 75.44  ? 17 C   C N1    1 
ATOM   604  C  C2    . C   C 3 3  ? -0.566  -17.340 -11.356 1.00 76.11  ? 17 C   C C2    1 
ATOM   605  O  O2    . C   C 3 3  ? -1.476  -18.143 -11.575 1.00 78.58  ? 17 C   C O2    1 
ATOM   606  N  N3    . C   C 3 3  ? 0.383   -17.585 -10.434 1.00 75.53  ? 17 C   C N3    1 
ATOM   607  C  C4    . C   C 3 3  ? 1.351   -16.704 -10.238 1.00 74.74  ? 17 C   C C4    1 
ATOM   608  N  N4    . C   C 3 3  ? 2.256   -16.985 -9.303  1.00 73.16  ? 17 C   C N4    1 
ATOM   609  C  C5    . C   C 3 3  ? 1.431   -15.495 -10.991 1.00 75.95  ? 17 C   C C5    1 
ATOM   610  C  C6    . C   C 3 3  ? 0.476   -15.268 -11.900 1.00 74.77  ? 17 C   C C6    1 
ATOM   611  P  P     . A   C 3 4  ? -4.310  -12.854 -10.659 1.00 86.69  ? 18 A   C P     1 
ATOM   612  O  OP1   . A   C 3 4  ? -5.600  -12.104 -10.703 1.00 85.36  ? 18 A   C OP1   1 
ATOM   613  O  OP2   . A   C 3 4  ? -3.089  -12.213 -10.092 1.00 82.51  ? 18 A   C OP2   1 
ATOM   614  O  "O5'" . A   C 3 4  ? -4.568  -14.232 -9.906  1.00 84.24  ? 18 A   C "O5'" 1 
ATOM   615  C  "C5'" . A   C 3 4  ? -5.770  -14.936 -10.145 1.00 81.39  ? 18 A   C "C5'" 1 
ATOM   616  C  "C4'" . A   C 3 4  ? -5.815  -16.198 -9.337  1.00 79.97  ? 18 A   C "C4'" 1 
ATOM   617  O  "O4'" . A   C 3 4  ? -4.614  -16.959 -9.602  1.00 79.33  ? 18 A   C "O4'" 1 
ATOM   618  C  "C3'" . A   C 3 4  ? -5.752  -15.994 -7.841  1.00 81.67  ? 18 A   C "C3'" 1 
ATOM   619  O  "O3'" . A   C 3 4  ? -7.012  -15.713 -7.299  1.00 85.59  ? 18 A   C "O3'" 1 
ATOM   620  C  "C2'" . A   C 3 4  ? -5.248  -17.335 -7.351  1.00 81.13  ? 18 A   C "C2'" 1 
ATOM   621  O  "O2'" . A   C 3 4  ? -6.262  -18.316 -7.353  1.00 84.55  ? 18 A   C "O2'" 1 
ATOM   622  C  "C1'" . A   C 3 4  ? -4.243  -17.668 -8.438  1.00 77.80  ? 18 A   C "C1'" 1 
ATOM   623  N  N9    . A   C 3 4  ? -2.915  -17.250 -8.041  1.00 74.32  ? 18 A   C N9    1 
ATOM   624  C  C8    . A   C 3 4  ? -2.144  -16.214 -8.480  1.00 73.18  ? 18 A   C C8    1 
ATOM   625  N  N7    . A   C 3 4  ? -0.957  -16.181 -7.926  1.00 72.90  ? 18 A   C N7    1 
ATOM   626  C  C5    . A   C 3 4  ? -0.968  -17.264 -7.053  1.00 71.97  ? 18 A   C C5    1 
ATOM   627  C  C6    . A   C 3 4  ? -0.007  -17.791 -6.168  1.00 72.17  ? 18 A   C C6    1 
ATOM   628  N  N6    . A   C 3 4  ? 1.215   -17.285 -6.001  1.00 73.59  ? 18 A   C N6    1 
ATOM   629  N  N1    . A   C 3 4  ? -0.347  -18.874 -5.450  1.00 70.85  ? 18 A   C N1    1 
ATOM   630  C  C2    . A   C 3 4  ? -1.563  -19.384 -5.609  1.00 71.77  ? 18 A   C C2    1 
ATOM   631  N  N3    . A   C 3 4  ? -2.547  -18.985 -6.403  1.00 72.22  ? 18 A   C N3    1 
ATOM   632  C  C4    . A   C 3 4  ? -2.173  -17.911 -7.107  1.00 72.31  ? 18 A   C C4    1 
ATOM   633  P  P     . G   C 3 5  ? -7.102  -14.789 -6.006  1.00 86.81  ? 19 G   C P     1 
ATOM   634  O  OP1   . G   C 3 5  ? -8.546  -14.482 -5.816  1.00 87.43  ? 19 G   C OP1   1 
ATOM   635  O  OP2   . G   C 3 5  ? -6.135  -13.679 -6.247  1.00 89.95  ? 19 G   C OP2   1 
ATOM   636  O  "O5'" . G   C 3 5  ? -6.558  -15.731 -4.832  1.00 83.96  ? 19 G   C "O5'" 1 
ATOM   637  C  "C5'" . G   C 3 5  ? -7.260  -16.908 -4.513  1.00 80.62  ? 19 G   C "C5'" 1 
ATOM   638  C  "C4'" . G   C 3 5  ? -6.555  -17.718 -3.462  1.00 80.98  ? 19 G   C "C4'" 1 
ATOM   639  O  "O4'" . G   C 3 5  ? -5.264  -18.155 -3.956  1.00 82.63  ? 19 G   C "O4'" 1 
ATOM   640  C  "C3'" . G   C 3 5  ? -6.179  -16.950 -2.215  1.00 85.35  ? 19 G   C "C3'" 1 
ATOM   641  O  "O3'" . G   C 3 5  ? -7.266  -16.804 -1.328  1.00 91.61  ? 19 G   C "O3'" 1 
ATOM   642  C  "C2'" . G   C 3 5  ? -5.077  -17.811 -1.618  1.00 84.42  ? 19 G   C "C2'" 1 
ATOM   643  O  "O2'" . G   C 3 5  ? -5.530  -18.959 -0.942  1.00 84.49  ? 19 G   C "O2'" 1 
ATOM   644  C  "C1'" . G   C 3 5  ? -4.370  -18.286 -2.869  1.00 83.07  ? 19 G   C "C1'" 1 
ATOM   645  N  N9    . G   C 3 5  ? -3.162  -17.523 -3.109  1.00 84.64  ? 19 G   C N9    1 
ATOM   646  C  C8    . G   C 3 5  ? -2.962  -16.507 -4.005  1.00 85.56  ? 19 G   C C8    1 
ATOM   647  N  N7    . G   C 3 5  ? -1.735  -16.053 -3.982  1.00 86.98  ? 19 G   C N7    1 
ATOM   648  C  C5    . G   C 3 5  ? -1.100  -16.817 -3.005  1.00 84.70  ? 19 G   C C5    1 
ATOM   649  C  C6    . G   C 3 5  ? 0.244   -16.796 -2.533  1.00 84.93  ? 19 G   C C6    1 
ATOM   650  O  O6    . G   C 3 5  ? 1.183   -16.081 -2.895  1.00 86.65  ? 19 G   C O6    1 
ATOM   651  N  N1    . G   C 3 5  ? 0.445   -17.731 -1.538  1.00 83.27  ? 19 G   C N1    1 
ATOM   652  C  C2    . G   C 3 5  ? -0.503  -18.577 -1.057  1.00 83.03  ? 19 G   C C2    1 
ATOM   653  N  N2    . G   C 3 5  ? -0.102  -19.406 -0.097  1.00 83.77  ? 19 G   C N2    1 
ATOM   654  N  N3    . G   C 3 5  ? -1.748  -18.612 -1.482  1.00 82.98  ? 19 G   C N3    1 
ATOM   655  C  C4    . G   C 3 5  ? -1.973  -17.715 -2.451  1.00 83.78  ? 19 G   C C4    1 
ATOM   656  P  P     . A   C 3 6  ? -7.294  -15.549 -0.330  1.00 92.97  ? 20 A   C P     1 
ATOM   657  O  OP1   . A   C 3 6  ? -8.522  -15.674 0.494   1.00 90.86  ? 20 A   C OP1   1 
ATOM   658  O  OP2   . A   C 3 6  ? -7.109  -14.356 -1.199  1.00 91.92  ? 20 A   C OP2   1 
ATOM   659  O  "O5'" . A   C 3 6  ? -6.022  -15.781 0.607   1.00 85.04  ? 20 A   C "O5'" 1 
ATOM   660  C  "C5'" . A   C 3 6  ? -6.101  -16.720 1.664   1.00 81.76  ? 20 A   C "C5'" 1 
ATOM   661  C  "C4'" . A   C 3 6  ? -4.742  -17.026 2.228   1.00 79.88  ? 20 A   C "C4'" 1 
ATOM   662  O  "O4'" . A   C 3 6  ? -3.834  -17.282 1.132   1.00 82.61  ? 20 A   C "O4'" 1 
ATOM   663  C  "C3'" . A   C 3 6  ? -4.073  -15.884 2.960   1.00 80.95  ? 20 A   C "C3'" 1 
ATOM   664  O  "O3'" . A   C 3 6  ? -4.526  -15.730 4.286   1.00 81.37  ? 20 A   C "O3'" 1 
ATOM   665  C  "C2'" . A   C 3 6  ? -2.598  -16.243 2.873   1.00 80.36  ? 20 A   C "C2'" 1 
ATOM   666  O  "O2'" . A   C 3 6  ? -2.160  -17.195 3.800   1.00 79.08  ? 20 A   C "O2'" 1 
ATOM   667  C  "C1'" . A   C 3 6  ? -2.529  -16.825 1.470   1.00 82.28  ? 20 A   C "C1'" 1 
ATOM   668  N  N9    . A   C 3 6  ? -2.119  -15.792 0.526   1.00 82.79  ? 20 A   C N9    1 
ATOM   669  C  C8    . A   C 3 6  ? -2.857  -15.088 -0.402  1.00 83.79  ? 20 A   C C8    1 
ATOM   670  N  N7    . A   C 3 6  ? -2.160  -14.186 -1.052  1.00 82.79  ? 20 A   C N7    1 
ATOM   671  C  C5    . A   C 3 6  ? -0.882  -14.312 -0.522  1.00 81.50  ? 20 A   C C5    1 
ATOM   672  C  C6    . A   C 3 6  ? 0.308   -13.633 -0.776  1.00 80.22  ? 20 A   C C6    1 
ATOM   673  N  N6    . A   C 3 6  ? 0.406   -12.640 -1.642  1.00 79.38  ? 20 A   C N6    1 
ATOM   674  N  N1    . A   C 3 6  ? 1.408   -14.008 -0.089  1.00 81.21  ? 20 A   C N1    1 
ATOM   675  C  C2    . A   C 3 6  ? 1.298   -14.994 0.812   1.00 81.82  ? 20 A   C C2    1 
ATOM   676  N  N3    . A   C 3 6  ? 0.225   -15.700 1.156   1.00 82.34  ? 20 A   C N3    1 
ATOM   677  C  C4    . A   C 3 6  ? -0.842  -15.305 0.439   1.00 82.16  ? 20 A   C C4    1 
ATOM   678  P  P     . G   C 3 7  ? -4.767  -14.246 4.847   1.00 87.98  ? 21 G   C P     1 
ATOM   679  O  OP1   . G   C 3 7  ? -5.185  -14.293 6.277   1.00 87.21  ? 21 G   C OP1   1 
ATOM   680  O  OP2   . G   C 3 7  ? -5.637  -13.556 3.835   1.00 83.00  ? 21 G   C OP2   1 
ATOM   681  O  "O5'" . G   C 3 7  ? -3.293  -13.641 4.864   1.00 83.94  ? 21 G   C "O5'" 1 
ATOM   682  C  "C5'" . G   C 3 7  ? -2.297  -14.287 5.627   1.00 81.04  ? 21 G   C "C5'" 1 
ATOM   683  C  "C4'" . G   C 3 7  ? -0.992  -13.550 5.541   1.00 81.04  ? 21 G   C "C4'" 1 
ATOM   684  O  "O4'" . G   C 3 7  ? -0.448  -13.676 4.208   1.00 79.11  ? 21 G   C "O4'" 1 
ATOM   685  C  "C3'" . G   C 3 7  ? -1.051  -12.059 5.795   1.00 80.99  ? 21 G   C "C3'" 1 
ATOM   686  O  "O3'" . G   C 3 7  ? -0.965  -11.813 7.190   1.00 85.63  ? 21 G   C "O3'" 1 
ATOM   687  C  "C2'" . G   C 3 7  ? 0.210   -11.584 5.094   1.00 82.00  ? 21 G   C "C2'" 1 
ATOM   688  O  "O2'" . G   C 3 7  ? 1.337   -11.881 5.900   1.00 81.56  ? 21 G   C "O2'" 1 
ATOM   689  C  "C1'" . G   C 3 7  ? 0.229   -12.486 3.857   1.00 79.76  ? 21 G   C "C1'" 1 
ATOM   690  N  N9    . G   C 3 7  ? -0.423  -11.927 2.676   1.00 77.50  ? 21 G   C N9    1 
ATOM   691  C  C8    . G   C 3 7  ? -1.763  -11.999 2.368   1.00 77.93  ? 21 G   C C8    1 
ATOM   692  N  N7    . G   C 3 7  ? -2.065  -11.405 1.245   1.00 77.95  ? 21 G   C N7    1 
ATOM   693  C  C5    . G   C 3 7  ? -0.851  -10.912 0.784   1.00 77.74  ? 21 G   C C5    1 
ATOM   694  C  C6    . G   C 3 7  ? -0.557  -10.175 -0.382  1.00 77.74  ? 21 G   C C6    1 
ATOM   695  O  O6    . G   C 3 7  ? -1.341  -9.801  -1.265  1.00 81.01  ? 21 G   C O6    1 
ATOM   696  N  N1    . G   C 3 7  ? 0.800   -9.862  -0.471  1.00 75.57  ? 21 G   C N1    1 
ATOM   697  C  C2    . G   C 3 7  ? 1.751   -10.219 0.447   1.00 76.17  ? 21 G   C C2    1 
ATOM   698  N  N2    . G   C 3 7  ? 3.005   -9.794  0.184   1.00 73.10  ? 21 G   C N2    1 
ATOM   699  N  N3    . G   C 3 7  ? 1.490   -10.928 1.547   1.00 76.52  ? 21 G   C N3    1 
ATOM   700  C  C4    . G   C 3 7  ? 0.174   -11.229 1.651   1.00 76.49  ? 21 G   C C4    1 
ATOM   701  P  P     . A   C 3 8  ? -1.780  -10.593 7.833   1.00 84.90  ? 22 A   C P     1 
ATOM   702  O  OP1   . A   C 3 8  ? -2.123  -10.989 9.214   1.00 87.97  ? 22 A   C OP1   1 
ATOM   703  O  OP2   . A   C 3 8  ? -2.855  -10.209 6.891   1.00 86.40  ? 22 A   C OP2   1 
ATOM   704  O  "O5'" . A   C 3 8  ? -0.713  -9.411  7.866   1.00 86.96  ? 22 A   C "O5'" 1 
ATOM   705  C  "C5'" . A   C 3 8  ? -0.134  -8.952  9.088   1.00 79.81  ? 22 A   C "C5'" 1 
ATOM   706  C  "C4'" . A   C 3 8  ? 1.341   -9.321  9.153   1.00 79.89  ? 22 A   C "C4'" 1 
ATOM   707  O  "O4'" . A   C 3 8  ? 1.801   -9.937  7.907   1.00 75.39  ? 22 A   C "O4'" 1 
ATOM   708  C  "C3'" . A   C 3 8  ? 2.261   -8.128  9.301   1.00 76.42  ? 22 A   C "C3'" 1 
ATOM   709  O  "O3'" . A   C 3 8  ? 2.290   -7.692  10.641  1.00 76.28  ? 22 A   C "O3'" 1 
ATOM   710  C  "C2'" . A   C 3 8  ? 3.595   -8.662  8.794   1.00 73.17  ? 22 A   C "C2'" 1 
ATOM   711  O  "O2'" . A   C 3 8  ? 4.253   -9.454  9.747   1.00 72.32  ? 22 A   C "O2'" 1 
ATOM   712  C  "C1'" . A   C 3 8  ? 3.147   -9.569  7.655   1.00 69.64  ? 22 A   C "C1'" 1 
ATOM   713  N  N9    . A   C 3 8  ? 3.232   -8.915  6.354   1.00 68.79  ? 22 A   C N9    1 
ATOM   714  C  C8    . A   C 3 8  ? 2.223   -8.514  5.506   1.00 68.09  ? 22 A   C C8    1 
ATOM   715  N  N7    . A   C 3 8  ? 2.653   -7.910  4.419   1.00 66.46  ? 22 A   C N7    1 
ATOM   716  C  C5    . A   C 3 8  ? 4.033   -7.923  4.558   1.00 67.22  ? 22 A   C C5    1 
ATOM   717  C  C6    . A   C 3 8  ? 5.057   -7.423  3.757   1.00 66.22  ? 22 A   C C6    1 
ATOM   718  N  N6    . A   C 3 8  ? 4.834   -6.789  2.612   1.00 69.19  ? 22 A   C N6    1 
ATOM   719  N  N1    . A   C 3 8  ? 6.330   -7.593  4.173   1.00 65.33  ? 22 A   C N1    1 
ATOM   720  C  C2    . A   C 3 8  ? 6.542   -8.242  5.331   1.00 67.27  ? 22 A   C C2    1 
ATOM   721  N  N3    . A   C 3 8  ? 5.657   -8.760  6.186   1.00 65.32  ? 22 A   C N3    1 
ATOM   722  C  C4    . A   C 3 8  ? 4.405   -8.557  5.736   1.00 68.48  ? 22 A   C C4    1 
ATOM   723  P  P     . A   C 3 9  ? 2.328   -6.129  10.933  1.00 78.59  ? 23 A   C P     1 
ATOM   724  O  OP1   . A   C 3 9  ? 2.257   -5.842  12.375  1.00 83.53  ? 23 A   C OP1   1 
ATOM   725  O  OP2   . A   C 3 9  ? 1.342   -5.524  10.023  1.00 80.23  ? 23 A   C OP2   1 
ATOM   726  O  "O5'" . A   C 3 9  ? 3.800   -5.770  10.487  1.00 78.03  ? 23 A   C "O5'" 1 
ATOM   727  C  "C5'" . A   C 3 9  ? 4.870   -6.529  10.993  1.00 75.32  ? 23 A   C "C5'" 1 
ATOM   728  C  "C4'" . A   C 3 9  ? 6.112   -6.178  10.260  1.00 75.10  ? 23 A   C "C4'" 1 
ATOM   729  O  "O4'" . A   C 3 9  ? 5.979   -6.631  8.896   1.00 75.11  ? 23 A   C "O4'" 1 
ATOM   730  C  "C3'" . A   C 3 9  ? 6.289   -4.685  10.129  1.00 77.06  ? 23 A   C "C3'" 1 
ATOM   731  O  "O3'" . A   C 3 9  ? 6.921   -4.177  11.278  1.00 78.22  ? 23 A   C "O3'" 1 
ATOM   732  C  "C2'" . A   C 3 9  ? 7.180   -4.577  8.907   1.00 77.74  ? 23 A   C "C2'" 1 
ATOM   733  O  "O2'" . A   C 3 9  ? 8.529   -4.814  9.244   1.00 81.93  ? 23 A   C "O2'" 1 
ATOM   734  C  "C1'" . A   C 3 9  ? 6.622   -5.707  8.034   1.00 75.78  ? 23 A   C "C1'" 1 
ATOM   735  N  N9    . A   C 3 9  ? 5.642   -5.232  7.059   1.00 71.74  ? 23 A   C N9    1 
ATOM   736  C  C8    . A   C 3 9  ? 4.282   -5.372  7.075   1.00 71.20  ? 23 A   C C8    1 
ATOM   737  N  N7    . A   C 3 9  ? 3.681   -4.794  6.065   1.00 70.59  ? 23 A   C N7    1 
ATOM   738  C  C5    . A   C 3 9  ? 4.721   -4.237  5.338   1.00 69.54  ? 23 A   C C5    1 
ATOM   739  C  C6    . A   C 3 9  ? 4.748   -3.465  4.164   1.00 69.54  ? 23 A   C C6    1 
ATOM   740  N  N6    . A   C 3 9  ? 3.654   -3.070  3.511   1.00 67.28  ? 23 A   C N6    1 
ATOM   741  N  N1    . A   C 3 9  ? 5.954   -3.097  3.682   1.00 69.60  ? 23 A   C N1    1 
ATOM   742  C  C2    . A   C 3 9  ? 7.047   -3.458  4.357   1.00 71.26  ? 23 A   C C2    1 
ATOM   743  N  N3    . A   C 3 9  ? 7.146   -4.156  5.488   1.00 70.95  ? 23 A   C N3    1 
ATOM   744  C  C4    . A   C 3 9  ? 5.932   -4.520  5.925   1.00 69.78  ? 23 A   C C4    1 
ATOM   745  P  P     . A   C 3 10 ? 6.729   -2.637  11.670  1.00 79.73  ? 24 A   C P     1 
ATOM   746  O  OP1   . A   C 3 10 ? 7.581   -2.418  12.865  1.00 78.98  ? 24 A   C OP1   1 
ATOM   747  O  OP2   . A   C 3 10 ? 5.278   -2.315  11.730  1.00 74.24  ? 24 A   C OP2   1 
ATOM   748  O  "O5'" . A   C 3 10 ? 7.416   -1.864  10.467  1.00 75.52  ? 24 A   C "O5'" 1 
ATOM   749  C  "C5'" . A   C 3 10 ? 8.819   -1.696  10.457  1.00 73.01  ? 24 A   C "C5'" 1 
ATOM   750  C  "C4'" . A   C 3 10 ? 9.232   -0.966  9.222   1.00 72.87  ? 24 A   C "C4'" 1 
ATOM   751  O  "O4'" . A   C 3 10 ? 8.715   -1.700  8.091   1.00 74.38  ? 24 A   C "O4'" 1 
ATOM   752  C  "C3'" . A   C 3 10 ? 8.637   0.418   9.062   1.00 73.61  ? 24 A   C "C3'" 1 
ATOM   753  O  "O3'" . A   C 3 10 ? 9.409   1.402   9.711   1.00 69.87  ? 24 A   C "O3'" 1 
ATOM   754  C  "C2'" . A   C 3 10 ? 8.687   0.608   7.560   1.00 74.90  ? 24 A   C "C2'" 1 
ATOM   755  O  "O2'" . A   C 3 10 ? 9.983   0.932   7.101   1.00 82.76  ? 24 A   C "O2'" 1 
ATOM   756  C  "C1'" . A   C 3 10 ? 8.319   -0.793  7.085   1.00 73.03  ? 24 A   C "C1'" 1 
ATOM   757  N  N9    . A   C 3 10 ? 6.880   -0.899  6.949   1.00 69.35  ? 24 A   C N9    1 
ATOM   758  C  C8    . A   C 3 10 ? 5.993   -1.556  7.755   1.00 69.18  ? 24 A   C C8    1 
ATOM   759  N  N7    . A   C 3 10 ? 4.750   -1.455  7.356   1.00 69.29  ? 24 A   C N7    1 
ATOM   760  C  C5    . A   C 3 10 ? 4.834   -0.676  6.210   1.00 67.39  ? 24 A   C C5    1 
ATOM   761  C  C6    . A   C 3 10 ? 3.870   -0.203  5.327   1.00 66.93  ? 24 A   C C6    1 
ATOM   762  N  N6    . A   C 3 10 ? 2.562   -0.441  5.453   1.00 67.28  ? 24 A   C N6    1 
ATOM   763  N  N1    . A   C 3 10 ? 4.292   0.542   4.292   1.00 66.92  ? 24 A   C N1    1 
ATOM   764  C  C2    . A   C 3 10 ? 5.602   0.791   4.166   1.00 67.25  ? 24 A   C C2    1 
ATOM   765  N  N3    . A   C 3 10 ? 6.598   0.408   4.933   1.00 67.36  ? 24 A   C N3    1 
ATOM   766  C  C4    . A   C 3 10 ? 6.140   -0.331  5.952   1.00 67.70  ? 24 A   C C4    1 
ATOM   767  P  P     . C   C 3 11 ? 8.673   2.668   10.353  1.00 71.21  ? 25 C   C P     1 
ATOM   768  O  OP1   . C   C 3 11 ? 9.716   3.532   10.966  1.00 68.53  ? 25 C   C OP1   1 
ATOM   769  O  OP2   . C   C 3 11 ? 7.578   2.090   11.187  1.00 67.97  ? 25 C   C OP2   1 
ATOM   770  O  "O5'" . C   C 3 11 ? 8.052   3.450   9.111   1.00 67.32  ? 25 C   C "O5'" 1 
ATOM   771  C  "C5'" . C   C 3 11 ? 8.913   4.088   8.182   1.00 67.61  ? 25 C   C "C5'" 1 
ATOM   772  C  "C4'" . C   C 3 11 ? 8.138   4.690   7.035   1.00 62.50  ? 25 C   C "C4'" 1 
ATOM   773  O  "O4'" . C   C 3 11 ? 7.417   3.661   6.314   1.00 62.59  ? 25 C   C "O4'" 1 
ATOM   774  C  "C3'" . C   C 3 11 ? 7.067   5.670   7.444   1.00 62.63  ? 25 C   C "C3'" 1 
ATOM   775  O  "O3'" . C   C 3 11 ? 7.656   6.937   7.587   1.00 67.57  ? 25 C   C "O3'" 1 
ATOM   776  C  "C2'" . C   C 3 11 ? 6.139   5.652   6.245   1.00 60.75  ? 25 C   C "C2'" 1 
ATOM   777  O  "O2'" . C   C 3 11 ? 6.668   6.434   5.195   1.00 57.64  ? 25 C   C "O2'" 1 
ATOM   778  C  "C1'" . C   C 3 11 ? 6.177   4.177   5.862   1.00 58.42  ? 25 C   C "C1'" 1 
ATOM   779  N  N1    . C   C 3 11 ? 5.111   3.422   6.517   1.00 58.07  ? 25 C   C N1    1 
ATOM   780  C  C2    . C   C 3 11 ? 3.811   3.471   5.985   1.00 58.33  ? 25 C   C C2    1 
ATOM   781  O  O2    . C   C 3 11 ? 3.593   4.188   5.012   1.00 60.86  ? 25 C   C O2    1 
ATOM   782  N  N3    . C   C 3 11 ? 2.834   2.744   6.548   1.00 56.05  ? 25 C   C N3    1 
ATOM   783  C  C4    . C   C 3 11 ? 3.104   2.002   7.617   1.00 55.69  ? 25 C   C C4    1 
ATOM   784  N  N4    . C   C 3 11 ? 2.107   1.285   8.144   1.00 57.75  ? 25 C   C N4    1 
ATOM   785  C  C5    . C   C 3 11 ? 4.408   1.954   8.195   1.00 54.49  ? 25 C   C C5    1 
ATOM   786  C  C6    . C   C 3 11 ? 5.371   2.670   7.620   1.00 54.17  ? 25 C   C C6    1 
ATOM   787  P  P     . A   C 3 12 ? 6.879   8.089   8.381   1.00 67.61  ? 26 A   C P     1 
ATOM   788  O  OP1   . A   C 3 12 ? 7.802   9.255   8.321   1.00 66.60  ? 26 A   C OP1   1 
ATOM   789  O  OP2   . A   C 3 12 ? 6.468   7.528   9.685   1.00 67.07  ? 26 A   C OP2   1 
ATOM   790  O  "O5'" . A   C 3 12 ? 5.558   8.370   7.537   1.00 64.06  ? 26 A   C "O5'" 1 
ATOM   791  C  "C5'" . A   C 3 12 ? 5.617   9.095   6.319   1.00 59.93  ? 26 A   C "C5'" 1 
ATOM   792  C  "C4'" . A   C 3 12 ? 4.247   9.148   5.684   1.00 64.23  ? 26 A   C "C4'" 1 
ATOM   793  O  "O4'" . A   C 3 12 ? 3.767   7.799   5.463   1.00 62.71  ? 26 A   C "O4'" 1 
ATOM   794  C  "C3'" . A   C 3 12 ? 3.159   9.763   6.535   1.00 67.16  ? 26 A   C "C3'" 1 
ATOM   795  O  "O3'" . A   C 3 12 ? 3.193   11.170  6.436   1.00 73.29  ? 26 A   C "O3'" 1 
ATOM   796  C  "C2'" . A   C 3 12 ? 1.894   9.146   5.952   1.00 63.12  ? 26 A   C "C2'" 1 
ATOM   797  O  "O2'" . A   C 3 12 ? 1.519   9.679   4.711   1.00 65.45  ? 26 A   C "O2'" 1 
ATOM   798  C  "C1'" . A   C 3 12 ? 2.368   7.737   5.675   1.00 59.21  ? 26 A   C "C1'" 1 
ATOM   799  N  N9    . A   C 3 12 ? 2.125   6.868   6.816   1.00 59.63  ? 26 A   C N9    1 
ATOM   800  C  C8    . A   C 3 12 ? 3.030   6.375   7.721   1.00 58.10  ? 26 A   C C8    1 
ATOM   801  N  N7    . A   C 3 12 ? 2.499   5.555   8.595   1.00 59.24  ? 26 A   C N7    1 
ATOM   802  C  C5    . A   C 3 12 ? 1.157   5.523   8.246   1.00 57.19  ? 26 A   C C5    1 
ATOM   803  C  C6    . A   C 3 12 ? 0.084   4.821   8.761   1.00 58.10  ? 26 A   C C6    1 
ATOM   804  N  N6    . A   C 3 12 ? 0.191   3.991   9.791   1.00 58.69  ? 26 A   C N6    1 
ATOM   805  N  N1    . A   C 3 12 ? -1.122  4.991   8.181   1.00 58.54  ? 26 A   C N1    1 
ATOM   806  C  C2    . A   C 3 12 ? -1.219  5.831   7.152   1.00 59.06  ? 26 A   C C2    1 
ATOM   807  N  N3    . A   C 3 12 ? -0.276  6.558   6.576   1.00 60.00  ? 26 A   C N3    1 
ATOM   808  C  C4    . A   C 3 12 ? 0.910   6.345   7.174   1.00 58.15  ? 26 A   C C4    1 
ATOM   809  P  P     . C   C 3 13 ? 2.790   12.061  7.707   1.00 73.86  ? 27 C   C P     1 
ATOM   810  O  OP1   . C   C 3 13 ? 2.975   13.453  7.240   1.00 70.82  ? 27 C   C OP1   1 
ATOM   811  O  OP2   . C   C 3 13 ? 3.576   11.572  8.880   1.00 71.12  ? 27 C   C OP2   1 
ATOM   812  O  "O5'" . C   C 3 13 ? 1.226   11.744  7.897   1.00 68.40  ? 27 C   C "O5'" 1 
ATOM   813  C  "C5'" . C   C 3 13 ? 0.272   12.264  6.979   1.00 66.83  ? 27 C   C "C5'" 1 
ATOM   814  C  "C4'" . C   C 3 13 ? -1.087  11.631  7.171   1.00 68.02  ? 27 C   C "C4'" 1 
ATOM   815  O  "O4'" . C   C 3 13 ? -0.957  10.189  7.148   1.00 71.01  ? 27 C   C "O4'" 1 
ATOM   816  C  "C3'" . C   C 3 13 ? -1.732  11.881  8.514   1.00 72.21  ? 27 C   C "C3'" 1 
ATOM   817  O  "O3'" . C   C 3 13 ? -2.355  13.157  8.528   1.00 77.78  ? 27 C   C "O3'" 1 
ATOM   818  C  "C2'" . C   C 3 13 ? -2.716  10.718  8.633   1.00 71.07  ? 27 C   C "C2'" 1 
ATOM   819  O  "O2'" . C   C 3 13 ? -3.896  10.869  7.873   1.00 72.27  ? 27 C   C "O2'" 1 
ATOM   820  C  "C1'" . C   C 3 13 ? -1.916  9.591   8.003   1.00 65.80  ? 27 C   C "C1'" 1 
ATOM   821  N  N1    . C   C 3 13 ? -1.215  8.786   8.991   1.00 63.26  ? 27 C   C N1    1 
ATOM   822  C  C2    . C   C 3 13 ? -1.917  7.790   9.682   1.00 64.65  ? 27 C   C C2    1 
ATOM   823  O  O2    . C   C 3 13 ? -3.095  7.565   9.375   1.00 66.01  ? 27 C   C O2    1 
ATOM   824  N  N3    . C   C 3 13 ? -1.289  7.091   10.656  1.00 62.85  ? 27 C   C N3    1 
ATOM   825  C  C4    . C   C 3 13 ? -0.010  7.345   10.927  1.00 62.78  ? 27 C   C C4    1 
ATOM   826  N  N4    . C   C 3 13 ? 0.565   6.678   11.914  1.00 63.96  ? 27 C   C N4    1 
ATOM   827  C  C5    . C   C 3 13 ? 0.738   8.312   10.202  1.00 64.53  ? 27 C   C C5    1 
ATOM   828  C  C6    . C   C 3 13 ? 0.100   9.010   9.253   1.00 63.57  ? 27 C   C C6    1 
ATOM   829  P  P     . A   C 3 14 ? -2.372  14.015  9.887   1.00 78.19  ? 28 A   C P     1 
ATOM   830  O  OP1   . A   C 3 14 ? -2.918  15.349  9.537   1.00 79.37  ? 28 A   C OP1   1 
ATOM   831  O  OP2   . A   C 3 14 ? -1.019  13.920  10.478  1.00 77.66  ? 28 A   C OP2   1 
ATOM   832  O  "O5'" . A   C 3 14 ? -3.449  13.248  10.771  1.00 71.56  ? 28 A   C "O5'" 1 
ATOM   833  C  "C5'" . A   C 3 14 ? -4.775  13.198  10.300  1.00 67.46  ? 28 A   C "C5'" 1 
ATOM   834  C  "C4'" . A   C 3 14 ? -5.611  12.263  11.115  1.00 69.81  ? 28 A   C "C4'" 1 
ATOM   835  O  "O4'" . A   C 3 14 ? -5.085  10.921  10.970  1.00 67.64  ? 28 A   C "O4'" 1 
ATOM   836  C  "C3'" . A   C 3 14 ? -5.576  12.492  12.619  1.00 70.15  ? 28 A   C "C3'" 1 
ATOM   837  O  "O3'" . A   C 3 14 ? -6.454  13.507  13.046  1.00 68.99  ? 28 A   C "O3'" 1 
ATOM   838  C  "C2'" . A   C 3 14 ? -6.021  11.145  13.145  1.00 70.05  ? 28 A   C "C2'" 1 
ATOM   839  O  "O2'" . A   C 3 14 ? -7.426  11.032  12.973  1.00 68.06  ? 28 A   C "O2'" 1 
ATOM   840  C  "C1'" . A   C 3 14 ? -5.288  10.208  12.183  1.00 66.99  ? 28 A   C "C1'" 1 
ATOM   841  N  N9    . A   C 3 14 ? -3.989  9.796   12.694  1.00 62.20  ? 28 A   C N9    1 
ATOM   842  C  C8    . A   C 3 14 ? -2.766  10.329  12.398  1.00 63.87  ? 28 A   C C8    1 
ATOM   843  N  N7    . A   C 3 14 ? -1.767  9.736   13.015  1.00 62.34  ? 28 A   C N7    1 
ATOM   844  C  C5    . A   C 3 14 ? -2.384  8.753   13.761  1.00 60.31  ? 28 A   C C5    1 
ATOM   845  C  C6    . A   C 3 14 ? -1.875  7.781   14.601  1.00 61.48  ? 28 A   C C6    1 
ATOM   846  N  N6    . A   C 3 14 ? -0.576  7.663   14.865  1.00 60.15  ? 28 A   C N6    1 
ATOM   847  N  N1    . A   C 3 14 ? -2.747  6.915   15.170  1.00 62.35  ? 28 A   C N1    1 
ATOM   848  C  C2    . A   C 3 14 ? -4.043  7.053   14.905  1.00 60.54  ? 28 A   C C2    1 
ATOM   849  N  N3    . A   C 3 14 ? -4.648  7.951   14.133  1.00 62.24  ? 28 A   C N3    1 
ATOM   850  C  C4    . A   C 3 14 ? -3.749  8.777   13.579  1.00 60.28  ? 28 A   C C4    1 
ATOM   851  P  P     . C   C 3 15 ? -6.014  14.469  14.249  1.00 75.05  ? 29 C   C P     1 
ATOM   852  O  OP1   . C   C 3 15 ? -7.075  15.494  14.235  1.00 73.71  ? 29 C   C OP1   1 
ATOM   853  O  OP2   . C   C 3 15 ? -4.594  14.897  14.143  1.00 68.95  ? 29 C   C OP2   1 
ATOM   854  O  "O5'" . C   C 3 15 ? -6.173  13.535  15.537  1.00 71.71  ? 29 C   C "O5'" 1 
ATOM   855  C  "C5'" . C   C 3 15 ? -7.474  13.267  16.042  1.00 68.09  ? 29 C   C "C5'" 1 
ATOM   856  C  "C4'" . C   C 3 15 ? -7.499  12.040  16.925  1.00 66.75  ? 29 C   C "C4'" 1 
ATOM   857  O  "O4'" . C   C 3 15 ? -6.858  10.947  16.224  1.00 69.50  ? 29 C   C "O4'" 1 
ATOM   858  C  "C3'" . C   C 3 15 ? -6.733  12.108  18.236  1.00 66.47  ? 29 C   C "C3'" 1 
ATOM   859  O  "O3'" . C   C 3 15 ? -7.494  12.676  19.261  1.00 63.19  ? 29 C   C "O3'" 1 
ATOM   860  C  "C2'" . C   C 3 15 ? -6.504  10.648  18.541  1.00 64.76  ? 29 C   C "C2'" 1 
ATOM   861  O  "O2'" . C   C 3 15 ? -7.692  10.058  19.005  1.00 65.45  ? 29 C   C "O2'" 1 
ATOM   862  C  "C1'" . C   C 3 15 ? -6.189  10.118  17.150  1.00 65.96  ? 29 C   C "C1'" 1 
ATOM   863  N  N1    . C   C 3 15 ? -4.758  10.235  16.925  1.00 65.54  ? 29 C   C N1    1 
ATOM   864  C  C2    . C   C 3 15 ? -3.950  9.305   17.538  1.00 64.10  ? 29 C   C C2    1 
ATOM   865  O  O2    . C   C 3 15 ? -4.485  8.425   18.192  1.00 64.87  ? 29 C   C O2    1 
ATOM   866  N  N3    . C   C 3 15 ? -2.618  9.379   17.406  1.00 64.47  ? 29 C   C N3    1 
ATOM   867  C  C4    . C   C 3 15 ? -2.088  10.347  16.673  1.00 65.71  ? 29 C   C C4    1 
ATOM   868  N  N4    . C   C 3 15 ? -0.766  10.382  16.582  1.00 66.33  ? 29 C   C N4    1 
ATOM   869  C  C5    . C   C 3 15 ? -2.899  11.325  16.003  1.00 65.79  ? 29 C   C C5    1 
ATOM   870  C  C6    . C   C 3 15 ? -4.223  11.228  16.157  1.00 64.27  ? 29 C   C C6    1 
ATOM   871  P  P     . G   C 3 16 ? -6.811  13.735  20.228  1.00 71.62  ? 30 G   C P     1 
ATOM   872  O  OP1   . G   C 3 16 ? -7.955  14.392  20.893  1.00 69.26  ? 30 G   C OP1   1 
ATOM   873  O  OP2   . G   C 3 16 ? -5.821  14.563  19.468  1.00 66.24  ? 30 G   C OP2   1 
ATOM   874  O  "O5'" . G   C 3 16 ? -6.093  12.802  21.301  1.00 68.96  ? 30 G   C "O5'" 1 
ATOM   875  C  "C5'" . G   C 3 16 ? -6.907  12.002  22.120  1.00 69.83  ? 30 G   C "C5'" 1 
ATOM   876  C  "C4'" . G   C 3 16 ? -6.157  10.841  22.710  1.00 72.40  ? 30 G   C "C4'" 1 
ATOM   877  O  "O4'" . G   C 3 16 ? -5.548  10.073  21.647  1.00 72.70  ? 30 G   C "O4'" 1 
ATOM   878  C  "C3'" . G   C 3 16 ? -4.989  11.151  23.629  1.00 73.91  ? 30 G   C "C3'" 1 
ATOM   879  O  "O3'" . G   C 3 16 ? -5.387  11.503  24.936  1.00 72.75  ? 30 G   C "O3'" 1 
ATOM   880  C  "C2'" . G   C 3 16 ? -4.225  9.844   23.584  1.00 70.12  ? 30 G   C "C2'" 1 
ATOM   881  O  "O2'" . G   C 3 16 ? -4.990  8.853   24.234  1.00 67.67  ? 30 G   C "O2'" 1 
ATOM   882  C  "C1'" . G   C 3 16 ? -4.322  9.523   22.105  1.00 72.13  ? 30 G   C "C1'" 1 
ATOM   883  N  N9    . G   C 3 16 ? -3.218  10.145  21.389  1.00 72.66  ? 30 G   C N9    1 
ATOM   884  C  C8    . G   C 3 16 ? -3.264  11.172  20.473  1.00 74.37  ? 30 G   C C8    1 
ATOM   885  N  N7    . G   C 3 16 ? -2.090  11.483  20.000  1.00 74.46  ? 30 G   C N7    1 
ATOM   886  C  C5    . G   C 3 16 ? -1.226  10.603  20.645  1.00 73.10  ? 30 G   C C5    1 
ATOM   887  C  C6    . G   C 3 16 ? 0.165   10.451  20.536  1.00 72.37  ? 30 G   C C6    1 
ATOM   888  O  O6    . G   C 3 16 ? 0.933   11.057  19.808  1.00 74.21  ? 30 G   C O6    1 
ATOM   889  N  N1    . G   C 3 16 ? 0.649   9.471   21.393  1.00 71.22  ? 30 G   C N1    1 
ATOM   890  C  C2    . G   C 3 16 ? -0.125  8.728   22.243  1.00 71.33  ? 30 G   C C2    1 
ATOM   891  N  N2    . G   C 3 16 ? 0.512   7.857   23.038  1.00 70.09  ? 30 G   C N2    1 
ATOM   892  N  N3    . G   C 3 16 ? -1.434  8.838   22.323  1.00 71.98  ? 30 G   C N3    1 
ATOM   893  C  C4    . G   C 3 16 ? -1.911  9.789   21.509  1.00 71.54  ? 30 G   C C4    1 
ATOM   894  P  P     . A   C 3 17 ? -4.830  12.863  25.577  1.00 72.55  ? 31 A   C P     1 
ATOM   895  O  OP1   . A   C 3 17 ? -5.832  13.124  26.648  1.00 73.63  ? 31 A   C OP1   1 
ATOM   896  O  OP2   . A   C 3 17 ? -4.593  13.873  24.499  1.00 71.37  ? 31 A   C OP2   1 
ATOM   897  O  "O5'" . A   C 3 17 ? -3.405  12.463  26.170  1.00 73.97  ? 31 A   C "O5'" 1 
ATOM   898  C  "C5'" . A   C 3 17 ? -3.271  11.304  26.987  1.00 75.26  ? 31 A   C "C5'" 1 
ATOM   899  C  "C4'" . A   C 3 17 ? -1.838  10.820  27.034  1.00 77.14  ? 31 A   C "C4'" 1 
ATOM   900  O  "O4'" . A   C 3 17 ? -1.402  10.481  25.693  1.00 77.91  ? 31 A   C "O4'" 1 
ATOM   901  C  "C3'" . A   C 3 17 ? -0.791  11.832  27.485  1.00 77.01  ? 31 A   C "C3'" 1 
ATOM   902  O  "O3'" . A   C 3 17 ? -0.640  11.948  28.886  1.00 81.29  ? 31 A   C "O3'" 1 
ATOM   903  C  "C2'" . A   C 3 17 ? 0.485   11.248  26.906  1.00 78.44  ? 31 A   C "C2'" 1 
ATOM   904  O  "O2'" . A   C 3 17 ? 0.938   10.125  27.651  1.00 78.34  ? 31 A   C "O2'" 1 
ATOM   905  C  "C1'" . A   C 3 17 ? -0.015  10.724  25.572  1.00 74.05  ? 31 A   C "C1'" 1 
ATOM   906  N  N9    . A   C 3 17 ? 0.229   11.611  24.449  1.00 74.44  ? 31 A   C N9    1 
ATOM   907  C  C8    . A   C 3 17 ? -0.609  12.501  23.827  1.00 75.68  ? 31 A   C C8    1 
ATOM   908  N  N7    . A   C 3 17 ? -0.061  13.104  22.799  1.00 74.32  ? 31 A   C N7    1 
ATOM   909  C  C5    . A   C 3 17 ? 1.228   12.581  22.756  1.00 73.58  ? 31 A   C C5    1 
ATOM   910  C  C6    . A   C 3 17 ? 2.308   12.793  21.898  1.00 72.41  ? 31 A   C C6    1 
ATOM   911  N  N6    . A   C 3 17 ? 2.276   13.631  20.866  1.00 75.39  ? 31 A   C N6    1 
ATOM   912  N  N1    . A   C 3 17 ? 3.438   12.105  22.132  1.00 71.18  ? 31 A   C N1    1 
ATOM   913  C  C2    . A   C 3 17 ? 3.471   11.265  23.145  1.00 70.89  ? 31 A   C C2    1 
ATOM   914  N  N3    . A   C 3 17 ? 2.529   10.969  24.018  1.00 71.77  ? 31 A   C N3    1 
ATOM   915  C  C4    . A   C 3 17 ? 1.418   11.670  23.767  1.00 73.93  ? 31 A   C C4    1 
ATOM   916  O  "O5'" . U   D 4 1  ? 10.119  10.889  17.282  1.00 72.32  ? 31 U   D "O5'" 1 
ATOM   917  C  "C5'" . U   D 4 1  ? 11.301  10.458  17.948  1.00 73.49  ? 31 U   D "C5'" 1 
ATOM   918  C  "C4'" . U   D 4 1  ? 10.949  9.969   19.319  1.00 69.72  ? 31 U   D "C4'" 1 
ATOM   919  O  "O4'" . U   D 4 1  ? 10.446  11.091  20.078  1.00 71.70  ? 31 U   D "O4'" 1 
ATOM   920  C  "C3'" . U   D 4 1  ? 9.828   8.956   19.358  1.00 66.55  ? 31 U   D "C3'" 1 
ATOM   921  O  "O3'" . U   D 4 1  ? 10.342  7.658   19.164  1.00 67.94  ? 31 U   D "O3'" 1 
ATOM   922  C  "C2'" . U   D 4 1  ? 9.304   9.134   20.769  1.00 70.71  ? 31 U   D "C2'" 1 
ATOM   923  O  "O2'" . U   D 4 1  ? 10.138  8.507   21.727  1.00 74.69  ? 31 U   D "O2'" 1 
ATOM   924  C  "C1'" . U   D 4 1  ? 9.409   10.651  20.934  1.00 72.81  ? 31 U   D "C1'" 1 
ATOM   925  N  N1    . U   D 4 1  ? 8.183   11.361  20.547  1.00 74.85  ? 31 U   D N1    1 
ATOM   926  C  C2    . U   D 4 1  ? 7.075   11.272  21.388  1.00 74.50  ? 31 U   D C2    1 
ATOM   927  O  O2    . U   D 4 1  ? 7.081   10.671  22.450  1.00 75.06  ? 31 U   D O2    1 
ATOM   928  N  N3    . U   D 4 1  ? 5.959   11.916  20.931  1.00 74.41  ? 31 U   D N3    1 
ATOM   929  C  C4    . U   D 4 1  ? 5.838   12.628  19.762  1.00 72.86  ? 31 U   D C4    1 
ATOM   930  O  O4    . U   D 4 1  ? 4.735   13.069  19.444  1.00 72.20  ? 31 U   D O4    1 
ATOM   931  C  C5    . U   D 4 1  ? 7.030   12.701  18.976  1.00 70.83  ? 31 U   D C5    1 
ATOM   932  C  C6    . U   D 4 1  ? 8.129   12.081  19.381  1.00 71.42  ? 31 U   D C6    1 
ATOM   933  P  P     . C   D 4 2  ? 9.449   6.558   18.407  1.00 70.94  ? 32 C   D P     1 
ATOM   934  O  OP1   . C   D 4 2  ? 10.323  5.432   18.010  1.00 72.62  ? 32 C   D OP1   1 
ATOM   935  O  OP2   . C   D 4 2  ? 8.671   7.298   17.375  1.00 71.42  ? 32 C   D OP2   1 
ATOM   936  O  "O5'" . C   D 4 2  ? 8.464   5.985   19.514  1.00 69.03  ? 32 C   D "O5'" 1 
ATOM   937  C  "C5'" . C   D 4 2  ? 8.976   5.455   20.722  1.00 66.96  ? 32 C   D "C5'" 1 
ATOM   938  C  "C4'" . C   D 4 2  ? 7.895   5.408   21.767  1.00 68.34  ? 32 C   D "C4'" 1 
ATOM   939  O  "O4'" . C   D 4 2  ? 7.515   6.761   22.129  1.00 70.38  ? 32 C   D "O4'" 1 
ATOM   940  C  "C3'" . C   D 4 2  ? 6.600   4.760   21.318  1.00 68.50  ? 32 C   D "C3'" 1 
ATOM   941  O  "O3'" . C   D 4 2  ? 6.651   3.358   21.473  1.00 67.41  ? 32 C   D "O3'" 1 
ATOM   942  C  "C2'" . C   D 4 2  ? 5.596   5.380   22.275  1.00 67.98  ? 32 C   D "C2'" 1 
ATOM   943  O  "O2'" . C   D 4 2  ? 5.758   4.825   23.558  1.00 73.17  ? 32 C   D "O2'" 1 
ATOM   944  C  "C1'" . C   D 4 2  ? 6.114   6.811   22.359  1.00 68.71  ? 32 C   D "C1'" 1 
ATOM   945  N  N1    . C   D 4 2  ? 5.505   7.714   21.367  1.00 69.39  ? 32 C   D N1    1 
ATOM   946  C  C2    . C   D 4 2  ? 4.147   7.980   21.453  1.00 70.33  ? 32 C   D C2    1 
ATOM   947  O  O2    . C   D 4 2  ? 3.517   7.458   22.350  1.00 73.47  ? 32 C   D O2    1 
ATOM   948  N  N3    . C   D 4 2  ? 3.559   8.807   20.561  1.00 69.63  ? 32 C   D N3    1 
ATOM   949  C  C4    . C   D 4 2  ? 4.299   9.384   19.622  1.00 70.75  ? 32 C   D C4    1 
ATOM   950  N  N4    . C   D 4 2  ? 3.706   10.217  18.781  1.00 72.17  ? 32 C   D N4    1 
ATOM   951  C  C5    . C   D 4 2  ? 5.697   9.135   19.505  1.00 71.47  ? 32 C   D C5    1 
ATOM   952  C  C6    . C   D 4 2  ? 6.254   8.292   20.386  1.00 69.58  ? 32 C   D C6    1 
ATOM   953  P  P     . G   D 4 3  ? 5.792   2.428   20.493  1.00 70.66  ? 33 G   D P     1 
ATOM   954  O  OP1   . G   D 4 3  ? 6.273   1.042   20.654  1.00 71.30  ? 33 G   D OP1   1 
ATOM   955  O  OP2   . G   D 4 3  ? 5.822   3.103   19.163  1.00 67.13  ? 33 G   D OP2   1 
ATOM   956  O  "O5'" . G   D 4 3  ? 4.300   2.476   21.035  1.00 70.97  ? 33 G   D "O5'" 1 
ATOM   957  C  "C5'" . G   D 4 3  ? 3.954   1.961   22.307  1.00 69.31  ? 33 G   D "C5'" 1 
ATOM   958  C  "C4'" . G   D 4 3  ? 2.532   2.331   22.612  1.00 70.28  ? 33 G   D "C4'" 1 
ATOM   959  O  "O4'" . G   D 4 3  ? 2.400   3.769   22.479  1.00 69.16  ? 33 G   D "O4'" 1 
ATOM   960  C  "C3'" . G   D 4 3  ? 1.545   1.791   21.601  1.00 68.84  ? 33 G   D "C3'" 1 
ATOM   961  O  "O3'" . G   D 4 3  ? 1.162   0.480   21.963  1.00 70.46  ? 33 G   D "O3'" 1 
ATOM   962  C  "C2'" . G   D 4 3  ? 0.388   2.775   21.703  1.00 67.59  ? 33 G   D "C2'" 1 
ATOM   963  O  "O2'" . G   D 4 3  ? -0.417  2.546   22.824  1.00 65.12  ? 33 G   D "O2'" 1 
ATOM   964  C  "C1'" . G   D 4 3  ? 1.127   4.085   21.939  1.00 69.56  ? 33 G   D "C1'" 1 
ATOM   965  N  N9    . G   D 4 3  ? 1.342   4.951   20.789  1.00 71.20  ? 33 G   D N9    1 
ATOM   966  C  C8    . G   D 4 3  ? 2.556   5.211   20.201  1.00 72.18  ? 33 G   D C8    1 
ATOM   967  N  N7    . G   D 4 3  ? 2.493   6.136   19.280  1.00 73.35  ? 33 G   D N7    1 
ATOM   968  C  C5    . G   D 4 3  ? 1.154   6.480   19.231  1.00 72.76  ? 33 G   D C5    1 
ATOM   969  C  C6    . G   D 4 3  ? 0.504   7.440   18.438  1.00 73.95  ? 33 G   D C6    1 
ATOM   970  O  O6    . G   D 4 3  ? 0.998   8.180   17.591  1.00 75.64  ? 33 G   D O6    1 
ATOM   971  N  N1    . G   D 4 3  ? -0.855  7.498   18.712  1.00 72.15  ? 33 G   D N1    1 
ATOM   972  C  C2    . G   D 4 3  ? -1.498  6.726   19.641  1.00 72.09  ? 33 G   D C2    1 
ATOM   973  N  N2    . G   D 4 3  ? -2.798  6.978   19.791  1.00 71.20  ? 33 G   D N2    1 
ATOM   974  N  N3    . G   D 4 3  ? -0.901  5.791   20.381  1.00 70.88  ? 33 G   D N3    1 
ATOM   975  C  C4    . G   D 4 3  ? 0.419   5.734   20.132  1.00 71.29  ? 33 G   D C4    1 
ATOM   976  P  P     . U   D 4 4  ? 0.529   -0.496  20.853  1.00 76.55  ? 34 U   D P     1 
ATOM   977  O  OP1   . U   D 4 4  ? 0.164   -1.774  21.511  1.00 73.83  ? 34 U   D OP1   1 
ATOM   978  O  OP2   . U   D 4 4  ? 1.471   -0.514  19.721  1.00 80.58  ? 34 U   D OP2   1 
ATOM   979  O  "O5'" . U   D 4 4  ? -0.807  0.249   20.378  1.00 74.72  ? 34 U   D "O5'" 1 
ATOM   980  C  "C5'" . U   D 4 4  ? -1.961  0.215   21.206  1.00 73.85  ? 34 U   D "C5'" 1 
ATOM   981  C  "C4'" . U   D 4 4  ? -3.097  0.995   20.605  1.00 72.81  ? 34 U   D "C4'" 1 
ATOM   982  O  "O4'" . U   D 4 4  ? -2.730  2.387   20.479  1.00 73.65  ? 34 U   D "O4'" 1 
ATOM   983  C  "C3'" . U   D 4 4  ? -3.465  0.600   19.197  1.00 74.05  ? 34 U   D "C3'" 1 
ATOM   984  O  "O3'" . U   D 4 4  ? -4.371  -0.472  19.229  1.00 73.68  ? 34 U   D "O3'" 1 
ATOM   985  C  "C2'" . U   D 4 4  ? -4.164  1.845   18.680  1.00 73.18  ? 34 U   D "C2'" 1 
ATOM   986  O  "O2'" . U   D 4 4  ? -5.476  1.960   19.155  1.00 79.15  ? 34 U   D "O2'" 1 
ATOM   987  C  "C1'" . U   D 4 4  ? -3.350  2.938   19.339  1.00 72.56  ? 34 U   D "C1'" 1 
ATOM   988  N  N1    . U   D 4 4  ? -2.313  3.420   18.442  1.00 73.48  ? 34 U   D N1    1 
ATOM   989  C  C2    . U   D 4 4  ? -2.680  4.363   17.519  1.00 73.00  ? 34 U   D C2    1 
ATOM   990  O  O2    . U   D 4 4  ? -3.821  4.772   17.427  1.00 73.44  ? 34 U   D O2    1 
ATOM   991  N  N3    . U   D 4 4  ? -1.668  4.811   16.715  1.00 72.09  ? 34 U   D N3    1 
ATOM   992  C  C4    . U   D 4 4  ? -0.360  4.408   16.749  1.00 72.88  ? 34 U   D C4    1 
ATOM   993  O  O4    . U   D 4 4  ? 0.455   4.929   15.995  1.00 75.30  ? 34 U   D O4    1 
ATOM   994  C  C5    . U   D 4 4  ? -0.068  3.411   17.736  1.00 75.55  ? 34 U   D C5    1 
ATOM   995  C  C6    . U   D 4 4  ? -1.039  2.962   18.529  1.00 73.77  ? 34 U   D C6    1 
ATOM   996  P  P     . G   D 4 5  ? -4.692  -1.255  17.878  1.00 79.18  ? 35 G   D P     1 
ATOM   997  O  OP1   . G   D 4 5  ? -5.604  -2.364  18.258  1.00 83.51  ? 35 G   D OP1   1 
ATOM   998  O  OP2   . G   D 4 5  ? -3.398  -1.566  17.215  1.00 76.68  ? 35 G   D OP2   1 
ATOM   999  O  "O5'" . G   D 4 5  ? -5.452  -0.188  16.959  1.00 76.10  ? 35 G   D "O5'" 1 
ATOM   1000 C  "C5'" . G   D 4 5  ? -6.794  0.175   17.216  1.00 69.02  ? 35 G   D "C5'" 1 
ATOM   1001 C  "C4'" . G   D 4 5  ? -7.261  1.200   16.214  1.00 69.06  ? 35 G   D "C4'" 1 
ATOM   1002 O  "O4'" . G   D 4 5  ? -6.325  2.301   16.205  1.00 69.19  ? 35 G   D "O4'" 1 
ATOM   1003 C  "C3'" . G   D 4 5  ? -7.261  0.734   14.774  1.00 70.56  ? 35 G   D "C3'" 1 
ATOM   1004 O  "O3'" . G   D 4 5  ? -8.480  0.075   14.495  1.00 74.55  ? 35 G   D "O3'" 1 
ATOM   1005 C  "C2'" . G   D 4 5  ? -7.145  2.042   13.998  1.00 68.85  ? 35 G   D "C2'" 1 
ATOM   1006 O  "O2'" . G   D 4 5  ? -8.346  2.760   13.872  1.00 66.33  ? 35 G   D "O2'" 1 
ATOM   1007 C  "C1'" . G   D 4 5  ? -6.235  2.850   14.907  1.00 67.07  ? 35 G   D "C1'" 1 
ATOM   1008 N  N9    . G   D 4 5  ? -4.830  2.943   14.538  1.00 68.46  ? 35 G   D N9    1 
ATOM   1009 C  C8    . G   D 4 5  ? -3.794  2.219   15.063  1.00 69.54  ? 35 G   D C8    1 
ATOM   1010 N  N7    . G   D 4 5  ? -2.629  2.606   14.615  1.00 70.40  ? 35 G   D N7    1 
ATOM   1011 C  C5    . G   D 4 5  ? -2.923  3.634   13.733  1.00 68.33  ? 35 G   D C5    1 
ATOM   1012 C  C6    . G   D 4 5  ? -2.072  4.458   12.992  1.00 69.50  ? 35 G   D C6    1 
ATOM   1013 O  O6    . G   D 4 5  ? -0.847  4.492   13.003  1.00 73.64  ? 35 G   D O6    1 
ATOM   1014 N  N1    . G   D 4 5  ? -2.776  5.333   12.182  1.00 68.55  ? 35 G   D N1    1 
ATOM   1015 C  C2    . G   D 4 5  ? -4.124  5.416   12.120  1.00 67.51  ? 35 G   D C2    1 
ATOM   1016 N  N2    . G   D 4 5  ? -4.610  6.264   11.219  1.00 66.93  ? 35 G   D N2    1 
ATOM   1017 N  N3    . G   D 4 5  ? -4.938  4.702   12.868  1.00 68.55  ? 35 G   D N3    1 
ATOM   1018 C  C4    . G   D 4 5  ? -4.272  3.826   13.639  1.00 67.73  ? 35 G   D C4    1 
ATOM   1019 P  P     . G   D 4 6  ? -8.525  -1.058  13.368  1.00 76.17  ? 36 G   D P     1 
ATOM   1020 O  OP1   . G   D 4 6  ? -9.624  -1.997  13.708  1.00 76.58  ? 36 G   D OP1   1 
ATOM   1021 O  OP2   . G   D 4 6  ? -7.144  -1.564  13.247  1.00 78.57  ? 36 G   D OP2   1 
ATOM   1022 O  "O5'" . G   D 4 6  ? -8.907  -0.254  12.052  1.00 71.62  ? 36 G   D "O5'" 1 
ATOM   1023 C  "C5'" . G   D 4 6  ? -9.932  0.720   12.093  1.00 72.81  ? 36 G   D "C5'" 1 
ATOM   1024 C  "C4'" . G   D 4 6  ? -9.930  1.528   10.826  1.00 74.40  ? 36 G   D "C4'" 1 
ATOM   1025 O  "O4'" . G   D 4 6  ? -8.676  2.209   10.659  1.00 76.18  ? 36 G   D "O4'" 1 
ATOM   1026 C  "C3'" . G   D 4 6  ? -10.109 0.680   9.592   1.00 74.04  ? 36 G   D "C3'" 1 
ATOM   1027 O  "O3'" . G   D 4 6  ? -10.820 1.581   8.755   1.00 75.33  ? 36 G   D "O3'" 1 
ATOM   1028 C  "C2'" . G   D 4 6  ? -8.680  0.389   9.120   1.00 74.59  ? 36 G   D "C2'" 1 
ATOM   1029 O  "O2'" . G   D 4 6  ? -8.485  0.325   7.731   1.00 80.09  ? 36 G   D "O2'" 1 
ATOM   1030 C  "C1'" . G   D 4 6  ? -7.959  1.643   9.602   1.00 70.07  ? 36 G   D "C1'" 1 
ATOM   1031 N  N9    . G   D 4 6  ? -6.573  1.580   10.005  1.00 64.77  ? 36 G   D N9    1 
ATOM   1032 C  C8    . G   D 4 6  ? -5.960  0.667   10.823  1.00 65.43  ? 36 G   D C8    1 
ATOM   1033 N  N7    . G   D 4 6  ? -4.698  0.932   11.017  1.00 65.84  ? 36 G   D N7    1 
ATOM   1034 C  C5    . G   D 4 6  ? -4.477  2.079   10.266  1.00 64.57  ? 36 G   D C5    1 
ATOM   1035 C  C6    . G   D 4 6  ? -3.297  2.823   10.065  1.00 65.39  ? 36 G   D C6    1 
ATOM   1036 O  O6    . G   D 4 6  ? -2.171  2.589   10.500  1.00 66.98  ? 36 G   D O6    1 
ATOM   1037 N  N1    . G   D 4 6  ? -3.520  3.929   9.249   1.00 65.07  ? 36 G   D N1    1 
ATOM   1038 C  C2    . G   D 4 6  ? -4.732  4.253   8.688   1.00 66.08  ? 36 G   D C2    1 
ATOM   1039 N  N2    . G   D 4 6  ? -4.766  5.353   7.936   1.00 66.39  ? 36 G   D N2    1 
ATOM   1040 N  N3    . G   D 4 6  ? -5.835  3.547   8.856   1.00 64.07  ? 36 G   D N3    1 
ATOM   1041 C  C4    . G   D 4 6  ? -5.630  2.483   9.646   1.00 62.96  ? 36 G   D C4    1 
ATOM   1042 P  P     . U   D 4 7  ? -11.848 1.048   7.676   1.00 80.54  ? 37 U   D P     1 
ATOM   1043 O  OP1   . U   D 4 7  ? -12.656 2.188   7.181   1.00 77.49  ? 37 U   D OP1   1 
ATOM   1044 O  OP2   . U   D 4 7  ? -12.490 -0.146  8.283   1.00 79.91  ? 37 U   D OP2   1 
ATOM   1045 O  "O5'" . U   D 4 7  ? -10.970 0.614   6.430   1.00 83.58  ? 37 U   D "O5'" 1 
ATOM   1046 C  "C5'" . U   D 4 7  ? -11.618 0.279   5.226   1.00 82.27  ? 37 U   D "C5'" 1 
ATOM   1047 C  "C4'" . U   D 4 7  ? -10.939 0.930   4.062   1.00 81.74  ? 37 U   D "C4'" 1 
ATOM   1048 O  "O4'" . U   D 4 7  ? -10.749 2.341   4.330   1.00 81.13  ? 37 U   D "O4'" 1 
ATOM   1049 C  "C3'" . U   D 4 7  ? -9.530  0.354   3.924   1.00 80.33  ? 37 U   D "C3'" 1 
ATOM   1050 O  "O3'" . U   D 4 7  ? -9.245  0.128   2.581   1.00 80.23  ? 37 U   D "O3'" 1 
ATOM   1051 C  "C2'" . U   D 4 7  ? -8.570  1.351   4.541   1.00 78.62  ? 37 U   D "C2'" 1 
ATOM   1052 O  "O2'" . U   D 4 7  ? -7.408  1.550   3.751   1.00 82.43  ? 37 U   D "O2'" 1 
ATOM   1053 C  "C1'" . U   D 4 7  ? -9.372  2.618   4.358   1.00 81.44  ? 37 U   D "C1'" 1 
ATOM   1054 N  N1    . U   D 4 7  ? -9.053  3.736   5.226   1.00 83.35  ? 37 U   D N1    1 
ATOM   1055 C  C2    . U   D 4 7  ? -8.210  4.690   4.694   1.00 84.68  ? 37 U   D C2    1 
ATOM   1056 O  O2    . U   D 4 7  ? -7.810  4.657   3.542   1.00 88.37  ? 37 U   D O2    1 
ATOM   1057 N  N3    . U   D 4 7  ? -7.850  5.676   5.553   1.00 85.66  ? 37 U   D N3    1 
ATOM   1058 C  C4    . U   D 4 7  ? -8.240  5.796   6.858   1.00 87.16  ? 37 U   D C4    1 
ATOM   1059 O  O4    . U   D 4 7  ? -7.684  6.634   7.565   1.00 91.50  ? 37 U   D O4    1 
ATOM   1060 C  C5    . U   D 4 7  ? -9.156  4.786   7.313   1.00 84.92  ? 37 U   D C5    1 
ATOM   1061 C  C6    . U   D 4 7  ? -9.523  3.818   6.491   1.00 83.69  ? 37 U   D C6    1 
ATOM   1062 P  P     . A   D 4 8  ? -8.554  -1.216  2.139   1.00 85.32  ? 38 A   D P     1 
ATOM   1063 O  OP1   . A   D 4 8  ? -7.880  -0.774  0.890   1.00 83.20  ? 38 A   D OP1   1 
ATOM   1064 O  OP2   . A   D 4 8  ? -9.616  -2.255  2.115   1.00 81.78  ? 38 A   D OP2   1 
ATOM   1065 O  "O5'" . A   D 4 8  ? -7.494  -1.558  3.279   1.00 81.02  ? 38 A   D "O5'" 1 
ATOM   1066 C  "C5'" . A   D 4 8  ? -6.109  -1.557  2.994   1.00 71.78  ? 38 A   D "C5'" 1 
ATOM   1067 C  "C4'" . A   D 4 8  ? -5.355  -2.229  4.102   1.00 72.48  ? 38 A   D "C4'" 1 
ATOM   1068 O  "O4'" . A   D 4 8  ? -3.949  -2.101  3.825   1.00 69.42  ? 38 A   D "O4'" 1 
ATOM   1069 C  "C3'" . A   D 4 8  ? -5.608  -1.510  5.423   1.00 73.22  ? 38 A   D "C3'" 1 
ATOM   1070 O  "O3'" . A   D 4 8  ? -5.537  -2.407  6.550   1.00 76.59  ? 38 A   D "O3'" 1 
ATOM   1071 C  "C2'" . A   D 4 8  ? -4.458  -0.520  5.541   1.00 71.69  ? 38 A   D "C2'" 1 
ATOM   1072 O  "O2'" . A   D 4 8  ? -4.041  -0.383  6.879   1.00 77.29  ? 38 A   D "O2'" 1 
ATOM   1073 C  "C1'" . A   D 4 8  ? -3.361  -1.254  4.767   1.00 69.06  ? 38 A   D "C1'" 1 
ATOM   1074 N  N9    . A   D 4 8  ? -2.286  -0.509  4.132   1.00 66.94  ? 38 A   D N9    1 
ATOM   1075 C  C8    . A   D 4 8  ? -0.943  -0.545  4.399   1.00 65.56  ? 38 A   D C8    1 
ATOM   1076 N  N7    . A   D 4 8  ? -0.238  0.260   3.651   1.00 64.72  ? 38 A   D N7    1 
ATOM   1077 C  C5    . A   D 4 8  ? -1.183  0.853   2.832   1.00 66.06  ? 38 A   D C5    1 
ATOM   1078 C  C6    . A   D 4 8  ? -1.084  1.790   1.808   1.00 68.23  ? 38 A   D C6    1 
ATOM   1079 N  N6    . A   D 4 8  ? 0.070   2.317   1.389   1.00 70.01  ? 38 A   D N6    1 
ATOM   1080 N  N1    . A   D 4 8  ? -2.225  2.178   1.203   1.00 70.31  ? 38 A   D N1    1 
ATOM   1081 C  C2    . A   D 4 8  ? -3.380  1.632   1.599   1.00 70.05  ? 38 A   D C2    1 
ATOM   1082 N  N3    . A   D 4 8  ? -3.596  0.729   2.540   1.00 69.38  ? 38 A   D N3    1 
ATOM   1083 C  C4    . A   D 4 8  ? -2.443  0.387   3.124   1.00 66.88  ? 38 A   D C4    1 
ATOM   1084 P  P     . C   D 4 9  ? -6.812  -3.247  7.050   1.00 78.25  ? 39 C   D P     1 
ATOM   1085 O  OP1   . C   D 4 9  ? -7.890  -2.311  7.501   1.00 78.04  ? 39 C   D OP1   1 
ATOM   1086 O  OP2   . C   D 4 9  ? -6.254  -4.232  8.019   1.00 75.18  ? 39 C   D OP2   1 
ATOM   1087 O  "O5'" . C   D 4 9  ? -7.271  -4.066  5.757   1.00 80.73  ? 39 C   D "O5'" 1 
ATOM   1088 C  "C5'" . C   D 4 9  ? -6.808  -5.415  5.527   1.00 83.85  ? 39 C   D "C5'" 1 
ATOM   1089 C  "C4'" . C   D 4 9  ? -7.767  -6.165  4.615   1.00 83.40  ? 39 C   D "C4'" 1 
ATOM   1090 O  "O4'" . C   D 4 9  ? -9.104  -6.014  5.156   1.00 84.62  ? 39 C   D "O4'" 1 
ATOM   1091 C  "C3'" . C   D 4 9  ? -7.801  -5.531  3.221   1.00 83.59  ? 39 C   D "C3'" 1 
ATOM   1092 O  "O3'" . C   D 4 9  ? -8.014  -6.449  2.160   1.00 82.07  ? 39 C   D "O3'" 1 
ATOM   1093 C  "C2'" . C   D 4 9  ? -8.996  -4.603  3.224   1.00 84.98  ? 39 C   D "C2'" 1 
ATOM   1094 O  "O2'" . C   D 4 9  ? -9.655  -4.760  1.987   1.00 91.28  ? 39 C   D "O2'" 1 
ATOM   1095 C  "C1'" . C   D 4 9  ? -9.877  -5.256  4.282   1.00 86.46  ? 39 C   D "C1'" 1 
ATOM   1096 N  N1    . C   D 4 9  ? -10.805 -4.414  5.017   1.00 89.88  ? 39 C   D N1    1 
ATOM   1097 C  C2    . C   D 4 9  ? -12.160 -4.677  4.859   1.00 92.81  ? 39 C   D C2    1 
ATOM   1098 O  O2    . C   D 4 9  ? -12.507 -5.674  4.208   1.00 93.89  ? 39 C   D O2    1 
ATOM   1099 N  N3    . C   D 4 9  ? -13.058 -3.858  5.420   1.00 95.26  ? 39 C   D N3    1 
ATOM   1100 C  C4    . C   D 4 9  ? -12.646 -2.827  6.153   1.00 96.12  ? 39 C   D C4    1 
ATOM   1101 N  N4    . C   D 4 9  ? -13.576 -2.032  6.677   1.00 99.84  ? 39 C   D N4    1 
ATOM   1102 C  C5    . C   D 4 9  ? -11.263 -2.565  6.380   1.00 93.85  ? 39 C   D C5    1 
ATOM   1103 C  C6    . C   D 4 9  ? -10.383 -3.380  5.795   1.00 91.34  ? 39 C   D C6    1 
ATOM   1104 P  P     . A   D 4 10 ? -6.817  -7.299  1.541   1.00 85.10  ? 40 A   D P     1 
ATOM   1105 O  OP1   . A   D 4 10 ? -7.480  -8.056  0.456   1.00 84.30  ? 40 A   D OP1   1 
ATOM   1106 O  OP2   . A   D 4 10 ? -6.092  -8.026  2.621   1.00 84.15  ? 40 A   D OP2   1 
ATOM   1107 O  "O5'" . A   D 4 10 ? -5.852  -6.222  0.890   1.00 81.40  ? 40 A   D "O5'" 1 
ATOM   1108 C  "C5'" . A   D 4 10 ? -6.368  -5.190  0.081   1.00 74.91  ? 40 A   D "C5'" 1 
ATOM   1109 C  "C4'" . A   D 4 10 ? -5.318  -4.135  -0.095  1.00 75.77  ? 40 A   D "C4'" 1 
ATOM   1110 O  "O4'" . A   D 4 10 ? -4.925  -3.679  1.226   1.00 78.03  ? 40 A   D "O4'" 1 
ATOM   1111 C  "C3'" . A   D 4 10 ? -4.012  -4.642  -0.684  1.00 76.46  ? 40 A   D "C3'" 1 
ATOM   1112 O  "O3'" . A   D 4 10 ? -4.057  -4.678  -2.101  1.00 78.76  ? 40 A   D "O3'" 1 
ATOM   1113 C  "C2'" . A   D 4 10 ? -3.002  -3.621  -0.175  1.00 75.12  ? 40 A   D "C2'" 1 
ATOM   1114 O  "O2'" . A   D 4 10 ? -2.977  -2.414  -0.918  1.00 70.01  ? 40 A   D "O2'" 1 
ATOM   1115 C  "C1'" . A   D 4 10 ? -3.544  -3.349  1.224   1.00 73.73  ? 40 A   D "C1'" 1 
ATOM   1116 N  N9    . A   D 4 10 ? -2.876  -4.110  2.277   1.00 67.64  ? 40 A   D N9    1 
ATOM   1117 C  C8    . A   D 4 10 ? -3.391  -5.079  3.089   1.00 65.80  ? 40 A   D C8    1 
ATOM   1118 N  N7    . A   D 4 10 ? -2.527  -5.542  3.963   1.00 64.97  ? 40 A   D N7    1 
ATOM   1119 C  C5    . A   D 4 10 ? -1.368  -4.836  3.695   1.00 64.09  ? 40 A   D C5    1 
ATOM   1120 C  C6    . A   D 4 10 ? -0.099  -4.858  4.274   1.00 64.19  ? 40 A   D C6    1 
ATOM   1121 N  N6    . A   D 4 10 ? 0.241   -5.669  5.257   1.00 66.47  ? 40 A   D N6    1 
ATOM   1122 N  N1    . A   D 4 10 ? 0.828   -4.009  3.795   1.00 65.37  ? 40 A   D N1    1 
ATOM   1123 C  C2    . A   D 4 10 ? 0.487   -3.206  2.779   1.00 64.69  ? 40 A   D C2    1 
ATOM   1124 N  N3    . A   D 4 10 ? -0.672  -3.105  2.137   1.00 63.20  ? 40 A   D N3    1 
ATOM   1125 C  C4    . A   D 4 10 ? -1.568  -3.955  2.654   1.00 64.61  ? 40 A   D C4    1 
ATOM   1126 P  P     . U   D 4 11 ? -3.577  -6.006  -2.873  1.00 79.33  ? 41 U   D P     1 
ATOM   1127 O  OP1   . U   D 4 11 ? -4.061  -5.838  -4.270  1.00 71.20  ? 41 U   D OP1   1 
ATOM   1128 O  OP2   . U   D 4 11 ? -3.977  -7.201  -2.066  1.00 72.06  ? 41 U   D OP2   1 
ATOM   1129 O  "O5'" . U   D 4 11 ? -1.990  -5.911  -2.836  1.00 71.05  ? 41 U   D "O5'" 1 
ATOM   1130 C  "C5'" . U   D 4 11 ? -1.364  -4.756  -3.326  1.00 66.19  ? 41 U   D "C5'" 1 
ATOM   1131 C  "C4'" . U   D 4 11 ? 0.084   -4.741  -2.950  1.00 66.80  ? 41 U   D "C4'" 1 
ATOM   1132 O  "O4'" . U   D 4 11 ? 0.217   -4.897  -1.518  1.00 67.01  ? 41 U   D "O4'" 1 
ATOM   1133 C  "C3'" . U   D 4 11 ? 0.814   -5.924  -3.560  1.00 66.47  ? 41 U   D "C3'" 1 
ATOM   1134 O  "O3'" . U   D 4 11 ? 1.959   -5.411  -4.244  1.00 67.10  ? 41 U   D "O3'" 1 
ATOM   1135 C  "C2'" . U   D 4 11 ? 0.915   -6.973  -2.444  1.00 64.01  ? 41 U   D "C2'" 1 
ATOM   1136 O  "O2'" . U   D 4 11 ? 2.144   -7.650  -2.355  1.00 69.36  ? 41 U   D "O2'" 1 
ATOM   1137 C  "C1'" . U   D 4 11 ? 0.866   -6.085  -1.214  1.00 61.38  ? 41 U   D "C1'" 1 
ATOM   1138 N  N1    . U   D 4 11 ? 0.414   -6.598  0.076   1.00 63.51  ? 41 U   D N1    1 
ATOM   1139 C  C2    . U   D 4 11 ? 1.392   -6.800  1.035   1.00 62.55  ? 41 U   D C2    1 
ATOM   1140 O  O2    . U   D 4 11 ? 2.552   -6.498  0.867   1.00 64.36  ? 41 U   D O2    1 
ATOM   1141 N  N3    . U   D 4 11 ? 0.967   -7.364  2.203   1.00 61.97  ? 41 U   D N3    1 
ATOM   1142 C  C4    . U   D 4 11 ? -0.303  -7.757  2.513   1.00 62.20  ? 41 U   D C4    1 
ATOM   1143 O  O4    . U   D 4 11 ? -0.463  -8.519  3.469   1.00 61.71  ? 41 U   D O4    1 
ATOM   1144 C  C5    . U   D 4 11 ? -1.281  -7.455  1.495   1.00 65.09  ? 41 U   D C5    1 
ATOM   1145 C  C6    . U   D 4 11 ? -0.891  -6.893  0.334   1.00 65.80  ? 41 U   D C6    1 
ATOM   1146 P  P     . U   D 4 12 ? 2.964   -6.383  -5.011  1.00 67.28  ? 42 U   D P     1 
ATOM   1147 O  OP1   . U   D 4 12 ? 3.205   -5.770  -6.328  1.00 69.45  ? 42 U   D OP1   1 
ATOM   1148 O  OP2   . U   D 4 12 ? 2.516   -7.782  -4.916  1.00 69.55  ? 42 U   D OP2   1 
ATOM   1149 O  "O5'" . U   D 4 12 ? 4.296   -6.261  -4.176  1.00 67.47  ? 42 U   D "O5'" 1 
ATOM   1150 C  "C5'" . U   D 4 12 ? 5.556   -6.399  -4.788  1.00 70.99  ? 42 U   D "C5'" 1 
ATOM   1151 C  "C4'" . U   D 4 12 ? 6.531   -6.808  -3.739  1.00 74.90  ? 42 U   D "C4'" 1 
ATOM   1152 O  "O4'" . U   D 4 12 ? 6.663   -5.733  -2.776  1.00 73.35  ? 42 U   D "O4'" 1 
ATOM   1153 C  "C3'" . U   D 4 12 ? 5.917   -7.982  -2.983  1.00 73.94  ? 42 U   D "C3'" 1 
ATOM   1154 O  "O3'" . U   D 4 12 ? 6.970   -8.870  -2.649  1.00 77.78  ? 42 U   D "O3'" 1 
ATOM   1155 C  "C2'" . U   D 4 12 ? 5.247   -7.372  -1.759  1.00 70.43  ? 42 U   D "C2'" 1 
ATOM   1156 O  "O2'" . U   D 4 12 ? 5.424   -8.168  -0.618  1.00 70.23  ? 42 U   D "O2'" 1 
ATOM   1157 C  "C1'" . U   D 4 12 ? 6.092   -6.120  -1.555  1.00 70.59  ? 42 U   D "C1'" 1 
ATOM   1158 N  N1    . U   D 4 12 ? 5.480   -4.957  -0.931  1.00 69.38  ? 42 U   D N1    1 
ATOM   1159 C  C2    . U   D 4 12 ? 5.960   -4.595  0.297   1.00 70.67  ? 42 U   D C2    1 
ATOM   1160 O  O2    . U   D 4 12 ? 6.816   -5.215  0.865   1.00 71.67  ? 42 U   D O2    1 
ATOM   1161 N  N3    . U   D 4 12 ? 5.408   -3.475  0.833   1.00 70.46  ? 42 U   D N3    1 
ATOM   1162 C  C4    . U   D 4 12 ? 4.436   -2.706  0.271   1.00 69.92  ? 42 U   D C4    1 
ATOM   1163 O  O4    . U   D 4 12 ? 4.027   -1.734  0.874   1.00 68.73  ? 42 U   D O4    1 
ATOM   1164 C  C5    . U   D 4 12 ? 3.972   -3.161  -1.001  1.00 70.64  ? 42 U   D C5    1 
ATOM   1165 C  C6    . U   D 4 12 ? 4.502   -4.252  -1.541  1.00 70.27  ? 42 U   D C6    1 
ATOM   1166 P  P     . A   D 4 13 ? 6.754   -10.452 -2.637  1.00 78.03  ? 43 A   D P     1 
ATOM   1167 O  OP1   . A   D 4 13 ? 7.173   -10.858 -3.996  1.00 79.11  ? 43 A   D OP1   1 
ATOM   1168 O  OP2   . A   D 4 13 ? 5.412   -10.847 -2.135  1.00 77.69  ? 43 A   D OP2   1 
ATOM   1169 O  "O5'" . A   D 4 13 ? 7.890   -10.899 -1.615  1.00 73.90  ? 43 A   D "O5'" 1 
ATOM   1170 C  "C5'" . A   D 4 13 ? 9.206   -10.365 -1.758  1.00 73.20  ? 43 A   D "C5'" 1 
ATOM   1171 C  "C4'" . A   D 4 13 ? 9.857   -10.237 -0.416  1.00 75.08  ? 43 A   D "C4'" 1 
ATOM   1172 O  "O4'" . A   D 4 13 ? 9.092   -9.322  0.380   1.00 77.57  ? 43 A   D "O4'" 1 
ATOM   1173 C  "C3'" . A   D 4 13 ? 9.925   -11.504 0.412   1.00 75.87  ? 43 A   D "C3'" 1 
ATOM   1174 O  "O3'" . A   D 4 13 ? 11.115  -12.196 0.092   1.00 79.12  ? 43 A   D "O3'" 1 
ATOM   1175 C  "C2'" . A   D 4 13 ? 10.004  -10.950 1.823   1.00 75.70  ? 43 A   D "C2'" 1 
ATOM   1176 O  "O2'" . A   D 4 13 ? 11.281  -10.431 2.118   1.00 74.44  ? 43 A   D "O2'" 1 
ATOM   1177 C  "C1'" . A   D 4 13 ? 9.048   -9.776  1.718   1.00 74.34  ? 43 A   D "C1'" 1 
ATOM   1178 N  N9    . A   D 4 13 ? 7.671   -10.163 1.971   1.00 75.35  ? 43 A   D N9    1 
ATOM   1179 C  C8    . A   D 4 13 ? 6.615   -9.912  1.137   1.00 76.28  ? 43 A   D C8    1 
ATOM   1180 N  N7    . A   D 4 13 ? 5.457   -10.275 1.626   1.00 78.06  ? 43 A   D N7    1 
ATOM   1181 C  C5    . A   D 4 13 ? 5.777   -10.828 2.853   1.00 76.57  ? 43 A   D C5    1 
ATOM   1182 C  C6    . A   D 4 13 ? 4.990   -11.390 3.847   1.00 77.25  ? 43 A   D C6    1 
ATOM   1183 N  N6    . A   D 4 13 ? 3.661   -11.475 3.764   1.00 77.58  ? 43 A   D N6    1 
ATOM   1184 N  N1    . A   D 4 13 ? 5.610   -11.865 4.944   1.00 76.83  ? 43 A   D N1    1 
ATOM   1185 C  C2    . A   D 4 13 ? 6.943   -11.772 5.011   1.00 77.24  ? 43 A   D C2    1 
ATOM   1186 N  N3    . A   D 4 13 ? 7.800   -11.259 4.133   1.00 75.58  ? 43 A   D N3    1 
ATOM   1187 C  C4    . A   D 4 13 ? 7.143   -10.792 3.066   1.00 75.88  ? 43 A   D C4    1 
ATOM   1188 P  P     . C   D 4 14 ? 11.033  -13.709 -0.410  1.00 80.65  ? 44 C   D P     1 
ATOM   1189 O  OP1   . C   D 4 14 ? 12.445  -14.173 -0.465  1.00 82.87  ? 44 C   D OP1   1 
ATOM   1190 O  OP2   . C   D 4 14 ? 10.190  -13.748 -1.639  1.00 75.68  ? 44 C   D OP2   1 
ATOM   1191 O  "O5'" . C   D 4 14 ? 10.254  -14.439 0.775   1.00 76.70  ? 44 C   D "O5'" 1 
ATOM   1192 C  "C5'" . C   D 4 14 ? 10.891  -14.747 2.019   1.00 74.69  ? 44 C   D "C5'" 1 
ATOM   1193 C  "C4'" . C   D 4 14 ? 9.896   -15.417 2.936   1.00 77.82  ? 44 C   D "C4'" 1 
ATOM   1194 O  "O4'" . C   D 4 14 ? 8.861   -14.466 3.294   1.00 76.71  ? 44 C   D "O4'" 1 
ATOM   1195 C  "C3'" . C   D 4 14 ? 9.132   -16.552 2.278   1.00 80.67  ? 44 C   D "C3'" 1 
ATOM   1196 O  "O3'" . C   D 4 14 ? 9.861   -17.772 2.324   1.00 81.26  ? 44 C   D "O3'" 1 
ATOM   1197 C  "C2'" . C   D 4 14 ? 7.839   -16.600 3.074   1.00 77.65  ? 44 C   D "C2'" 1 
ATOM   1198 O  "O2'" . C   D 4 14 ? 7.955   -17.305 4.278   1.00 84.27  ? 44 C   D "O2'" 1 
ATOM   1199 C  "C1'" . C   D 4 14 ? 7.607   -15.120 3.356   1.00 76.70  ? 44 C   D "C1'" 1 
ATOM   1200 N  N1    . C   D 4 14 ? 6.746   -14.505 2.349   1.00 77.70  ? 44 C   D N1    1 
ATOM   1201 C  C2    . C   D 4 14 ? 5.351   -14.633 2.475   1.00 79.72  ? 44 C   D C2    1 
ATOM   1202 O  O2    . C   D 4 14 ? 4.882   -15.312 3.426   1.00 81.34  ? 44 C   D O2    1 
ATOM   1203 N  N3    . C   D 4 14 ? 4.551   -14.030 1.553   1.00 77.73  ? 44 C   D N3    1 
ATOM   1204 C  C4    . C   D 4 14 ? 5.093   -13.361 0.533   1.00 75.86  ? 44 C   D C4    1 
ATOM   1205 N  N4    . C   D 4 14 ? 4.276   -12.813 -0.354  1.00 75.05  ? 44 C   D N4    1 
ATOM   1206 C  C5    . C   D 4 14 ? 6.505   -13.230 0.379   1.00 77.31  ? 44 C   D C5    1 
ATOM   1207 C  C6    . C   D 4 14 ? 7.287   -13.810 1.303   1.00 77.89  ? 44 C   D C6    1 
ATOM   1208 P  P     . C   D 4 15 ? 9.754   -18.801 1.089   1.00 84.60  ? 45 C   D P     1 
ATOM   1209 O  OP1   . C   D 4 15 ? 10.912  -19.711 1.202   1.00 83.31  ? 45 C   D OP1   1 
ATOM   1210 O  OP2   . C   D 4 15 ? 9.537   -18.059 -0.192  1.00 84.73  ? 45 C   D OP2   1 
ATOM   1211 O  "O5'" . C   D 4 15 ? 8.387   -19.571 1.367   1.00 81.56  ? 45 C   D "O5'" 1 
ATOM   1212 C  "C5'" . C   D 4 15 ? 8.170   -20.271 2.574   1.00 83.28  ? 45 C   D "C5'" 1 
ATOM   1213 C  "C4'" . C   D 4 15 ? 6.722   -20.671 2.679   1.00 86.69  ? 45 C   D "C4'" 1 
ATOM   1214 O  "O4'" . C   D 4 15 ? 5.911   -19.469 2.780   1.00 88.62  ? 45 C   D "O4'" 1 
ATOM   1215 C  "C3'" . C   D 4 15 ? 6.173   -21.351 1.436   1.00 89.87  ? 45 C   D "C3'" 1 
ATOM   1216 O  "O3'" . C   D 4 15 ? 6.483   -22.737 1.352   1.00 92.96  ? 45 C   D "O3'" 1 
ATOM   1217 C  "C2'" . C   D 4 15 ? 4.677   -21.081 1.538   1.00 90.03  ? 45 C   D "C2'" 1 
ATOM   1218 O  "O2'" . C   D 4 15 ? 3.933   -21.958 2.352   1.00 91.66  ? 45 C   D "O2'" 1 
ATOM   1219 C  "C1'" . C   D 4 15 ? 4.671   -19.673 2.122   1.00 88.70  ? 45 C   D "C1'" 1 
ATOM   1220 N  N1    . C   D 4 15 ? 4.524   -18.693 1.046   1.00 87.47  ? 45 C   D N1    1 
ATOM   1221 C  C2    . C   D 4 15 ? 3.246   -18.482 0.530   1.00 87.83  ? 45 C   D C2    1 
ATOM   1222 O  O2    . C   D 4 15 ? 2.299   -19.133 1.009   1.00 88.12  ? 45 C   D O2    1 
ATOM   1223 N  N3    . C   D 4 15 ? 3.072   -17.585 -0.473  1.00 86.16  ? 45 C   D N3    1 
ATOM   1224 C  C4    . C   D 4 15 ? 4.122   -16.920 -0.955  1.00 85.70  ? 45 C   D C4    1 
ATOM   1225 N  N4    . C   D 4 15 ? 3.907   -16.037 -1.923  1.00 83.95  ? 45 C   D N4    1 
ATOM   1226 C  C5    . C   D 4 15 ? 5.445   -17.127 -0.453  1.00 86.28  ? 45 C   D C5    1 
ATOM   1227 C  C6    . C   D 4 15 ? 5.597   -18.012 0.544   1.00 86.62  ? 45 C   D C6    1 
ATOM   1228 P  P     . U   D 4 16 ? 6.488   -23.463 -0.088  1.00 92.60  ? 46 U   D P     1 
ATOM   1229 O  OP1   . U   D 4 16 ? 6.960   -24.852 0.111   1.00 96.64  ? 46 U   D OP1   1 
ATOM   1230 O  OP2   . U   D 4 16 ? 7.226   -22.580 -1.020  1.00 92.65  ? 46 U   D OP2   1 
ATOM   1231 O  "O5'" . U   D 4 16 ? 4.942   -23.509 -0.479  1.00 85.96  ? 46 U   D "O5'" 1 
ATOM   1232 C  "C5'" . U   D 4 16 ? 4.038   -24.165 0.377   1.00 83.07  ? 46 U   D "C5'" 1 
ATOM   1233 C  "C4'" . U   D 4 16 ? 2.671   -24.235 -0.235  1.00 86.32  ? 46 U   D "C4'" 1 
ATOM   1234 O  "O4'" . U   D 4 16 ? 2.038   -22.937 -0.148  1.00 89.69  ? 46 U   D "O4'" 1 
ATOM   1235 C  "C3'" . U   D 4 16 ? 2.604   -24.578 -1.709  1.00 88.16  ? 46 U   D "C3'" 1 
ATOM   1236 O  "O3'" . U   D 4 16 ? 2.689   -25.961 -1.947  1.00 90.78  ? 46 U   D "O3'" 1 
ATOM   1237 C  "C2'" . U   D 4 16 ? 1.245   -24.020 -2.099  1.00 88.19  ? 46 U   D "C2'" 1 
ATOM   1238 O  "O2'" . U   D 4 16 ? 0.190   -24.862 -1.673  1.00 84.82  ? 46 U   D "O2'" 1 
ATOM   1239 C  "C1'" . U   D 4 16 ? 1.225   -22.722 -1.294  1.00 87.73  ? 46 U   D "C1'" 1 
ATOM   1240 N  N1    . U   D 4 16 ? 1.809   -21.608 -2.057  1.00 85.98  ? 46 U   D N1    1 
ATOM   1241 C  C2    . U   D 4 16 ? 0.980   -20.880 -2.906  1.00 85.37  ? 46 U   D C2    1 
ATOM   1242 O  O2    . U   D 4 16 ? -0.210  -21.115 -3.043  1.00 85.27  ? 46 U   D O2    1 
ATOM   1243 N  N3    . U   D 4 16 ? 1.600   -19.868 -3.589  1.00 84.34  ? 46 U   D N3    1 
ATOM   1244 C  C4    . U   D 4 16 ? 2.933   -19.520 -3.515  1.00 85.78  ? 46 U   D C4    1 
ATOM   1245 O  O4    . U   D 4 16 ? 3.352   -18.591 -4.200  1.00 85.86  ? 46 U   D O4    1 
ATOM   1246 C  C5    . U   D 4 16 ? 3.720   -20.318 -2.617  1.00 86.60  ? 46 U   D C5    1 
ATOM   1247 C  C6    . U   D 4 16 ? 3.144   -21.306 -1.934  1.00 85.02  ? 46 U   D C6    1 
ATOM   1248 P  P     . G   D 4 17 ? 3.004   -26.483 -3.425  1.00 93.75  ? 47 G   D P     1 
ATOM   1249 O  OP1   . G   D 4 17 ? 3.009   -27.964 -3.332  1.00 97.50  ? 47 G   D OP1   1 
ATOM   1250 O  OP2   . G   D 4 17 ? 4.208   -25.776 -3.932  1.00 92.97  ? 47 G   D OP2   1 
ATOM   1251 O  "O5'" . G   D 4 17 ? 1.729   -26.036 -4.269  1.00 86.89  ? 47 G   D "O5'" 1 
ATOM   1252 C  "C5'" . G   D 4 17 ? 0.493   -26.701 -4.090  1.00 83.93  ? 47 G   D "C5'" 1 
ATOM   1253 C  "C4'" . G   D 4 17 ? -0.510  -26.222 -5.103  1.00 84.85  ? 47 G   D "C4'" 1 
ATOM   1254 O  "O4'" . G   D 4 17 ? -0.749  -24.807 -4.873  1.00 89.05  ? 47 G   D "O4'" 1 
ATOM   1255 C  "C3'" . G   D 4 17 ? -0.096  -26.295 -6.565  1.00 84.61  ? 47 G   D "C3'" 1 
ATOM   1256 O  "O3'" . G   D 4 17 ? -0.319  -27.573 -7.147  1.00 83.75  ? 47 G   D "O3'" 1 
ATOM   1257 C  "C2'" . G   D 4 17 ? -0.986  -25.236 -7.196  1.00 84.69  ? 47 G   D "C2'" 1 
ATOM   1258 O  "O2'" . G   D 4 17 ? -2.308  -25.697 -7.346  1.00 82.52  ? 47 G   D "O2'" 1 
ATOM   1259 C  "C1'" . G   D 4 17 ? -0.964  -24.151 -6.118  1.00 86.42  ? 47 G   D "C1'" 1 
ATOM   1260 N  N9    . G   D 4 17 ? 0.103   -23.171 -6.332  1.00 84.86  ? 47 G   D N9    1 
ATOM   1261 C  C8    . G   D 4 17 ? 1.343   -23.126 -5.738  1.00 84.21  ? 47 G   D C8    1 
ATOM   1262 N  N7    . G   D 4 17 ? 2.079   -22.136 -6.163  1.00 82.45  ? 47 G   D N7    1 
ATOM   1263 C  C5    . G   D 4 17 ? 1.275   -21.487 -7.086  1.00 83.70  ? 47 G   D C5    1 
ATOM   1264 C  C6    . G   D 4 17 ? 1.527   -20.341 -7.883  1.00 84.44  ? 47 G   D C6    1 
ATOM   1265 O  O6    . G   D 4 17 ? 2.553   -19.656 -7.948  1.00 85.85  ? 47 G   D O6    1 
ATOM   1266 N  N1    . G   D 4 17 ? 0.434   -20.017 -8.673  1.00 83.68  ? 47 G   D N1    1 
ATOM   1267 C  C2    . G   D 4 17 ? -0.741  -20.715 -8.715  1.00 84.65  ? 47 G   D C2    1 
ATOM   1268 N  N2    . G   D 4 17 ? -1.667  -20.255 -9.558  1.00 84.71  ? 47 G   D N2    1 
ATOM   1269 N  N3    . G   D 4 17 ? -0.990  -21.788 -7.984  1.00 85.21  ? 47 G   D N3    1 
ATOM   1270 C  C4    . G   D 4 17 ? 0.054   -22.112 -7.197  1.00 83.96  ? 47 G   D C4    1 
ATOM   1271 P  P     . C   D 4 18 ? 0.503   -27.998 -8.474  1.00 88.27  ? 48 C   D P     1 
ATOM   1272 O  OP1   . C   D 4 18 ? 0.038   -29.341 -8.866  1.00 92.16  ? 48 C   D OP1   1 
ATOM   1273 O  OP2   . C   D 4 18 ? 1.966   -27.767 -8.292  1.00 84.07  ? 48 C   D OP2   1 
ATOM   1274 O  "O5'" . C   D 4 18 ? -0.068  -27.021 -9.593  1.00 84.43  ? 48 C   D "O5'" 1 
ATOM   1275 C  "C5'" . C   D 4 18 ? -1.403  -27.168 -10.046 1.00 81.49  ? 48 C   D "C5'" 1 
ATOM   1276 C  "C4'" . C   D 4 18 ? -1.679  -26.216 -11.180 1.00 83.87  ? 48 C   D "C4'" 1 
ATOM   1277 O  "O4'" . C   D 4 18 ? -1.649  -24.853 -10.690 1.00 87.22  ? 48 C   D "O4'" 1 
ATOM   1278 C  "C3'" . C   D 4 18 ? -0.645  -26.228 -12.281 1.00 83.69  ? 48 C   D "C3'" 1 
ATOM   1279 O  "O3'" . C   D 4 18 ? -0.922  -27.224 -13.221 1.00 84.98  ? 48 C   D "O3'" 1 
ATOM   1280 C  "C2'" . C   D 4 18 ? -0.821  -24.861 -12.910 1.00 84.62  ? 48 C   D "C2'" 1 
ATOM   1281 O  "O2'" . C   D 4 18 ? -1.934  -24.823 -13.771 1.00 84.04  ? 48 C   D "O2'" 1 
ATOM   1282 C  "C1'" . C   D 4 18 ? -1.076  -24.001 -11.674 1.00 86.69  ? 48 C   D "C1'" 1 
ATOM   1283 N  N1    . C   D 4 18 ? 0.198   -23.480 -11.155 1.00 83.85  ? 48 C   D N1    1 
ATOM   1284 C  C2    . C   D 4 18 ? 0.835   -22.446 -11.846 1.00 83.45  ? 48 C   D C2    1 
ATOM   1285 O  O2    . C   D 4 18 ? 0.262   -21.926 -12.817 1.00 83.27  ? 48 C   D O2    1 
ATOM   1286 N  N3    . C   D 4 18 ? 2.048   -22.031 -11.433 1.00 84.01  ? 48 C   D N3    1 
ATOM   1287 C  C4    . C   D 4 18 ? 2.604   -22.584 -10.358 1.00 84.20  ? 48 C   D C4    1 
ATOM   1288 N  N4    . C   D 4 18 ? 3.800   -22.156 -9.994  1.00 85.82  ? 48 C   D N4    1 
ATOM   1289 C  C5    . C   D 4 18 ? 1.956   -23.606 -9.609  1.00 84.38  ? 48 C   D C5    1 
ATOM   1290 C  C6    . C   D 4 18 ? 0.767   -24.019 -10.038 1.00 83.21  ? 48 C   D C6    1 
ATOM   1291 P  P     . C   D 4 19 ? 0.269   -27.803 -14.103 1.00 88.04  ? 49 C   D P     1 
ATOM   1292 O  OP1   . C   D 4 19 ? -0.274  -28.965 -14.843 1.00 91.42  ? 49 C   D OP1   1 
ATOM   1293 O  OP2   . C   D 4 19 ? 1.473   -27.956 -13.236 1.00 87.50  ? 49 C   D OP2   1 
ATOM   1294 O  "O5'" . C   D 4 19 ? 0.585   -26.647 -15.148 1.00 88.91  ? 49 C   D "O5'" 1 
ATOM   1295 C  "C5'" . C   D 4 19 ? -0.393  -26.206 -16.074 1.00 82.23  ? 49 C   D "C5'" 1 
ATOM   1296 C  "C4'" . C   D 4 19 ? 0.136   -25.027 -16.839 1.00 80.04  ? 49 C   D "C4'" 1 
ATOM   1297 O  "O4'" . C   D 4 19 ? 0.396   -23.958 -15.896 1.00 79.50  ? 49 C   D "O4'" 1 
ATOM   1298 C  "C3'" . C   D 4 19 ? 1.488   -25.246 -17.490 1.00 79.23  ? 49 C   D "C3'" 1 
ATOM   1299 O  "O3'" . C   D 4 19 ? 1.474   -25.965 -18.718 1.00 85.21  ? 49 C   D "O3'" 1 
ATOM   1300 C  "C2'" . C   D 4 19 ? 1.992   -23.825 -17.631 1.00 79.47  ? 49 C   D "C2'" 1 
ATOM   1301 O  "O2'" . C   D 4 19 ? 1.271   -23.151 -18.643 1.00 76.53  ? 49 C   D "O2'" 1 
ATOM   1302 C  "C1'" . C   D 4 19 ? 1.533   -23.225 -16.309 1.00 77.84  ? 49 C   D "C1'" 1 
ATOM   1303 N  N1    . C   D 4 19 ? 2.546   -23.253 -15.239 1.00 77.48  ? 49 C   D N1    1 
ATOM   1304 C  C2    . C   D 4 19 ? 3.573   -22.302 -15.261 1.00 78.55  ? 49 C   D C2    1 
ATOM   1305 O  O2    . C   D 4 19 ? 3.589   -21.459 -16.165 1.00 81.32  ? 49 C   D O2    1 
ATOM   1306 N  N3    . C   D 4 19 ? 4.510   -22.310 -14.292 1.00 77.13  ? 49 C   D N3    1 
ATOM   1307 C  C4    . C   D 4 19 ? 4.430   -23.197 -13.305 1.00 76.58  ? 49 C   D C4    1 
ATOM   1308 N  N4    . C   D 4 19 ? 5.354   -23.145 -12.357 1.00 75.94  ? 49 C   D N4    1 
ATOM   1309 C  C5    . C   D 4 19 ? 3.394   -24.169 -13.247 1.00 76.28  ? 49 C   D C5    1 
ATOM   1310 C  C6    . C   D 4 19 ? 2.488   -24.169 -14.234 1.00 77.15  ? 49 C   D C6    1 
HETATM 1311 CO CO    . NCO E 5 .  ? -5.780  -10.580 -1.298  1.00 71.97  ? 12 NCO D CO    1 
HETATM 1312 N  N1    . NCO E 5 .  ? -6.739  -9.060  -2.187  1.00 73.59  ? 12 NCO D N1    1 
HETATM 1313 N  N2    . NCO E 5 .  ? -7.291  -10.596 0.015   1.00 73.42  ? 12 NCO D N2    1 
HETATM 1314 N  N3    . NCO E 5 .  ? -6.561  -11.915 -2.532  1.00 75.19  ? 12 NCO D N3    1 
HETATM 1315 N  N4    . NCO E 5 .  ? -4.862  -9.401  -0.034  1.00 75.79  ? 12 NCO D N4    1 
HETATM 1316 N  N5    . NCO E 5 .  ? -4.808  -11.999 -0.349  1.00 73.43  ? 12 NCO D N5    1 
HETATM 1317 N  N6    . NCO E 5 .  ? -4.330  -10.429 -2.677  1.00 74.16  ? 12 NCO D N6    1 
HETATM 1318 O  O     . HOH F 6 .  ? 11.839  4.466   -8.318  1.00 75.32  ? 14 HOH A O     1 
HETATM 1319 O  O     . HOH G 6 .  ? 14.884  8.283   -4.854  1.00 82.85  ? 14 HOH B O     1 
HETATM 1320 O  O     . HOH G 6 .  ? 15.417  -0.522  0.192   1.00 70.37  ? 15 HOH B O     1 
HETATM 1321 O  O     . HOH G 6 .  ? 11.902  2.743   -3.646  1.00 81.27  ? 16 HOH B O     1 
HETATM 1322 O  O     . HOH G 6 .  ? 10.462  6.138   -2.627  1.00 73.76  ? 17 HOH B O     1 
HETATM 1323 O  O     . HOH G 6 .  ? 9.176   -6.738  -6.700  1.00 63.72  ? 18 HOH B O     1 
HETATM 1324 O  O     . HOH H 6 .  ? 6.650   -10.092 9.304   1.00 72.50  ? 9  HOH C O     1 
HETATM 1325 O  O     . HOH H 6 .  ? -3.105  15.242  16.968  1.00 70.25  ? 10 HOH C O     1 
HETATM 1326 O  O     . HOH H 6 .  ? 1.716   -16.529 3.892   1.00 67.43  ? 11 HOH C O     1 
HETATM 1327 O  O     . HOH I 6 .  ? 5.779   -9.812  -7.244  1.00 73.73  ? 7  HOH D O     1 
HETATM 1328 O  O     . HOH I 6 .  ? -4.006  -24.294 -9.099  1.00 78.86  ? 8  HOH D O     1 
# 
loop_
_pdbx_poly_seq_scheme.asym_id 
_pdbx_poly_seq_scheme.entity_id 
_pdbx_poly_seq_scheme.seq_id 
_pdbx_poly_seq_scheme.mon_id 
_pdbx_poly_seq_scheme.ndb_seq_num 
_pdbx_poly_seq_scheme.pdb_seq_num 
_pdbx_poly_seq_scheme.auth_seq_num 
_pdbx_poly_seq_scheme.pdb_mon_id 
_pdbx_poly_seq_scheme.auth_mon_id 
_pdbx_poly_seq_scheme.pdb_strand_id 
_pdbx_poly_seq_scheme.pdb_ins_code 
_pdbx_poly_seq_scheme.hetero 
A 1 1  U   1  1  1  U   U   A . n 
A 1 2  C   2  2  2  C   C   A . n 
A 1 3  C   3  3  3  C   C   A . n 
A 1 4  C   4  4  4  C   C   A . n 
A 1 5  A   5  5  5  A   A   A . n 
A 1 6  G   6  6  6  G   G   A . n 
A 1 7  U   7  7  7  U   U   A . n 
A 1 8  C   8  8  8  C   C   A . n 
A 1 9  C   9  9  9  C   C   A . n 
A 1 10 A   10 10 10 A   A   A . n 
A 1 11 C   11 11 11 C   C   A . n 
A 1 12 C   12 12 12 C   C   A . n 
A 1 13 G   13 13 13 G   G   A . n 
B 2 1  C   1  2  2  C   C   B . n 
B 2 2  G   2  3  3  G   G   B . n 
B 2 3  G   3  4  4  G   G   B . n 
B 2 4  U   4  5  5  U   U   B . n 
B 2 5  G   5  6  6  G   G   B . n 
B 2 6  A   6  7  7  A   A   B . n 
B 2 7  MTU 7  8  8  MTU 2AP B . n 
B 2 8  A   8  9  9  A   A   B . n 
B 2 9  A   9  10 10 A   A   B . n 
B 2 10 G   10 11 11 G   G   B . n 
B 2 11 G   11 12 12 G   G   B . n 
B 2 12 G   12 13 13 G   G   B . n 
C 3 1  G   1  15 15 G   G   C . n 
C 3 2  G   2  16 16 G   G   C . n 
C 3 3  C   3  17 17 C   C   C . n 
C 3 4  A   4  18 18 A   A   C . n 
C 3 5  G   5  19 19 G   G   C . n 
C 3 6  A   6  20 20 A   A   C . n 
C 3 7  G   7  21 21 G   G   C . n 
C 3 8  A   8  22 22 A   A   C . n 
C 3 9  A   9  23 23 A   A   C . n 
C 3 10 A   10 24 24 A   A   C . n 
C 3 11 C   11 25 25 C   C   C . n 
C 3 12 A   12 26 26 A   A   C . n 
C 3 13 C   13 27 27 C   C   C . n 
C 3 14 A   14 28 28 A   A   C . n 
C 3 15 C   15 29 29 C   C   C . n 
C 3 16 G   16 30 30 G   G   C . n 
C 3 17 A   17 31 31 A   A   C . n 
D 4 1  U   1  31 31 U   U   D . n 
D 4 2  C   2  32 32 C   C   D . n 
D 4 3  G   3  33 33 G   G   D . n 
D 4 4  U   4  34 34 U   U   D . n 
D 4 5  G   5  35 35 G   G   D . n 
D 4 6  G   6  36 36 G   G   D . n 
D 4 7  U   7  37 37 U   U   D . n 
D 4 8  A   8  38 38 A   A   D . n 
D 4 9  C   9  39 39 C   C   D . n 
D 4 10 A   10 40 40 A   A   D . n 
D 4 11 U   11 41 41 U   U   D . n 
D 4 12 U   12 42 42 U   U   D . n 
D 4 13 A   13 43 43 A   A   D . n 
D 4 14 C   14 44 44 C   C   D . n 
D 4 15 C   15 45 45 C   C   D . n 
D 4 16 U   16 46 46 U   U   D . n 
D 4 17 G   17 47 47 G   G   D . n 
D 4 18 C   18 48 48 C   C   D . n 
D 4 19 C   19 49 49 C   C   D . n 
# 
loop_
_pdbx_nonpoly_scheme.asym_id 
_pdbx_nonpoly_scheme.entity_id 
_pdbx_nonpoly_scheme.mon_id 
_pdbx_nonpoly_scheme.ndb_seq_num 
_pdbx_nonpoly_scheme.pdb_seq_num 
_pdbx_nonpoly_scheme.auth_seq_num 
_pdbx_nonpoly_scheme.pdb_mon_id 
_pdbx_nonpoly_scheme.auth_mon_id 
_pdbx_nonpoly_scheme.pdb_strand_id 
_pdbx_nonpoly_scheme.pdb_ins_code 
E 5 NCO 1 12 1  NCO NCO D . 
F 6 HOH 1 14 2  HOH HOH A . 
G 6 HOH 1 14 1  HOH HOH B . 
G 6 HOH 2 15 3  HOH HOH B . 
G 6 HOH 3 16 4  HOH HOH B . 
G 6 HOH 4 17 5  HOH HOH B . 
G 6 HOH 5 18 6  HOH HOH B . 
H 6 HOH 1 9  9  HOH HOH C . 
H 6 HOH 2 10 10 HOH HOH C . 
H 6 HOH 3 11 11 HOH HOH C . 
I 6 HOH 1 7  7  HOH HOH D . 
I 6 HOH 2 8  8  HOH HOH D . 
# 
_pdbx_struct_mod_residue.id               1 
_pdbx_struct_mod_residue.label_asym_id    B 
_pdbx_struct_mod_residue.label_comp_id    MTU 
_pdbx_struct_mod_residue.label_seq_id     7 
_pdbx_struct_mod_residue.auth_asym_id     B 
_pdbx_struct_mod_residue.auth_comp_id     MTU 
_pdbx_struct_mod_residue.auth_seq_id      8 
_pdbx_struct_mod_residue.PDB_ins_code     ? 
_pdbx_struct_mod_residue.parent_comp_id   A 
_pdbx_struct_mod_residue.details          9-BETA-D-RIBOFURANOSYL-9H-PURIN-2-AMINE 
# 
_pdbx_struct_assembly.id                   1 
_pdbx_struct_assembly.details              author_defined_assembly 
_pdbx_struct_assembly.method_details       ? 
_pdbx_struct_assembly.oligomeric_details   tetrameric 
_pdbx_struct_assembly.oligomeric_count     4 
# 
_pdbx_struct_assembly_gen.assembly_id       1 
_pdbx_struct_assembly_gen.oper_expression   1 
_pdbx_struct_assembly_gen.asym_id_list      A,B,C,D,E,F,G,H,I 
# 
_pdbx_struct_oper_list.id                   1 
_pdbx_struct_oper_list.type                 'identity operation' 
_pdbx_struct_oper_list.name                 1_555 
_pdbx_struct_oper_list.symmetry_operation   x,y,z 
_pdbx_struct_oper_list.matrix[1][1]         1.0000000000 
_pdbx_struct_oper_list.matrix[1][2]         0.0000000000 
_pdbx_struct_oper_list.matrix[1][3]         0.0000000000 
_pdbx_struct_oper_list.vector[1]            0.0000000000 
_pdbx_struct_oper_list.matrix[2][1]         0.0000000000 
_pdbx_struct_oper_list.matrix[2][2]         1.0000000000 
_pdbx_struct_oper_list.matrix[2][3]         0.0000000000 
_pdbx_struct_oper_list.vector[2]            0.0000000000 
_pdbx_struct_oper_list.matrix[3][1]         0.0000000000 
_pdbx_struct_oper_list.matrix[3][2]         0.0000000000 
_pdbx_struct_oper_list.matrix[3][3]         1.0000000000 
_pdbx_struct_oper_list.vector[3]            0.0000000000 
# 
loop_
_pdbx_audit_revision_history.ordinal 
_pdbx_audit_revision_history.data_content_type 
_pdbx_audit_revision_history.major_revision 
_pdbx_audit_revision_history.minor_revision 
_pdbx_audit_revision_history.revision_date 
1 'Structure model' 1 0 2006-02-14 
2 'Structure model' 1 1 2008-05-01 
3 'Structure model' 1 2 2011-07-13 
4 'Structure model' 1 3 2023-08-23 
# 
_pdbx_audit_revision_details.ordinal             1 
_pdbx_audit_revision_details.revision_ordinal    1 
_pdbx_audit_revision_details.data_content_type   'Structure model' 
_pdbx_audit_revision_details.provider            repository 
_pdbx_audit_revision_details.type                'Initial release' 
_pdbx_audit_revision_details.description         ? 
_pdbx_audit_revision_details.details             ? 
# 
loop_
_pdbx_audit_revision_group.ordinal 
_pdbx_audit_revision_group.revision_ordinal 
_pdbx_audit_revision_group.data_content_type 
_pdbx_audit_revision_group.group 
1 2 'Structure model' 'Version format compliance' 
2 3 'Structure model' 'Version format compliance' 
3 4 'Structure model' 'Data collection'           
4 4 'Structure model' 'Database references'       
5 4 'Structure model' 'Derived calculations'      
6 4 'Structure model' 'Refinement description'    
# 
loop_
_pdbx_audit_revision_category.ordinal 
_pdbx_audit_revision_category.revision_ordinal 
_pdbx_audit_revision_category.data_content_type 
_pdbx_audit_revision_category.category 
1 4 'Structure model' chem_comp_atom                
2 4 'Structure model' chem_comp_bond                
3 4 'Structure model' database_2                    
4 4 'Structure model' pdbx_initial_refinement_model 
5 4 'Structure model' struct_conn                   
6 4 'Structure model' struct_site                   
# 
loop_
_pdbx_audit_revision_item.ordinal 
_pdbx_audit_revision_item.revision_ordinal 
_pdbx_audit_revision_item.data_content_type 
_pdbx_audit_revision_item.item 
1 4 'Structure model' '_database_2.pdbx_DOI'                
2 4 'Structure model' '_database_2.pdbx_database_accession' 
3 4 'Structure model' '_struct_conn.pdbx_leaving_atom_flag' 
4 4 'Structure model' '_struct_site.pdbx_auth_asym_id'      
5 4 'Structure model' '_struct_site.pdbx_auth_comp_id'      
6 4 'Structure model' '_struct_site.pdbx_auth_seq_id'       
# 
loop_
_software.name 
_software.classification 
_software.version 
_software.citation_id 
_software.pdbx_ordinal 
CNS          refinement       1.1            ? 1 
CrystalClear 'data reduction' '(MSC/RIGAKU)' ? 2 
CrystalClear 'data scaling'   '(MSC/RIGAKU)' ? 3 
CNS          phasing          1.1            ? 4 
# 
loop_
_pdbx_validate_rmsd_bond.id 
_pdbx_validate_rmsd_bond.PDB_model_num 
_pdbx_validate_rmsd_bond.auth_atom_id_1 
_pdbx_validate_rmsd_bond.auth_asym_id_1 
_pdbx_validate_rmsd_bond.auth_comp_id_1 
_pdbx_validate_rmsd_bond.auth_seq_id_1 
_pdbx_validate_rmsd_bond.PDB_ins_code_1 
_pdbx_validate_rmsd_bond.label_alt_id_1 
_pdbx_validate_rmsd_bond.auth_atom_id_2 
_pdbx_validate_rmsd_bond.auth_asym_id_2 
_pdbx_validate_rmsd_bond.auth_comp_id_2 
_pdbx_validate_rmsd_bond.auth_seq_id_2 
_pdbx_validate_rmsd_bond.PDB_ins_code_2 
_pdbx_validate_rmsd_bond.label_alt_id_2 
_pdbx_validate_rmsd_bond.bond_value 
_pdbx_validate_rmsd_bond.bond_target_value 
_pdbx_validate_rmsd_bond.bond_deviation 
_pdbx_validate_rmsd_bond.bond_standard_deviation 
_pdbx_validate_rmsd_bond.linker_flag 
1 1 "O5'" A C 4 ? ? "C5'" A C 4 ? ? 1.363 1.420 -0.057 0.009 N 
2 1 "C5'" A C 4 ? ? "C4'" A C 4 ? ? 1.458 1.508 -0.050 0.007 N 
# 
loop_
_pdbx_validate_rmsd_angle.id 
_pdbx_validate_rmsd_angle.PDB_model_num 
_pdbx_validate_rmsd_angle.auth_atom_id_1 
_pdbx_validate_rmsd_angle.auth_asym_id_1 
_pdbx_validate_rmsd_angle.auth_comp_id_1 
_pdbx_validate_rmsd_angle.auth_seq_id_1 
_pdbx_validate_rmsd_angle.PDB_ins_code_1 
_pdbx_validate_rmsd_angle.label_alt_id_1 
_pdbx_validate_rmsd_angle.auth_atom_id_2 
_pdbx_validate_rmsd_angle.auth_asym_id_2 
_pdbx_validate_rmsd_angle.auth_comp_id_2 
_pdbx_validate_rmsd_angle.auth_seq_id_2 
_pdbx_validate_rmsd_angle.PDB_ins_code_2 
_pdbx_validate_rmsd_angle.label_alt_id_2 
_pdbx_validate_rmsd_angle.auth_atom_id_3 
_pdbx_validate_rmsd_angle.auth_asym_id_3 
_pdbx_validate_rmsd_angle.auth_comp_id_3 
_pdbx_validate_rmsd_angle.auth_seq_id_3 
_pdbx_validate_rmsd_angle.PDB_ins_code_3 
_pdbx_validate_rmsd_angle.label_alt_id_3 
_pdbx_validate_rmsd_angle.angle_value 
_pdbx_validate_rmsd_angle.angle_target_value 
_pdbx_validate_rmsd_angle.angle_deviation 
_pdbx_validate_rmsd_angle.angle_standard_deviation 
_pdbx_validate_rmsd_angle.linker_flag 
1 1 "C2'" A C 2 ? ? "C3'" A C 2 ? ? "O3'" A C 2 ? ? 127.14 113.70 13.44 1.60 N 
2 1 "C2'" A C 4 ? ? "C3'" A C 4 ? ? "O3'" A C 4 ? ? 127.08 113.70 13.38 1.60 N 
3 1 "C4'" A A 5 ? ? "C3'" A A 5 ? ? "C2'" A A 5 ? ? 109.60 102.60 7.00  1.00 N 
4 1 "O4'" A G 6 ? ? "C1'" A G 6 ? ? N9    A G 6 ? ? 112.78 108.50 4.28  0.70 N 
# 
loop_
_pdbx_validate_planes.id 
_pdbx_validate_planes.PDB_model_num 
_pdbx_validate_planes.auth_comp_id 
_pdbx_validate_planes.auth_asym_id 
_pdbx_validate_planes.auth_seq_id 
_pdbx_validate_planes.PDB_ins_code 
_pdbx_validate_planes.label_alt_id 
_pdbx_validate_planes.rmsd 
_pdbx_validate_planes.type 
1 1 G A 6  ? ? 0.078 'SIDE CHAIN' 
2 1 U B 5  ? ? 0.066 'SIDE CHAIN' 
3 1 G D 35 ? ? 0.072 'SIDE CHAIN' 
4 1 U D 37 ? ? 0.069 'SIDE CHAIN' 
5 1 U D 41 ? ? 0.098 'SIDE CHAIN' 
# 
loop_
_chem_comp_atom.comp_id 
_chem_comp_atom.atom_id 
_chem_comp_atom.type_symbol 
_chem_comp_atom.pdbx_aromatic_flag 
_chem_comp_atom.pdbx_stereo_config 
_chem_comp_atom.pdbx_ordinal 
A   OP3    O  N N 1   
A   P      P  N N 2   
A   OP1    O  N N 3   
A   OP2    O  N N 4   
A   "O5'"  O  N N 5   
A   "C5'"  C  N N 6   
A   "C4'"  C  N R 7   
A   "O4'"  O  N N 8   
A   "C3'"  C  N S 9   
A   "O3'"  O  N N 10  
A   "C2'"  C  N R 11  
A   "O2'"  O  N N 12  
A   "C1'"  C  N R 13  
A   N9     N  Y N 14  
A   C8     C  Y N 15  
A   N7     N  Y N 16  
A   C5     C  Y N 17  
A   C6     C  Y N 18  
A   N6     N  N N 19  
A   N1     N  Y N 20  
A   C2     C  Y N 21  
A   N3     N  Y N 22  
A   C4     C  Y N 23  
A   HOP3   H  N N 24  
A   HOP2   H  N N 25  
A   "H5'"  H  N N 26  
A   "H5''" H  N N 27  
A   "H4'"  H  N N 28  
A   "H3'"  H  N N 29  
A   "HO3'" H  N N 30  
A   "H2'"  H  N N 31  
A   "HO2'" H  N N 32  
A   "H1'"  H  N N 33  
A   H8     H  N N 34  
A   H61    H  N N 35  
A   H62    H  N N 36  
A   H2     H  N N 37  
C   OP3    O  N N 38  
C   P      P  N N 39  
C   OP1    O  N N 40  
C   OP2    O  N N 41  
C   "O5'"  O  N N 42  
C   "C5'"  C  N N 43  
C   "C4'"  C  N R 44  
C   "O4'"  O  N N 45  
C   "C3'"  C  N S 46  
C   "O3'"  O  N N 47  
C   "C2'"  C  N R 48  
C   "O2'"  O  N N 49  
C   "C1'"  C  N R 50  
C   N1     N  N N 51  
C   C2     C  N N 52  
C   O2     O  N N 53  
C   N3     N  N N 54  
C   C4     C  N N 55  
C   N4     N  N N 56  
C   C5     C  N N 57  
C   C6     C  N N 58  
C   HOP3   H  N N 59  
C   HOP2   H  N N 60  
C   "H5'"  H  N N 61  
C   "H5''" H  N N 62  
C   "H4'"  H  N N 63  
C   "H3'"  H  N N 64  
C   "HO3'" H  N N 65  
C   "H2'"  H  N N 66  
C   "HO2'" H  N N 67  
C   "H1'"  H  N N 68  
C   H41    H  N N 69  
C   H42    H  N N 70  
C   H5     H  N N 71  
C   H6     H  N N 72  
G   OP3    O  N N 73  
G   P      P  N N 74  
G   OP1    O  N N 75  
G   OP2    O  N N 76  
G   "O5'"  O  N N 77  
G   "C5'"  C  N N 78  
G   "C4'"  C  N R 79  
G   "O4'"  O  N N 80  
G   "C3'"  C  N S 81  
G   "O3'"  O  N N 82  
G   "C2'"  C  N R 83  
G   "O2'"  O  N N 84  
G   "C1'"  C  N R 85  
G   N9     N  Y N 86  
G   C8     C  Y N 87  
G   N7     N  Y N 88  
G   C5     C  Y N 89  
G   C6     C  N N 90  
G   O6     O  N N 91  
G   N1     N  N N 92  
G   C2     C  N N 93  
G   N2     N  N N 94  
G   N3     N  N N 95  
G   C4     C  Y N 96  
G   HOP3   H  N N 97  
G   HOP2   H  N N 98  
G   "H5'"  H  N N 99  
G   "H5''" H  N N 100 
G   "H4'"  H  N N 101 
G   "H3'"  H  N N 102 
G   "HO3'" H  N N 103 
G   "H2'"  H  N N 104 
G   "HO2'" H  N N 105 
G   "H1'"  H  N N 106 
G   H8     H  N N 107 
G   H1     H  N N 108 
G   H21    H  N N 109 
G   H22    H  N N 110 
HOH O      O  N N 111 
HOH H1     H  N N 112 
HOH H2     H  N N 113 
MTU P      P  N N 114 
MTU OP1    O  N N 115 
MTU OP2    O  N N 116 
MTU "O5'"  O  N N 117 
MTU "C5'"  C  N N 118 
MTU "C4'"  C  N R 119 
MTU "O4'"  O  N N 120 
MTU "C1'"  C  N R 121 
MTU N9     N  Y N 122 
MTU C4     C  Y N 123 
MTU N3     N  Y N 124 
MTU C2     C  Y N 125 
MTU N2     N  N N 126 
MTU N1     N  Y N 127 
MTU C6     C  Y N 128 
MTU C5     C  Y N 129 
MTU N7     N  Y N 130 
MTU C8     C  Y N 131 
MTU "C2'"  C  N R 132 
MTU "O2'"  O  N N 133 
MTU "C3'"  C  N S 134 
MTU "O3'"  O  N N 135 
MTU O1     O  N N 136 
MTU HO2P   H  N N 137 
MTU "H5'"  H  N N 138 
MTU "H5''" H  N N 139 
MTU "H4'"  H  N N 140 
MTU "H1'"  H  N N 141 
MTU HN21   H  N N 142 
MTU HN22   H  N N 143 
MTU H6     H  N N 144 
MTU H8     H  N N 145 
MTU "H2'"  H  N N 146 
MTU "HO2'" H  N N 147 
MTU "H3'"  H  N N 148 
MTU "HO3'" H  N N 149 
MTU HO1    H  N N 150 
NCO CO     CO N N 151 
NCO N1     N  N N 152 
NCO N2     N  N N 153 
NCO N3     N  N N 154 
NCO N4     N  N N 155 
NCO N5     N  N N 156 
NCO N6     N  N N 157 
NCO HN11   H  N N 158 
NCO HN12   H  N N 159 
NCO HN13   H  N N 160 
NCO HN21   H  N N 161 
NCO HN22   H  N N 162 
NCO HN23   H  N N 163 
NCO HN31   H  N N 164 
NCO HN32   H  N N 165 
NCO HN33   H  N N 166 
NCO HN41   H  N N 167 
NCO HN42   H  N N 168 
NCO HN43   H  N N 169 
NCO HN51   H  N N 170 
NCO HN52   H  N N 171 
NCO HN53   H  N N 172 
NCO HN61   H  N N 173 
NCO HN62   H  N N 174 
NCO HN63   H  N N 175 
U   OP3    O  N N 176 
U   P      P  N N 177 
U   OP1    O  N N 178 
U   OP2    O  N N 179 
U   "O5'"  O  N N 180 
U   "C5'"  C  N N 181 
U   "C4'"  C  N R 182 
U   "O4'"  O  N N 183 
U   "C3'"  C  N S 184 
U   "O3'"  O  N N 185 
U   "C2'"  C  N R 186 
U   "O2'"  O  N N 187 
U   "C1'"  C  N R 188 
U   N1     N  N N 189 
U   C2     C  N N 190 
U   O2     O  N N 191 
U   N3     N  N N 192 
U   C4     C  N N 193 
U   O4     O  N N 194 
U   C5     C  N N 195 
U   C6     C  N N 196 
U   HOP3   H  N N 197 
U   HOP2   H  N N 198 
U   "H5'"  H  N N 199 
U   "H5''" H  N N 200 
U   "H4'"  H  N N 201 
U   "H3'"  H  N N 202 
U   "HO3'" H  N N 203 
U   "H2'"  H  N N 204 
U   "HO2'" H  N N 205 
U   "H1'"  H  N N 206 
U   H3     H  N N 207 
U   H5     H  N N 208 
U   H6     H  N N 209 
# 
loop_
_chem_comp_bond.comp_id 
_chem_comp_bond.atom_id_1 
_chem_comp_bond.atom_id_2 
_chem_comp_bond.value_order 
_chem_comp_bond.pdbx_aromatic_flag 
_chem_comp_bond.pdbx_stereo_config 
_chem_comp_bond.pdbx_ordinal 
A   OP3   P      sing N N 1   
A   OP3   HOP3   sing N N 2   
A   P     OP1    doub N N 3   
A   P     OP2    sing N N 4   
A   P     "O5'"  sing N N 5   
A   OP2   HOP2   sing N N 6   
A   "O5'" "C5'"  sing N N 7   
A   "C5'" "C4'"  sing N N 8   
A   "C5'" "H5'"  sing N N 9   
A   "C5'" "H5''" sing N N 10  
A   "C4'" "O4'"  sing N N 11  
A   "C4'" "C3'"  sing N N 12  
A   "C4'" "H4'"  sing N N 13  
A   "O4'" "C1'"  sing N N 14  
A   "C3'" "O3'"  sing N N 15  
A   "C3'" "C2'"  sing N N 16  
A   "C3'" "H3'"  sing N N 17  
A   "O3'" "HO3'" sing N N 18  
A   "C2'" "O2'"  sing N N 19  
A   "C2'" "C1'"  sing N N 20  
A   "C2'" "H2'"  sing N N 21  
A   "O2'" "HO2'" sing N N 22  
A   "C1'" N9     sing N N 23  
A   "C1'" "H1'"  sing N N 24  
A   N9    C8     sing Y N 25  
A   N9    C4     sing Y N 26  
A   C8    N7     doub Y N 27  
A   C8    H8     sing N N 28  
A   N7    C5     sing Y N 29  
A   C5    C6     sing Y N 30  
A   C5    C4     doub Y N 31  
A   C6    N6     sing N N 32  
A   C6    N1     doub Y N 33  
A   N6    H61    sing N N 34  
A   N6    H62    sing N N 35  
A   N1    C2     sing Y N 36  
A   C2    N3     doub Y N 37  
A   C2    H2     sing N N 38  
A   N3    C4     sing Y N 39  
C   OP3   P      sing N N 40  
C   OP3   HOP3   sing N N 41  
C   P     OP1    doub N N 42  
C   P     OP2    sing N N 43  
C   P     "O5'"  sing N N 44  
C   OP2   HOP2   sing N N 45  
C   "O5'" "C5'"  sing N N 46  
C   "C5'" "C4'"  sing N N 47  
C   "C5'" "H5'"  sing N N 48  
C   "C5'" "H5''" sing N N 49  
C   "C4'" "O4'"  sing N N 50  
C   "C4'" "C3'"  sing N N 51  
C   "C4'" "H4'"  sing N N 52  
C   "O4'" "C1'"  sing N N 53  
C   "C3'" "O3'"  sing N N 54  
C   "C3'" "C2'"  sing N N 55  
C   "C3'" "H3'"  sing N N 56  
C   "O3'" "HO3'" sing N N 57  
C   "C2'" "O2'"  sing N N 58  
C   "C2'" "C1'"  sing N N 59  
C   "C2'" "H2'"  sing N N 60  
C   "O2'" "HO2'" sing N N 61  
C   "C1'" N1     sing N N 62  
C   "C1'" "H1'"  sing N N 63  
C   N1    C2     sing N N 64  
C   N1    C6     sing N N 65  
C   C2    O2     doub N N 66  
C   C2    N3     sing N N 67  
C   N3    C4     doub N N 68  
C   C4    N4     sing N N 69  
C   C4    C5     sing N N 70  
C   N4    H41    sing N N 71  
C   N4    H42    sing N N 72  
C   C5    C6     doub N N 73  
C   C5    H5     sing N N 74  
C   C6    H6     sing N N 75  
G   OP3   P      sing N N 76  
G   OP3   HOP3   sing N N 77  
G   P     OP1    doub N N 78  
G   P     OP2    sing N N 79  
G   P     "O5'"  sing N N 80  
G   OP2   HOP2   sing N N 81  
G   "O5'" "C5'"  sing N N 82  
G   "C5'" "C4'"  sing N N 83  
G   "C5'" "H5'"  sing N N 84  
G   "C5'" "H5''" sing N N 85  
G   "C4'" "O4'"  sing N N 86  
G   "C4'" "C3'"  sing N N 87  
G   "C4'" "H4'"  sing N N 88  
G   "O4'" "C1'"  sing N N 89  
G   "C3'" "O3'"  sing N N 90  
G   "C3'" "C2'"  sing N N 91  
G   "C3'" "H3'"  sing N N 92  
G   "O3'" "HO3'" sing N N 93  
G   "C2'" "O2'"  sing N N 94  
G   "C2'" "C1'"  sing N N 95  
G   "C2'" "H2'"  sing N N 96  
G   "O2'" "HO2'" sing N N 97  
G   "C1'" N9     sing N N 98  
G   "C1'" "H1'"  sing N N 99  
G   N9    C8     sing Y N 100 
G   N9    C4     sing Y N 101 
G   C8    N7     doub Y N 102 
G   C8    H8     sing N N 103 
G   N7    C5     sing Y N 104 
G   C5    C6     sing N N 105 
G   C5    C4     doub Y N 106 
G   C6    O6     doub N N 107 
G   C6    N1     sing N N 108 
G   N1    C2     sing N N 109 
G   N1    H1     sing N N 110 
G   C2    N2     sing N N 111 
G   C2    N3     doub N N 112 
G   N2    H21    sing N N 113 
G   N2    H22    sing N N 114 
G   N3    C4     sing N N 115 
HOH O     H1     sing N N 116 
HOH O     H2     sing N N 117 
MTU P     OP1    doub N N 118 
MTU P     OP2    sing N N 119 
MTU P     "O5'"  sing N N 120 
MTU P     O1     sing N N 121 
MTU OP2   HO2P   sing N N 122 
MTU "O5'" "C5'"  sing N N 123 
MTU "C5'" "C4'"  sing N N 124 
MTU "C5'" "H5'"  sing N N 125 
MTU "C5'" "H5''" sing N N 126 
MTU "C4'" "O4'"  sing N N 127 
MTU "C4'" "C3'"  sing N N 128 
MTU "C4'" "H4'"  sing N N 129 
MTU "O4'" "C1'"  sing N N 130 
MTU "C1'" N9     sing N N 131 
MTU "C1'" "C2'"  sing N N 132 
MTU "C1'" "H1'"  sing N N 133 
MTU N9    C4     sing Y N 134 
MTU N9    C8     sing Y N 135 
MTU C4    N3     doub Y N 136 
MTU C4    C5     sing Y N 137 
MTU N3    C2     sing Y N 138 
MTU C2    N2     sing N N 139 
MTU C2    N1     doub Y N 140 
MTU N2    HN21   sing N N 141 
MTU N2    HN22   sing N N 142 
MTU N1    C6     sing Y N 143 
MTU C6    C5     doub Y N 144 
MTU C6    H6     sing N N 145 
MTU C5    N7     sing Y N 146 
MTU N7    C8     doub Y N 147 
MTU C8    H8     sing N N 148 
MTU "C2'" "O2'"  sing N N 149 
MTU "C2'" "C3'"  sing N N 150 
MTU "C2'" "H2'"  sing N N 151 
MTU "O2'" "HO2'" sing N N 152 
MTU "C3'" "O3'"  sing N N 153 
MTU "C3'" "H3'"  sing N N 154 
MTU "O3'" "HO3'" sing N N 155 
MTU O1    HO1    sing N N 156 
NCO CO    N1     sing N N 157 
NCO CO    N2     sing N N 158 
NCO CO    N3     sing N N 159 
NCO CO    N4     sing N N 160 
NCO CO    N5     sing N N 161 
NCO CO    N6     sing N N 162 
NCO N1    HN11   sing N N 163 
NCO N1    HN12   sing N N 164 
NCO N1    HN13   sing N N 165 
NCO N2    HN21   sing N N 166 
NCO N2    HN22   sing N N 167 
NCO N2    HN23   sing N N 168 
NCO N3    HN31   sing N N 169 
NCO N3    HN32   sing N N 170 
NCO N3    HN33   sing N N 171 
NCO N4    HN41   sing N N 172 
NCO N4    HN42   sing N N 173 
NCO N4    HN43   sing N N 174 
NCO N5    HN51   sing N N 175 
NCO N5    HN52   sing N N 176 
NCO N5    HN53   sing N N 177 
NCO N6    HN61   sing N N 178 
NCO N6    HN62   sing N N 179 
NCO N6    HN63   sing N N 180 
U   OP3   P      sing N N 181 
U   OP3   HOP3   sing N N 182 
U   P     OP1    doub N N 183 
U   P     OP2    sing N N 184 
U   P     "O5'"  sing N N 185 
U   OP2   HOP2   sing N N 186 
U   "O5'" "C5'"  sing N N 187 
U   "C5'" "C4'"  sing N N 188 
U   "C5'" "H5'"  sing N N 189 
U   "C5'" "H5''" sing N N 190 
U   "C4'" "O4'"  sing N N 191 
U   "C4'" "C3'"  sing N N 192 
U   "C4'" "H4'"  sing N N 193 
U   "O4'" "C1'"  sing N N 194 
U   "C3'" "O3'"  sing N N 195 
U   "C3'" "C2'"  sing N N 196 
U   "C3'" "H3'"  sing N N 197 
U   "O3'" "HO3'" sing N N 198 
U   "C2'" "O2'"  sing N N 199 
U   "C2'" "C1'"  sing N N 200 
U   "C2'" "H2'"  sing N N 201 
U   "O2'" "HO2'" sing N N 202 
U   "C1'" N1     sing N N 203 
U   "C1'" "H1'"  sing N N 204 
U   N1    C2     sing N N 205 
U   N1    C6     sing N N 206 
U   C2    O2     doub N N 207 
U   C2    N3     sing N N 208 
U   N3    C4     sing N N 209 
U   N3    H3     sing N N 210 
U   C4    O4     doub N N 211 
U   C4    C5     sing N N 212 
U   C5    C6     doub N N 213 
U   C5    H5     sing N N 214 
U   C6    H6     sing N N 215 
# 
loop_
_ndb_struct_conf_na.entry_id 
_ndb_struct_conf_na.feature 
2BCY 'double helix'         
2BCY 'a-form double helix'  
2BCY 'bulge loop'           
2BCY 'mismatched base pair' 
2BCY 'internal loop'        
# 
loop_
_ndb_struct_na_base_pair.model_number 
_ndb_struct_na_base_pair.i_label_asym_id 
_ndb_struct_na_base_pair.i_label_comp_id 
_ndb_struct_na_base_pair.i_label_seq_id 
_ndb_struct_na_base_pair.i_symmetry 
_ndb_struct_na_base_pair.j_label_asym_id 
_ndb_struct_na_base_pair.j_label_comp_id 
_ndb_struct_na_base_pair.j_label_seq_id 
_ndb_struct_na_base_pair.j_symmetry 
_ndb_struct_na_base_pair.shear 
_ndb_struct_na_base_pair.stretch 
_ndb_struct_na_base_pair.stagger 
_ndb_struct_na_base_pair.buckle 
_ndb_struct_na_base_pair.propeller 
_ndb_struct_na_base_pair.opening 
_ndb_struct_na_base_pair.pair_number 
_ndb_struct_na_base_pair.pair_name 
_ndb_struct_na_base_pair.i_auth_asym_id 
_ndb_struct_na_base_pair.i_auth_seq_id 
_ndb_struct_na_base_pair.i_PDB_ins_code 
_ndb_struct_na_base_pair.j_auth_asym_id 
_ndb_struct_na_base_pair.j_auth_seq_id 
_ndb_struct_na_base_pair.j_PDB_ins_code 
_ndb_struct_na_base_pair.hbond_type_28 
_ndb_struct_na_base_pair.hbond_type_12 
1 A C 2  1_555 B G 12 1_555 0.267  -0.295 -0.455 2.156   -18.422 4.136    1  A_C2:G13_B  A 2  ? B 13 ? 19 1  
1 A C 3  1_555 B G 11 1_555 0.173  -0.067 -0.154 -1.589  -3.083  7.068    2  A_C3:G12_B  A 3  ? B 12 ? 19 1  
1 A C 4  1_555 B G 10 1_555 -0.091 0.131  -0.022 2.228   8.605   6.757    3  A_C4:G11_B  A 4  ? B 11 ? 19 1  
1 A A 5  1_555 B A 9  1_555 6.523  -1.904 1.368  3.916   12.957  15.294   4  A_A5:A10_B  A 5  ? B 10 ? ?  ?  
1 A C 9  1_555 B G 5  1_555 0.038  0.209  0.348  2.635   -11.124 8.900    5  A_C9:G6_B   A 9  ? B 6  ? ?  1  
1 A A 10 1_555 B U 4  1_555 -0.101 -0.183 0.173  3.123   -7.354  2.747    6  A_A10:U5_B  A 10 ? B 5  ? 20 1  
1 A C 11 1_555 B G 3  1_555 0.498  -0.058 0.133  5.479   -9.277  8.451    7  A_C11:G4_B  A 11 ? B 4  ? 19 1  
1 A C 12 1_555 B G 2  1_555 0.849  -0.038 0.206  0.646   -11.840 11.891   8  A_C12:G3_B  A 12 ? B 3  ? 19 1  
1 A G 13 1_555 B C 1  1_555 0.077  -0.220 -0.073 -0.282  -9.958  4.782    9  A_G13:C2_B  A 13 ? B 2  ? 19 1  
1 C G 1  1_555 D C 19 1_555 -0.242 -0.211 1.038  11.110  2.003   -3.607   10 C_G15:C49_D C 15 ? D 49 ? 19 1  
1 C G 2  1_555 D C 18 1_555 -0.583 -0.021 0.929  20.942  -6.713  0.984    11 C_G16:C48_D C 16 ? D 48 ? 19 1  
1 C C 3  1_555 D G 17 1_555 -0.133 0.001  0.107  3.610   -12.354 -0.446   12 C_C17:G47_D C 17 ? D 47 ? 19 1  
1 C A 4  1_555 D U 16 1_555 -0.427 -0.116 -0.190 -3.676  -7.785  4.370    13 C_A18:U46_D C 18 ? D 46 ? 20 1  
1 C G 5  1_555 D C 15 1_555 -0.440 -0.233 -0.303 -4.440  -5.517  2.225    14 C_G19:C45_D C 19 ? D 45 ? 19 1  
1 C A 6  1_555 D C 14 1_555 1.706  0.359  -0.702 -13.320 -11.305 15.510   15 C_A20:C44_D C 20 ? D 44 ? ?  1  
1 C G 7  1_555 D A 13 1_555 6.840  -4.424 -0.188 -5.283  1.636   -5.096   16 C_G21:A43_D C 21 ? D 43 ? 11 10 
1 C A 8  1_555 D U 11 1_555 -3.998 -1.740 -0.012 -4.520  -7.856  -99.250  17 C_A22:U41_D C 22 ? D 41 ? 24 4  
1 C A 9  1_555 D A 10 1_555 -4.591 0.721  -0.231 1.042   -16.643 -95.320  18 C_A23:A40_D C 23 ? D 40 ? ?  ?  
1 C A 10 1_555 D A 8  1_555 5.466  3.435  -0.167 -3.428  -7.838  -155.265 19 C_A24:A38_D C 24 ? D 38 ? ?  ?  
1 C C 11 1_555 A G 6  1_555 0.151  -0.278 -0.025 11.901  -5.621  -0.079   20 C_C25:G6_A  C 25 ? A 6  ? 19 1  
1 C A 12 1_555 D G 6  1_555 0.096  1.402  -0.434 -11.178 -11.057 -16.959  21 C_A26:G36_D C 26 ? D 36 ? 8  ?  
1 C C 13 1_555 D G 5  1_555 0.133  -0.273 0.059  4.430   -17.486 -0.543   22 C_C27:G35_D C 27 ? D 35 ? 19 1  
1 C A 14 1_555 D U 4  1_555 -0.359 -0.203 0.517  5.681   -18.376 1.596    23 C_A28:U34_D C 28 ? D 34 ? 20 1  
1 C C 15 1_555 D G 3  1_555 -0.012 -0.098 0.129  2.201   -10.789 1.595    24 C_C29:G33_D C 29 ? D 33 ? 19 1  
1 C G 16 1_555 D C 2  1_555 -0.518 -0.108 0.638  -1.699  -9.424  -3.181   25 C_G30:C32_D C 30 ? D 32 ? 19 1  
1 C A 17 1_555 D U 1  1_555 0.689  -0.162 0.092  -1.438  -8.694  -0.301   26 C_A31:U31_D C 31 ? D 31 ? 20 1  
# 
loop_
_ndb_struct_na_base_pair_step.model_number 
_ndb_struct_na_base_pair_step.i_label_asym_id_1 
_ndb_struct_na_base_pair_step.i_label_comp_id_1 
_ndb_struct_na_base_pair_step.i_label_seq_id_1 
_ndb_struct_na_base_pair_step.i_symmetry_1 
_ndb_struct_na_base_pair_step.j_label_asym_id_1 
_ndb_struct_na_base_pair_step.j_label_comp_id_1 
_ndb_struct_na_base_pair_step.j_label_seq_id_1 
_ndb_struct_na_base_pair_step.j_symmetry_1 
_ndb_struct_na_base_pair_step.i_label_asym_id_2 
_ndb_struct_na_base_pair_step.i_label_comp_id_2 
_ndb_struct_na_base_pair_step.i_label_seq_id_2 
_ndb_struct_na_base_pair_step.i_symmetry_2 
_ndb_struct_na_base_pair_step.j_label_asym_id_2 
_ndb_struct_na_base_pair_step.j_label_comp_id_2 
_ndb_struct_na_base_pair_step.j_label_seq_id_2 
_ndb_struct_na_base_pair_step.j_symmetry_2 
_ndb_struct_na_base_pair_step.shift 
_ndb_struct_na_base_pair_step.slide 
_ndb_struct_na_base_pair_step.rise 
_ndb_struct_na_base_pair_step.tilt 
_ndb_struct_na_base_pair_step.roll 
_ndb_struct_na_base_pair_step.twist 
_ndb_struct_na_base_pair_step.x_displacement 
_ndb_struct_na_base_pair_step.y_displacement 
_ndb_struct_na_base_pair_step.helical_rise 
_ndb_struct_na_base_pair_step.inclination 
_ndb_struct_na_base_pair_step.tip 
_ndb_struct_na_base_pair_step.helical_twist 
_ndb_struct_na_base_pair_step.step_number 
_ndb_struct_na_base_pair_step.step_name 
_ndb_struct_na_base_pair_step.i_auth_asym_id_1 
_ndb_struct_na_base_pair_step.i_auth_seq_id_1 
_ndb_struct_na_base_pair_step.i_PDB_ins_code_1 
_ndb_struct_na_base_pair_step.j_auth_asym_id_1 
_ndb_struct_na_base_pair_step.j_auth_seq_id_1 
_ndb_struct_na_base_pair_step.j_PDB_ins_code_1 
_ndb_struct_na_base_pair_step.i_auth_asym_id_2 
_ndb_struct_na_base_pair_step.i_auth_seq_id_2 
_ndb_struct_na_base_pair_step.i_PDB_ins_code_2 
_ndb_struct_na_base_pair_step.j_auth_asym_id_2 
_ndb_struct_na_base_pair_step.j_auth_seq_id_2 
_ndb_struct_na_base_pair_step.j_PDB_ins_code_2 
1 A C 2  1_555 B G 12 1_555 A C 3  1_555 B G 11 1_555 -0.308 -1.693 3.520 -0.918  8.825  31.344 -4.576 0.388  2.954 15.938 1.657   
32.545 1  AA_C2C3:G12G13_BB   A 2  ? B 13 ? A 3  ? B 12 ? 
1 A C 3  1_555 B G 11 1_555 A C 4  1_555 B G 10 1_555 0.677  -1.651 3.341 0.547   7.169  23.855 -5.876 -1.414 2.749 16.859 -1.287  
24.900 2  AA_C3C4:G11G12_BB   A 3  ? B 12 ? A 4  ? B 11 ? 
1 A C 4  1_555 B G 10 1_555 A A 5  1_555 B A 9  1_555 0.954  0.026  3.573 2.886   17.263 54.416 -1.029 -0.824 3.478 18.353 -3.068  
56.956 3  AA_C4A5:A10G11_BB   A 4  ? B 11 ? A 5  ? B 10 ? 
1 A C 9  1_555 B G 5  1_555 A A 10 1_555 B U 4  1_555 -0.512 -1.822 2.972 -1.866  8.784  32.354 -4.371 0.629  2.433 15.397 3.271   
33.545 4  AA_C9A10:U5G6_BB    A 9  ? B 6  ? A 10 ? B 5  ? 
1 A A 10 1_555 B U 4  1_555 A C 11 1_555 B G 3  1_555 0.118  -1.494 3.221 -0.861  4.315  32.278 -3.383 -0.355 2.998 7.716  1.540   
32.568 5  AA_A10C11:G4U5_BB   A 10 ? B 5  ? A 11 ? B 4  ? 
1 A C 11 1_555 B G 3  1_555 A C 12 1_555 B G 2  1_555 0.133  -1.855 3.261 1.764   7.396  32.204 -4.430 0.045  2.781 13.106 -3.126  
33.066 6  AA_C11C12:G3G4_BB   A 11 ? B 4  ? A 12 ? B 3  ? 
1 A C 12 1_555 B G 2  1_555 A G 13 1_555 B C 1  1_555 -0.277 -1.797 3.213 3.110   9.631  27.539 -5.400 1.145  2.415 19.419 -6.271  
29.306 7  AA_C12G13:C2G3_BB   A 12 ? B 3  ? A 13 ? B 2  ? 
1 C G 1  1_555 D C 19 1_555 C G 2  1_555 D C 18 1_555 -0.305 -1.433 2.919 -1.372  4.837  33.358 -3.148 0.333  2.700 8.367  2.374   
33.725 8  CC_G15G16:C48C49_DD C 15 ? D 49 ? C 16 ? D 48 ? 
1 C G 2  1_555 D C 18 1_555 C C 3  1_555 D G 17 1_555 0.030  -1.414 3.676 3.189   9.018  35.587 -3.556 0.418  3.225 14.435 -5.104  
36.810 9  CC_G16C17:G47C48_DD C 16 ? D 48 ? C 17 ? D 47 ? 
1 C C 3  1_555 D G 17 1_555 C A 4  1_555 D U 16 1_555 0.352  -1.858 3.335 0.291   11.613 29.520 -5.369 -0.595 2.450 21.758 -0.545  
31.676 10 CC_C17A18:U46G47_DD C 17 ? D 47 ? C 18 ? D 46 ? 
1 C A 4  1_555 D U 16 1_555 C G 5  1_555 D C 15 1_555 0.110  -2.022 3.281 -0.616  7.385  30.782 -4.981 -0.308 2.732 13.664 1.139   
31.641 11 CC_A18G19:C45U46_DD C 18 ? D 46 ? C 19 ? D 45 ? 
1 C G 5  1_555 D C 15 1_555 C A 6  1_555 D C 14 1_555 1.045  -1.142 3.709 3.838   5.260  36.559 -2.587 -1.063 3.603 8.304  -6.059  
37.115 12 CC_G19A20:C44C45_DD C 19 ? D 45 ? C 20 ? D 44 ? 
1 C A 6  1_555 D C 14 1_555 C G 7  1_555 D A 13 1_555 -0.444 -0.997 3.176 6.521   9.307  59.448 -1.420 0.742  2.946 9.293  -6.511  
60.426 13 CC_A20G21:A43C44_DD C 20 ? D 44 ? C 21 ? D 43 ? 
1 C G 7  1_555 D A 13 1_555 C A 8  1_555 D U 11 1_555 -2.080 -0.422 3.452 2.638   -0.984 14.565 -0.794 10.306 3.050 -3.835 -10.281 
14.833 14 CC_G21A22:U41A43_DD C 21 ? D 43 ? C 22 ? D 41 ? 
1 C A 8  1_555 D U 11 1_555 C A 9  1_555 D A 10 1_555 0.053  -2.208 3.488 -10.206 6.896  43.562 -3.501 -0.997 3.037 9.078  13.435  
45.188 15 CC_A22A23:A40U41_DD C 22 ? D 41 ? C 23 ? D 40 ? 
1 C A 9  1_555 D A 10 1_555 C A 10 1_555 D A 8  1_555 -3.409 -3.123 3.620 -3.700  -0.584 74.961 -2.544 2.671  3.781 -0.479 3.038   
75.041 16 CC_A23A24:A38A40_DD C 23 ? D 40 ? C 24 ? D 38 ? 
1 C C 11 1_555 A G 6  1_555 C A 12 1_555 D G 6  1_555 0.418  -2.153 3.780 5.335   4.785  44.858 -3.268 -0.008 3.568 6.224  -6.939  
45.397 17 CC_C25A26:G36G6_DA  C 25 ? A 6  ? C 26 ? D 36 ? 
1 C A 12 1_555 D G 6  1_555 C C 13 1_555 D G 5  1_555 1.149  -0.515 2.911 -4.252  3.459  31.435 -1.477 -2.754 2.666 6.324  7.774   
31.897 18 CC_A26C27:G35G36_DD C 26 ? D 36 ? C 27 ? D 35 ? 
1 C C 13 1_555 D G 5  1_555 C A 14 1_555 D U 4  1_555 0.277  -1.371 3.044 -0.571  9.921  31.789 -3.835 -0.566 2.509 17.583 1.012   
33.268 19 CC_C27A28:U34G35_DD C 27 ? D 35 ? C 28 ? D 34 ? 
1 C A 14 1_555 D U 4  1_555 C C 15 1_555 D G 3  1_555 0.439  -1.009 3.297 3.573   1.342  34.880 -1.877 -0.188 3.285 2.231  -5.938  
35.082 20 CC_A28C29:G33U34_DD C 28 ? D 34 ? C 29 ? D 33 ? 
1 C C 15 1_555 D G 3  1_555 C G 16 1_555 D C 2  1_555 0.386  -1.837 3.122 -0.987  7.187  32.388 -4.297 -0.825 2.652 12.686 1.742   
33.170 21 CC_C29G30:C32G33_DD C 29 ? D 33 ? C 30 ? D 32 ? 
1 C G 16 1_555 D C 2  1_555 C A 17 1_555 D U 1  1_555 0.620  -1.669 3.189 9.465   6.778  36.472 -3.364 0.192  2.911 10.506 -14.670 
38.225 22 CC_G30A31:U31C32_DD C 30 ? D 32 ? C 31 ? D 31 ? 
# 
loop_
_pdbx_entity_nonpoly.entity_id 
_pdbx_entity_nonpoly.name 
_pdbx_entity_nonpoly.comp_id 
5 'COBALT HEXAMMINE(III)' NCO 
6 water                   HOH 
# 
_pdbx_initial_refinement_model.id               1 
_pdbx_initial_refinement_model.entity_id_list   ? 
_pdbx_initial_refinement_model.type             'experimental model' 
_pdbx_initial_refinement_model.source_name      PDB 
_pdbx_initial_refinement_model.accession_code   1ZFR 
_pdbx_initial_refinement_model.details          'pdb entry 1ZFR' 
# 
